data_7AIP
#
_entry.id   7AIP
#
_cell.length_a   1.00
_cell.length_b   1.00
_cell.length_c   1.00
_cell.angle_alpha   90.00
_cell.angle_beta   90.00
_cell.angle_gamma   90.00
#
_symmetry.space_group_name_H-M   'P 1'
#
loop_
_entity.id
_entity.type
_entity.pdbx_description
1 polymer 'Solute carrier family 12 member 4'
2 branched beta-D-mannopyranose-(1-4)-2-acetamido-2-deoxy-beta-D-glucopyranose-(1-4)-2-acetamido-2-deoxy-beta-D-glucopyranose
3 branched 2-acetamido-2-deoxy-beta-D-glucopyranose-(1-4)-2-acetamido-2-deoxy-beta-D-glucopyranose
4 non-polymer "ADENOSINE-5'-TRIPHOSPHATE"
5 non-polymer 'MAGNESIUM ION'
6 water water
#
_entity_poly.entity_id   1
_entity_poly.type   'polypeptide(L)'
_entity_poly.pdbx_seq_one_letter_code
;MLEGLSWVDYGERAELDDSDGHGNHRESSPFLSPLEASRGIDYYDRNLALFEEELDIRPKVSSLLGKLVSYTNLTQGAKE
HEEAESGEGTRRRAAEAPSMGTLMGVYLPCLQNIFGVILFLRLTWMVGTAGVLQALLIVLICCCCTLLTAISMSAIATNG
VVPAGGSYFMISRSLGPEFGGAVGLCFYLGTTFAAAMYILGAIEILLTYIAPPAAIFYPSGAHDTSNATLNNMRVYGTIF
LTFMTLVVFVGVKYVNKFASLFLACVIISILSIYAGGIKSIFDPPVFPVCMLGNRTLSRDQFDICAKTAVVDNETVATQL
WSFFCHSPNLTTDSCDPYFMLNNVTEIPGIPGAAAGVLQENLWSAYLEKGDIVEKHGLPSADAPSLKESLPLYVVADIAT
SFTVLVGIFFPSVTGIMAGSNRSGDLRDAQKSIPVGTILAIITTSLVYFSSVVLFGACIEGVVLRDKYGDGVSRNLVVGT
LAWPSPWVIVIGSFFSTCGAGLQSLTGAPRLLQAIAKDNIIPFLRVFGHGKVNGEPTWALLLTALIAELGILIASLDMVA
PILSMFFLMCYLFVNLACAVQTLLRTPNWRPRFKYYHWALSFLGMSLCLALMFVSSWYYALVAMLIAGMIYKYIEYQGAE
KEWGDGIRGLSLSAARYALLRLEEGPPHTKNWRPQLLVLLKLDEDLHVKYPRLLTFASQLKAGKGLTIVGSVIQG(SEP)
FLESYGEAQAAEQTIKNMMEIEKVKGFCQVVVASKVREGLAHLIQSCGLGGMRHNSVVLGWPYGWRQSEDPRAWKTFIDT
VRCTTAAHLALLVPKNIAFYPSNHERYLEGHIDVWWIVHDGGMLMLLPFLLRQHKVWRKCRMRIFTVAQMDDNSIQMKKD
LAVFLYHLRLEAEVEVVEMHN(SEP)DISAYTYERTLMMEQRSQMLRQMRLTKTEREREAQLVKDRHSALRLESLYSDEE
DESAVGADKIQMTWTRDKYMTETWDPSHAPDNFRELVHIKPDQSNVRRMHTAVKLNEVIVTRSHDARLVLLNMPGPPRNS
EGDENYMEFLEVLTEGLERVLLVRGGGREVITIYSAENLYFQ
;
_entity_poly.pdbx_strand_id   A,B
#
loop_
_chem_comp.id
_chem_comp.type
_chem_comp.name
_chem_comp.formula
ATP non-polymer ADENOSINE-5'-TRIPHOSPHATE 'C10 H16 N5 O13 P3'
BMA D-saccharide, beta linking beta-D-mannopyranose 'C6 H12 O6'
MG non-polymer 'MAGNESIUM ION' 'Mg 2'
NAG D-saccharide, beta linking 2-acetamido-2-deoxy-beta-D-glucopyranose 'C8 H15 N O6'
#
# COMPACT_ATOMS: atom_id res chain seq x y z
N PRO A 98 36.40 14.32 19.36
CA PRO A 98 36.29 13.87 17.98
C PRO A 98 35.96 14.98 16.98
N SER A 99 36.89 15.26 16.07
CA SER A 99 36.68 16.34 15.11
C SER A 99 37.57 16.12 13.89
N MET A 100 36.95 15.91 12.73
CA MET A 100 37.67 15.84 11.47
C MET A 100 36.81 16.53 10.42
N GLY A 101 37.46 17.04 9.37
CA GLY A 101 36.81 17.96 8.46
C GLY A 101 35.85 17.26 7.51
N THR A 102 35.41 18.04 6.52
CA THR A 102 34.48 17.53 5.52
C THR A 102 35.19 16.63 4.52
N LEU A 103 36.36 17.03 4.04
CA LEU A 103 37.04 16.28 3.00
C LEU A 103 37.33 14.86 3.44
N MET A 104 38.24 14.69 4.41
CA MET A 104 38.67 13.36 4.82
C MET A 104 37.67 12.65 5.70
N GLY A 105 36.46 13.18 5.85
CA GLY A 105 35.48 12.53 6.68
C GLY A 105 34.26 12.09 5.88
N VAL A 106 33.93 12.82 4.82
CA VAL A 106 32.77 12.51 4.00
C VAL A 106 33.16 12.34 2.54
N TYR A 107 34.01 13.22 2.00
CA TYR A 107 34.23 13.22 0.56
C TYR A 107 35.01 11.98 0.14
N LEU A 108 36.17 11.76 0.73
CA LEU A 108 37.02 10.65 0.28
C LEU A 108 36.40 9.28 0.51
N PRO A 109 35.74 8.97 1.64
CA PRO A 109 35.06 7.68 1.73
C PRO A 109 33.98 7.49 0.68
N CYS A 110 33.16 8.51 0.43
CA CYS A 110 32.13 8.37 -0.59
C CYS A 110 32.73 8.16 -1.97
N LEU A 111 33.79 8.90 -2.28
CA LEU A 111 34.46 8.72 -3.55
C LEU A 111 35.03 7.31 -3.69
N GLN A 112 35.68 6.82 -2.63
CA GLN A 112 36.26 5.50 -2.67
C GLN A 112 35.20 4.41 -2.80
N ASN A 113 34.01 4.65 -2.26
CA ASN A 113 32.96 3.66 -2.39
C ASN A 113 32.26 3.71 -3.74
N ILE A 114 32.25 4.87 -4.39
CA ILE A 114 31.53 4.98 -5.65
C ILE A 114 32.35 4.42 -6.80
N PHE A 115 33.59 4.87 -6.96
CA PHE A 115 34.44 4.38 -8.05
C PHE A 115 34.70 2.89 -7.91
N GLY A 116 34.17 2.09 -8.83
CA GLY A 116 34.27 0.65 -8.70
C GLY A 116 34.89 -0.05 -9.88
N VAL A 117 34.52 -1.32 -10.08
CA VAL A 117 35.10 -2.12 -11.15
C VAL A 117 34.26 -2.05 -12.42
N ILE A 118 32.99 -1.66 -12.31
CA ILE A 118 32.13 -1.56 -13.48
C ILE A 118 32.76 -0.62 -14.50
N LEU A 119 33.41 0.44 -14.04
CA LEU A 119 33.97 1.40 -14.97
C LEU A 119 35.03 0.75 -15.86
N PHE A 120 36.01 0.08 -15.26
CA PHE A 120 37.07 -0.51 -16.08
C PHE A 120 36.55 -1.67 -16.92
N LEU A 121 35.92 -2.65 -16.28
CA LEU A 121 35.56 -3.87 -16.98
C LEU A 121 34.41 -3.70 -17.96
N ARG A 122 33.48 -2.77 -17.69
CA ARG A 122 32.27 -2.70 -18.51
C ARG A 122 31.91 -1.28 -18.94
N LEU A 123 32.86 -0.36 -19.08
CA LEU A 123 32.41 0.93 -19.61
C LEU A 123 32.49 0.94 -21.12
N THR A 124 33.63 0.56 -21.66
CA THR A 124 33.82 0.58 -23.11
C THR A 124 32.81 -0.31 -23.80
N TRP A 125 32.56 -1.49 -23.25
CA TRP A 125 31.60 -2.39 -23.88
C TRP A 125 30.21 -1.76 -23.93
N MET A 126 29.81 -1.12 -22.83
CA MET A 126 28.50 -0.48 -22.79
C MET A 126 28.44 0.68 -23.79
N VAL A 127 29.52 1.44 -23.91
CA VAL A 127 29.52 2.58 -24.82
C VAL A 127 29.46 2.11 -26.26
N GLY A 128 30.25 1.10 -26.61
CA GLY A 128 30.23 0.60 -27.97
C GLY A 128 28.89 -0.01 -28.35
N THR A 129 28.30 -0.81 -27.46
CA THR A 129 27.02 -1.44 -27.78
C THR A 129 25.90 -0.41 -27.89
N ALA A 130 25.89 0.62 -27.06
CA ALA A 130 24.76 1.54 -27.06
C ALA A 130 25.03 2.88 -27.71
N GLY A 131 26.25 3.15 -28.13
CA GLY A 131 26.50 4.44 -28.74
C GLY A 131 26.83 5.47 -27.70
N VAL A 132 27.15 6.66 -28.17
CA VAL A 132 27.49 7.73 -27.24
C VAL A 132 26.23 8.38 -26.68
N LEU A 133 25.23 8.61 -27.52
CA LEU A 133 24.02 9.29 -27.07
C LEU A 133 23.28 8.49 -26.01
N GLN A 134 22.93 7.24 -26.31
CA GLN A 134 22.21 6.44 -25.33
C GLN A 134 23.05 6.16 -24.10
N ALA A 135 24.38 6.12 -24.23
CA ALA A 135 25.22 5.99 -23.04
C ALA A 135 25.09 7.20 -22.14
N LEU A 136 25.15 8.40 -22.73
CA LEU A 136 24.97 9.61 -21.94
C LEU A 136 23.60 9.61 -21.28
N LEU A 137 22.58 9.15 -22.00
CA LEU A 137 21.24 9.10 -21.42
C LEU A 137 21.18 8.13 -20.24
N ILE A 138 21.84 6.98 -20.37
CA ILE A 138 21.87 6.02 -19.28
C ILE A 138 22.55 6.62 -18.06
N VAL A 139 23.67 7.29 -18.26
CA VAL A 139 24.40 7.87 -17.14
C VAL A 139 23.55 8.95 -16.47
N LEU A 140 22.86 9.77 -17.26
CA LEU A 140 22.01 10.80 -16.69
C LEU A 140 20.86 10.20 -15.88
N ILE A 141 20.21 9.17 -16.42
CA ILE A 141 19.10 8.55 -15.72
C ILE A 141 19.57 7.91 -14.42
N CYS A 142 20.74 7.29 -14.44
CA CYS A 142 21.24 6.63 -13.23
C CYS A 142 21.84 7.59 -12.23
N CYS A 143 22.17 8.82 -12.65
CA CYS A 143 22.66 9.81 -11.71
C CYS A 143 21.53 10.64 -11.10
N CYS A 144 20.43 10.83 -11.82
CA CYS A 144 19.34 11.64 -11.27
C CYS A 144 18.69 10.98 -10.05
N CYS A 145 18.44 9.67 -10.11
CA CYS A 145 17.84 8.98 -8.97
C CYS A 145 18.75 9.08 -7.76
N THR A 146 20.05 8.89 -7.95
CA THR A 146 20.98 8.96 -6.84
C THR A 146 21.14 10.38 -6.32
N LEU A 147 20.98 11.39 -7.16
CA LEU A 147 21.08 12.76 -6.68
C LEU A 147 19.86 13.14 -5.85
N LEU A 148 18.66 12.76 -6.31
CA LEU A 148 17.47 13.04 -5.51
C LEU A 148 17.50 12.27 -4.20
N THR A 149 18.02 11.04 -4.22
CA THR A 149 18.18 10.31 -2.97
C THR A 149 19.19 10.97 -2.05
N ALA A 150 20.25 11.56 -2.61
CA ALA A 150 21.19 12.27 -1.75
C ALA A 150 20.56 13.50 -1.13
N ILE A 151 19.67 14.18 -1.86
CA ILE A 151 18.97 15.33 -1.28
C ILE A 151 18.07 14.89 -0.14
N SER A 152 17.34 13.79 -0.33
CA SER A 152 16.49 13.29 0.74
C SER A 152 17.31 12.85 1.95
N MET A 153 18.45 12.18 1.70
CA MET A 153 19.31 11.78 2.79
C MET A 153 19.87 12.98 3.55
N SER A 154 20.14 14.08 2.84
CA SER A 154 20.58 15.29 3.53
C SER A 154 19.46 15.88 4.40
N ALA A 155 18.23 15.90 3.86
CA ALA A 155 17.10 16.36 4.66
C ALA A 155 16.94 15.51 5.91
N ILE A 156 17.22 14.22 5.81
CA ILE A 156 17.19 13.36 7.00
C ILE A 156 18.33 13.73 7.95
N ALA A 157 19.51 13.96 7.40
CA ALA A 157 20.69 14.18 8.22
C ALA A 157 20.73 15.54 8.87
N THR A 158 19.83 16.46 8.52
CA THR A 158 19.85 17.76 9.17
C THR A 158 18.86 17.91 10.31
N ASN A 159 17.69 17.28 10.25
CA ASN A 159 16.69 17.47 11.30
C ASN A 159 17.20 16.96 12.63
N GLY A 160 17.20 17.85 13.64
CA GLY A 160 17.63 17.45 14.97
C GLY A 160 19.13 17.21 15.07
N VAL A 161 19.50 16.54 16.16
CA VAL A 161 20.86 16.04 16.33
C VAL A 161 21.03 14.77 15.51
N VAL A 162 22.27 14.49 15.13
CA VAL A 162 22.61 13.33 14.30
C VAL A 162 23.17 12.23 15.18
N PRO A 163 22.60 11.03 15.18
CA PRO A 163 23.14 9.96 16.03
C PRO A 163 24.55 9.61 15.61
N ALA A 164 25.38 9.29 16.59
CA ALA A 164 26.79 9.07 16.33
C ALA A 164 27.14 7.64 15.94
N GLY A 165 26.15 6.75 15.83
CA GLY A 165 26.47 5.36 15.54
C GLY A 165 26.96 5.13 14.13
N GLY A 166 26.21 5.59 13.14
CA GLY A 166 26.56 5.31 11.76
C GLY A 166 25.53 5.85 10.77
N SER A 167 25.32 5.13 9.68
CA SER A 167 24.34 5.55 8.69
C SER A 167 23.01 4.87 8.83
N TYR A 168 22.91 3.85 9.68
CA TYR A 168 21.64 3.19 9.91
C TYR A 168 20.89 3.78 11.09
N PHE A 169 21.61 4.34 12.07
CA PHE A 169 20.95 4.92 13.22
C PHE A 169 20.24 6.23 12.88
N MET A 170 20.79 7.00 11.93
CA MET A 170 20.12 8.23 11.52
C MET A 170 18.78 7.92 10.86
N ILE A 171 18.77 6.98 9.92
CA ILE A 171 17.54 6.63 9.22
C ILE A 171 16.49 6.17 10.21
N SER A 172 16.87 5.28 11.13
CA SER A 172 15.91 4.78 12.11
C SER A 172 15.40 5.90 12.99
N ARG A 173 16.30 6.67 13.58
CA ARG A 173 15.90 7.74 14.50
C ARG A 173 14.99 8.76 13.83
N SER A 174 15.14 8.97 12.52
CA SER A 174 14.37 9.99 11.84
C SER A 174 13.18 9.46 11.06
N LEU A 175 13.01 8.15 10.94
CA LEU A 175 11.90 7.61 10.17
C LEU A 175 11.12 6.52 10.88
N GLY A 176 11.48 6.16 12.10
CA GLY A 176 10.73 5.16 12.83
C GLY A 176 11.34 3.78 12.68
N PRO A 177 11.11 2.93 13.68
CA PRO A 177 11.69 1.58 13.62
C PRO A 177 11.24 0.77 12.43
N GLU A 178 9.99 0.90 12.00
CA GLU A 178 9.53 0.13 10.84
C GLU A 178 10.35 0.45 9.60
N PHE A 179 10.32 1.72 9.19
CA PHE A 179 11.05 2.14 8.00
C PHE A 179 12.53 1.82 8.14
N GLY A 180 13.15 2.26 9.25
CA GLY A 180 14.58 2.05 9.39
C GLY A 180 14.97 0.58 9.35
N GLY A 181 14.19 -0.28 10.00
CA GLY A 181 14.48 -1.70 9.96
C GLY A 181 14.37 -2.27 8.56
N ALA A 182 13.32 -1.88 7.84
CA ALA A 182 13.16 -2.39 6.47
C ALA A 182 14.30 -1.93 5.57
N VAL A 183 14.72 -0.67 5.71
CA VAL A 183 15.81 -0.14 4.91
C VAL A 183 17.11 -0.86 5.23
N GLY A 184 17.35 -1.17 6.50
CA GLY A 184 18.61 -1.77 6.90
C GLY A 184 18.85 -3.14 6.29
N LEU A 185 17.79 -3.93 6.13
CA LEU A 185 17.97 -5.28 5.61
C LEU A 185 18.26 -5.28 4.11
N CYS A 186 17.53 -4.45 3.35
CA CYS A 186 17.83 -4.33 1.93
C CYS A 186 19.24 -3.84 1.71
N PHE A 187 19.70 -2.90 2.53
CA PHE A 187 21.06 -2.42 2.41
C PHE A 187 22.07 -3.51 2.75
N TYR A 188 21.77 -4.33 3.76
CA TYR A 188 22.68 -5.43 4.09
C TYR A 188 22.80 -6.42 2.94
N LEU A 189 21.66 -6.78 2.33
CA LEU A 189 21.71 -7.72 1.21
C LEU A 189 22.44 -7.12 0.02
N GLY A 190 22.20 -5.84 -0.28
CA GLY A 190 22.94 -5.19 -1.33
C GLY A 190 24.43 -5.22 -1.09
N THR A 191 24.85 -4.97 0.15
CA THR A 191 26.28 -4.93 0.43
C THR A 191 26.93 -6.30 0.29
N THR A 192 26.25 -7.36 0.76
CA THR A 192 26.88 -8.68 0.66
C THR A 192 26.93 -9.14 -0.80
N PHE A 193 25.90 -8.86 -1.59
CA PHE A 193 25.99 -9.20 -3.01
C PHE A 193 27.03 -8.35 -3.72
N ALA A 194 27.26 -7.13 -3.25
CA ALA A 194 28.33 -6.32 -3.84
C ALA A 194 29.70 -6.93 -3.55
N ALA A 195 29.88 -7.49 -2.36
CA ALA A 195 31.11 -8.22 -2.09
C ALA A 195 31.28 -9.38 -3.06
N ALA A 196 30.20 -10.12 -3.30
CA ALA A 196 30.27 -11.22 -4.27
C ALA A 196 30.68 -10.71 -5.65
N MET A 197 30.09 -9.60 -6.10
CA MET A 197 30.40 -9.07 -7.42
C MET A 197 31.85 -8.62 -7.53
N TYR A 198 32.38 -7.99 -6.48
CA TYR A 198 33.78 -7.56 -6.54
C TYR A 198 34.71 -8.75 -6.60
N ILE A 199 34.39 -9.82 -5.87
CA ILE A 199 35.23 -11.02 -5.95
C ILE A 199 35.18 -11.61 -7.36
N LEU A 200 33.99 -11.66 -7.95
CA LEU A 200 33.87 -12.15 -9.32
C LEU A 200 34.69 -11.30 -10.29
N GLY A 201 34.67 -9.98 -10.12
CA GLY A 201 35.43 -9.12 -10.99
C GLY A 201 36.93 -9.34 -10.87
N ALA A 202 37.42 -9.47 -9.63
CA ALA A 202 38.84 -9.74 -9.45
C ALA A 202 39.24 -11.06 -10.07
N ILE A 203 38.36 -12.06 -9.97
CA ILE A 203 38.65 -13.36 -10.60
C ILE A 203 38.73 -13.21 -12.11
N GLU A 204 37.77 -12.49 -12.70
CA GLU A 204 37.79 -12.30 -14.15
C GLU A 204 39.06 -11.58 -14.59
N ILE A 205 39.48 -10.58 -13.83
CA ILE A 205 40.72 -9.88 -14.20
C ILE A 205 41.93 -10.76 -13.99
N LEU A 206 41.85 -11.78 -13.15
CA LEU A 206 43.03 -12.61 -12.94
C LEU A 206 43.16 -13.69 -14.02
N LEU A 207 42.04 -14.25 -14.46
CA LEU A 207 42.08 -15.40 -15.36
C LEU A 207 42.10 -15.02 -16.83
N THR A 208 41.90 -13.75 -17.16
CA THR A 208 41.79 -13.33 -18.55
C THR A 208 42.98 -12.53 -19.03
N TYR A 209 43.52 -11.62 -18.22
CA TYR A 209 44.63 -10.78 -18.64
C TYR A 209 45.92 -11.07 -17.88
N ILE A 210 45.85 -11.18 -16.54
CA ILE A 210 47.07 -11.33 -15.76
C ILE A 210 47.76 -12.64 -16.07
N ALA A 211 47.07 -13.77 -15.80
CA ALA A 211 47.64 -15.09 -16.03
C ALA A 211 46.59 -16.07 -16.54
N PRO A 212 46.43 -16.16 -17.86
CA PRO A 212 45.48 -17.13 -18.43
C PRO A 212 45.92 -18.60 -18.28
N PRO A 213 47.21 -18.96 -18.32
CA PRO A 213 47.56 -20.39 -18.18
C PRO A 213 47.09 -21.04 -16.89
N ALA A 214 46.92 -20.28 -15.81
CA ALA A 214 46.50 -20.83 -14.52
C ALA A 214 45.07 -21.34 -14.51
N ALA A 215 44.24 -21.02 -15.50
CA ALA A 215 42.88 -21.52 -15.49
C ALA A 215 42.87 -23.05 -15.44
N ILE A 216 42.10 -23.60 -14.51
CA ILE A 216 42.06 -25.05 -14.31
C ILE A 216 41.30 -25.77 -15.43
N PHE A 217 40.16 -25.24 -15.84
CA PHE A 217 39.30 -25.90 -16.82
C PHE A 217 39.41 -25.24 -18.19
N TYR A 218 39.70 -26.05 -19.21
CA TYR A 218 39.82 -25.55 -20.57
C TYR A 218 38.65 -26.04 -21.42
N SER A 226 31.32 -21.47 -23.33
CA SER A 226 31.25 -22.80 -22.73
C SER A 226 31.10 -22.71 -21.21
N ASN A 227 31.29 -23.85 -20.55
CA ASN A 227 31.14 -23.94 -19.10
C ASN A 227 32.46 -24.06 -18.37
N ALA A 228 33.58 -24.23 -19.07
CA ALA A 228 34.87 -24.24 -18.40
C ALA A 228 35.15 -22.91 -17.73
N THR A 229 34.80 -21.80 -18.39
CA THR A 229 34.96 -20.50 -17.76
C THR A 229 34.10 -20.38 -16.51
N LEU A 230 32.86 -20.86 -16.55
CA LEU A 230 31.99 -20.77 -15.38
C LEU A 230 32.54 -21.60 -14.24
N ASN A 231 33.08 -22.79 -14.54
CA ASN A 231 33.61 -23.62 -13.46
C ASN A 231 34.88 -23.04 -12.88
N ASN A 232 35.74 -22.46 -13.74
CA ASN A 232 36.92 -21.78 -13.21
C ASN A 232 36.52 -20.63 -12.31
N MET A 233 35.51 -19.85 -12.72
CA MET A 233 35.04 -18.76 -11.89
C MET A 233 34.50 -19.27 -10.56
N ARG A 234 33.71 -20.36 -10.59
CA ARG A 234 33.17 -20.90 -9.35
C ARG A 234 34.27 -21.33 -8.39
N VAL A 235 35.22 -22.14 -8.87
CA VAL A 235 36.27 -22.64 -8.00
C VAL A 235 37.08 -21.49 -7.42
N TYR A 236 37.55 -20.58 -8.29
CA TYR A 236 38.42 -19.53 -7.80
C TYR A 236 37.67 -18.53 -6.93
N GLY A 237 36.40 -18.28 -7.22
CA GLY A 237 35.62 -17.39 -6.37
C GLY A 237 35.40 -17.97 -4.99
N THR A 238 35.18 -19.28 -4.91
CA THR A 238 35.05 -19.90 -3.60
C THR A 238 36.35 -19.81 -2.81
N ILE A 239 37.48 -20.09 -3.46
CA ILE A 239 38.75 -19.98 -2.75
C ILE A 239 39.00 -18.55 -2.28
N PHE A 240 38.74 -17.57 -3.15
CA PHE A 240 38.94 -16.17 -2.78
C PHE A 240 38.02 -15.78 -1.64
N LEU A 241 36.76 -16.19 -1.68
CA LEU A 241 35.83 -15.84 -0.62
C LEU A 241 36.28 -16.42 0.71
N THR A 242 36.74 -17.67 0.71
CA THR A 242 37.24 -18.27 1.94
C THR A 242 38.42 -17.48 2.49
N PHE A 243 39.41 -17.19 1.63
CA PHE A 243 40.60 -16.49 2.13
C PHE A 243 40.26 -15.07 2.60
N MET A 244 39.35 -14.40 1.90
CA MET A 244 38.99 -13.04 2.30
C MET A 244 38.21 -13.05 3.62
N THR A 245 37.36 -14.05 3.81
CA THR A 245 36.65 -14.17 5.08
C THR A 245 37.64 -14.38 6.21
N LEU A 246 38.65 -15.22 5.99
CA LEU A 246 39.63 -15.46 7.05
C LEU A 246 40.41 -14.19 7.35
N VAL A 247 40.81 -13.45 6.30
CA VAL A 247 41.54 -12.20 6.51
C VAL A 247 40.71 -11.23 7.34
N VAL A 248 39.44 -11.06 6.96
CA VAL A 248 38.57 -10.14 7.69
C VAL A 248 38.38 -10.63 9.12
N PHE A 249 38.40 -11.94 9.33
CA PHE A 249 38.25 -12.49 10.67
C PHE A 249 39.45 -12.12 11.54
N VAL A 250 40.65 -12.17 10.99
CA VAL A 250 41.86 -12.02 11.79
C VAL A 250 42.42 -10.60 11.77
N GLY A 251 42.33 -9.92 10.64
CA GLY A 251 43.13 -8.71 10.46
C GLY A 251 42.43 -7.41 10.13
N VAL A 252 41.31 -7.11 10.79
CA VAL A 252 40.57 -5.88 10.50
C VAL A 252 41.45 -4.63 10.64
N LYS A 253 42.38 -4.64 11.58
CA LYS A 253 43.20 -3.46 11.84
C LYS A 253 44.03 -3.11 10.61
N TYR A 254 44.67 -4.10 9.99
CA TYR A 254 45.48 -3.81 8.82
C TYR A 254 44.64 -3.33 7.65
N VAL A 255 43.41 -3.83 7.52
CA VAL A 255 42.52 -3.36 6.47
C VAL A 255 42.21 -1.89 6.69
N ASN A 256 41.85 -1.51 7.92
CA ASN A 256 41.55 -0.11 8.19
C ASN A 256 42.78 0.76 8.03
N LYS A 257 43.96 0.20 8.20
CA LYS A 257 45.18 0.96 7.99
C LYS A 257 45.42 1.21 6.51
N PHE A 258 45.32 0.15 5.70
CA PHE A 258 45.65 0.17 4.29
C PHE A 258 44.53 0.65 3.38
N ALA A 259 43.39 1.07 3.93
CA ALA A 259 42.28 1.47 3.07
C ALA A 259 42.61 2.66 2.16
N SER A 260 43.53 3.54 2.55
CA SER A 260 43.90 4.66 1.68
C SER A 260 44.55 4.20 0.38
N LEU A 261 45.30 3.10 0.43
CA LEU A 261 46.06 2.64 -0.72
C LEU A 261 45.15 2.34 -1.91
N PHE A 262 44.00 1.72 -1.64
CA PHE A 262 43.10 1.34 -2.72
C PHE A 262 42.60 2.57 -3.46
N LEU A 263 42.29 3.64 -2.72
CA LEU A 263 41.88 4.88 -3.36
C LEU A 263 43.01 5.48 -4.17
N ALA A 264 44.24 5.39 -3.65
CA ALA A 264 45.38 5.88 -4.41
C ALA A 264 45.48 5.15 -5.74
N CYS A 265 45.31 3.83 -5.72
CA CYS A 265 45.40 3.06 -6.95
C CYS A 265 44.29 3.45 -7.93
N VAL A 266 43.06 3.63 -7.45
CA VAL A 266 41.98 4.01 -8.35
C VAL A 266 42.26 5.36 -9.00
N ILE A 267 42.72 6.34 -8.20
CA ILE A 267 42.96 7.67 -8.75
C ILE A 267 44.10 7.63 -9.77
N ILE A 268 45.14 6.86 -9.48
CA ILE A 268 46.25 6.77 -10.43
C ILE A 268 45.79 6.12 -11.73
N SER A 269 44.90 5.13 -11.64
CA SER A 269 44.38 4.49 -12.83
C SER A 269 43.64 5.50 -13.71
N ILE A 270 42.75 6.29 -13.10
CA ILE A 270 41.98 7.23 -13.89
C ILE A 270 42.88 8.31 -14.50
N LEU A 271 43.84 8.80 -13.73
CA LEU A 271 44.77 9.78 -14.27
C LEU A 271 45.53 9.22 -15.46
N SER A 272 45.95 7.95 -15.38
CA SER A 272 46.68 7.36 -16.49
C SER A 272 45.79 7.21 -17.72
N ILE A 273 44.52 6.85 -17.53
CA ILE A 273 43.61 6.77 -18.67
C ILE A 273 43.51 8.11 -19.39
N TYR A 274 43.33 9.18 -18.62
CA TYR A 274 43.15 10.48 -19.26
C TYR A 274 44.44 10.97 -19.90
N ALA A 275 45.58 10.68 -19.27
CA ALA A 275 46.86 11.03 -19.91
C ALA A 275 47.01 10.30 -21.22
N GLY A 276 46.62 9.02 -21.26
CA GLY A 276 46.70 8.29 -22.51
C GLY A 276 45.82 8.88 -23.58
N GLY A 277 44.61 9.30 -23.22
CA GLY A 277 43.74 9.93 -24.21
C GLY A 277 44.32 11.21 -24.77
N ILE A 278 44.77 12.09 -23.88
CA ILE A 278 45.35 13.36 -24.32
C ILE A 278 46.59 13.12 -25.17
N LYS A 279 47.34 12.05 -24.89
CA LYS A 279 48.46 11.74 -25.77
C LYS A 279 47.96 11.11 -27.07
N SER A 280 46.76 10.55 -27.05
CA SER A 280 46.20 9.95 -28.24
C SER A 280 45.86 11.00 -29.27
N ILE A 281 45.44 12.19 -28.80
CA ILE A 281 44.97 13.20 -29.74
C ILE A 281 46.04 13.56 -30.77
N PHE A 282 47.30 13.67 -30.33
CA PHE A 282 48.36 14.07 -31.24
C PHE A 282 49.35 12.99 -31.63
N ASP A 283 49.42 11.88 -30.89
CA ASP A 283 50.32 10.79 -31.29
C ASP A 283 49.81 9.48 -30.69
N PRO A 284 48.98 8.74 -31.42
CA PRO A 284 48.29 7.61 -30.83
C PRO A 284 49.16 6.36 -30.78
N PRO A 285 48.71 5.32 -30.08
CA PRO A 285 49.45 4.05 -30.02
C PRO A 285 49.13 3.18 -31.23
N VAL A 286 49.80 2.04 -31.31
CA VAL A 286 49.63 1.10 -32.42
C VAL A 286 49.02 -0.20 -31.88
N PHE A 287 47.86 -0.57 -32.43
CA PHE A 287 47.17 -1.79 -32.05
C PHE A 287 46.37 -2.27 -33.26
N PRO A 288 47.02 -2.93 -34.21
CA PRO A 288 46.33 -3.33 -35.44
C PRO A 288 45.31 -4.44 -35.17
N VAL A 289 44.09 -4.22 -35.62
CA VAL A 289 43.03 -5.22 -35.58
C VAL A 289 42.77 -5.67 -37.01
N CYS A 290 42.63 -6.97 -37.21
CA CYS A 290 42.49 -7.55 -38.54
C CYS A 290 41.04 -7.75 -38.89
N MET A 291 40.74 -7.68 -40.18
CA MET A 291 39.37 -7.69 -40.67
C MET A 291 39.25 -8.63 -41.86
N LEU A 292 38.04 -9.16 -42.06
CA LEU A 292 37.74 -10.02 -43.20
C LEU A 292 36.44 -9.50 -43.81
N GLY A 293 36.54 -8.66 -44.84
CA GLY A 293 35.34 -8.04 -45.33
C GLY A 293 34.90 -7.06 -44.28
N ASN A 294 33.84 -7.40 -43.56
CA ASN A 294 33.36 -6.55 -42.47
C ASN A 294 33.13 -7.37 -41.20
N ARG A 295 33.86 -8.47 -41.06
CA ARG A 295 33.89 -9.30 -39.87
C ARG A 295 35.17 -9.00 -39.08
N THR A 296 35.22 -9.47 -37.84
CA THR A 296 36.37 -9.22 -36.95
C THR A 296 37.05 -10.51 -36.54
N LEU A 297 38.30 -10.69 -36.96
CA LEU A 297 39.05 -11.89 -36.65
C LEU A 297 39.77 -11.78 -35.32
N SER A 298 39.80 -12.88 -34.56
CA SER A 298 40.58 -12.96 -33.33
C SER A 298 42.06 -13.06 -33.67
N ARG A 299 42.82 -12.02 -33.34
CA ARG A 299 44.24 -11.96 -33.66
C ARG A 299 45.11 -12.87 -32.80
N ASP A 300 44.52 -13.63 -31.87
CA ASP A 300 45.34 -14.41 -30.95
C ASP A 300 46.07 -15.55 -31.67
N GLN A 301 45.37 -16.31 -32.51
CA GLN A 301 45.99 -17.48 -33.14
C GLN A 301 46.97 -17.10 -34.25
N PHE A 302 46.52 -16.32 -35.22
CA PHE A 302 47.34 -16.08 -36.41
C PHE A 302 48.63 -15.34 -36.08
N ASP A 303 49.67 -15.66 -36.84
CA ASP A 303 50.92 -14.92 -36.72
C ASP A 303 50.76 -13.53 -37.34
N ILE A 304 50.22 -13.48 -38.56
CA ILE A 304 49.97 -12.24 -39.29
C ILE A 304 48.68 -12.42 -40.08
N CYS A 305 47.93 -11.33 -40.24
CA CYS A 305 46.69 -11.38 -41.01
C CYS A 305 46.98 -10.98 -42.44
N ALA A 306 47.23 -12.00 -43.28
CA ALA A 306 47.48 -11.82 -44.70
C ALA A 306 47.29 -13.17 -45.36
N LYS A 307 46.59 -13.17 -46.50
CA LYS A 307 46.26 -14.43 -47.15
C LYS A 307 47.52 -15.17 -47.59
N THR A 308 48.52 -14.44 -48.07
CA THR A 308 49.74 -15.05 -48.58
C THR A 308 50.94 -14.20 -48.21
N ALA A 309 52.08 -14.87 -47.99
CA ALA A 309 53.34 -14.23 -47.67
C ALA A 309 54.42 -14.79 -48.57
N VAL A 310 55.48 -14.00 -48.77
CA VAL A 310 56.55 -14.37 -49.68
C VAL A 310 57.74 -14.87 -48.86
N VAL A 311 58.00 -16.18 -48.96
CA VAL A 311 59.11 -16.81 -48.25
C VAL A 311 59.93 -17.59 -49.27
N ASP A 312 61.26 -17.38 -49.22
CA ASP A 312 62.19 -18.04 -50.14
C ASP A 312 61.84 -17.75 -51.60
N ASN A 313 61.69 -16.46 -51.91
CA ASN A 313 61.46 -15.95 -53.26
C ASN A 313 60.12 -16.37 -53.85
N GLU A 314 59.19 -16.88 -53.03
CA GLU A 314 57.91 -17.34 -53.54
C GLU A 314 56.85 -17.26 -52.44
N THR A 315 55.58 -17.30 -52.88
CA THR A 315 54.45 -17.19 -51.97
C THR A 315 54.02 -18.52 -51.39
N VAL A 316 53.60 -18.50 -50.13
CA VAL A 316 53.15 -19.69 -49.43
C VAL A 316 52.00 -19.31 -48.51
N ALA A 317 51.08 -20.24 -48.31
CA ALA A 317 49.93 -19.99 -47.44
C ALA A 317 50.37 -19.70 -46.02
N THR A 318 49.69 -18.73 -45.40
CA THR A 318 50.00 -18.30 -44.05
C THR A 318 49.12 -19.03 -43.04
N GLN A 319 49.37 -18.79 -41.75
CA GLN A 319 48.61 -19.47 -40.72
C GLN A 319 47.13 -19.14 -40.80
N LEU A 320 46.79 -17.93 -41.23
CA LEU A 320 45.38 -17.59 -41.42
C LEU A 320 44.74 -18.47 -42.46
N TRP A 321 45.45 -18.76 -43.55
CA TRP A 321 44.91 -19.66 -44.56
C TRP A 321 44.66 -21.05 -43.98
N SER A 322 45.67 -21.63 -43.32
CA SER A 322 45.50 -22.96 -42.74
C SER A 322 44.41 -23.00 -41.69
N PHE A 323 44.14 -21.88 -41.01
CA PHE A 323 43.07 -21.86 -40.03
C PHE A 323 41.70 -21.74 -40.68
N PHE A 324 41.61 -20.96 -41.76
CA PHE A 324 40.34 -20.81 -42.45
C PHE A 324 40.17 -21.85 -43.54
N CYS A 325 41.24 -22.21 -44.22
CA CYS A 325 41.20 -23.27 -45.20
C CYS A 325 42.01 -24.45 -44.72
N HIS A 326 41.40 -25.64 -44.71
CA HIS A 326 42.09 -26.80 -44.15
C HIS A 326 43.24 -27.28 -45.04
N SER A 327 43.30 -26.82 -46.28
CA SER A 327 44.33 -27.21 -47.22
C SER A 327 45.57 -26.32 -47.04
N PRO A 328 46.76 -26.90 -46.95
CA PRO A 328 47.98 -26.08 -46.86
C PRO A 328 48.61 -25.73 -48.20
N ASN A 329 47.89 -25.94 -49.30
CA ASN A 329 48.35 -25.60 -50.64
C ASN A 329 47.36 -24.62 -51.26
N LEU A 330 47.88 -23.57 -51.87
CA LEU A 330 47.03 -22.54 -52.47
C LEU A 330 46.12 -23.12 -53.54
N THR A 331 46.60 -24.11 -54.28
CA THR A 331 45.84 -24.73 -55.38
C THR A 331 44.78 -25.67 -54.81
N THR A 332 43.73 -25.08 -54.24
CA THR A 332 42.62 -25.84 -53.69
C THR A 332 41.33 -25.06 -53.89
N ASP A 333 40.23 -25.79 -54.02
CA ASP A 333 38.92 -25.17 -54.21
C ASP A 333 37.86 -25.90 -53.39
N SER A 334 38.13 -26.10 -52.10
CA SER A 334 37.20 -26.77 -51.21
C SER A 334 36.98 -25.96 -49.94
N CYS A 335 37.18 -24.65 -50.03
CA CYS A 335 37.03 -23.76 -48.89
C CYS A 335 35.70 -23.00 -48.92
N ASP A 336 35.43 -22.28 -47.82
CA ASP A 336 34.20 -21.53 -47.70
C ASP A 336 34.19 -20.35 -48.67
N PRO A 337 33.01 -19.96 -49.14
CA PRO A 337 32.92 -18.84 -50.10
C PRO A 337 33.26 -17.47 -49.52
N TYR A 338 33.08 -17.26 -48.22
CA TYR A 338 33.32 -15.94 -47.66
C TYR A 338 34.79 -15.57 -47.64
N PHE A 339 35.67 -16.54 -47.44
CA PHE A 339 37.09 -16.25 -47.37
C PHE A 339 37.63 -15.81 -48.73
N MET A 340 37.32 -16.57 -49.78
CA MET A 340 37.84 -16.23 -51.10
C MET A 340 37.14 -15.04 -51.71
N LEU A 341 35.87 -14.81 -51.37
CA LEU A 341 35.12 -13.73 -51.99
C LEU A 341 35.53 -12.35 -51.47
N ASN A 342 35.97 -12.26 -50.23
CA ASN A 342 36.33 -10.99 -49.60
C ASN A 342 37.84 -10.89 -49.37
N ASN A 343 38.26 -9.68 -49.02
CA ASN A 343 39.67 -9.36 -48.82
C ASN A 343 40.04 -9.56 -47.35
N VAL A 344 41.25 -9.12 -46.99
CA VAL A 344 41.75 -9.20 -45.61
C VAL A 344 42.48 -7.90 -45.28
N THR A 345 41.85 -7.04 -44.50
CA THR A 345 42.38 -5.73 -44.19
C THR A 345 42.95 -5.71 -42.77
N GLU A 346 43.75 -4.69 -42.49
CA GLU A 346 44.38 -4.48 -41.18
C GLU A 346 44.22 -3.01 -40.82
N ILE A 347 43.11 -2.68 -40.16
CA ILE A 347 42.81 -1.30 -39.81
C ILE A 347 43.40 -0.99 -38.43
N PRO A 348 43.81 0.25 -38.16
CA PRO A 348 44.30 0.57 -36.82
C PRO A 348 43.16 0.60 -35.81
N GLY A 349 43.43 0.07 -34.63
CA GLY A 349 42.40 -0.08 -33.63
C GLY A 349 42.26 1.13 -32.73
N ILE A 350 43.31 1.91 -32.59
CA ILE A 350 43.25 3.11 -31.76
C ILE A 350 43.46 4.33 -32.67
N PRO A 351 42.40 4.83 -33.30
CA PRO A 351 42.55 6.06 -34.10
C PRO A 351 42.51 7.25 -33.15
N GLY A 352 43.43 8.19 -33.34
CA GLY A 352 43.51 9.32 -32.44
C GLY A 352 42.23 10.14 -32.46
N ALA A 353 41.96 10.81 -31.34
CA ALA A 353 40.74 11.58 -31.16
C ALA A 353 40.48 12.48 -32.35
N ALA A 354 39.27 12.42 -32.88
CA ALA A 354 38.88 13.22 -34.03
C ALA A 354 37.37 13.29 -34.06
N ALA A 355 36.85 14.13 -34.94
CA ALA A 355 35.41 14.27 -35.06
C ALA A 355 34.83 13.28 -36.04
N GLY A 356 35.68 12.51 -36.73
CA GLY A 356 35.18 11.50 -37.63
C GLY A 356 34.86 10.21 -36.90
N VAL A 357 35.60 9.90 -35.85
CA VAL A 357 35.36 8.68 -35.10
C VAL A 357 34.18 8.87 -34.16
N LEU A 358 34.09 10.01 -33.49
CA LEU A 358 32.96 10.28 -32.61
C LEU A 358 31.67 10.35 -33.40
N GLN A 359 31.76 10.60 -34.70
CA GLN A 359 30.58 10.55 -35.56
C GLN A 359 30.23 9.12 -35.95
N GLU A 360 31.24 8.25 -36.07
CA GLU A 360 30.98 6.86 -36.44
C GLU A 360 30.22 6.12 -35.36
N ASN A 361 30.82 5.99 -34.17
CA ASN A 361 30.21 5.23 -33.08
C ASN A 361 29.37 6.18 -32.24
N LEU A 362 28.20 6.50 -32.78
CA LEU A 362 27.27 7.41 -32.11
C LEU A 362 25.86 6.85 -32.06
N TRP A 363 25.54 5.80 -32.81
CA TRP A 363 24.22 5.21 -32.83
C TRP A 363 24.30 3.77 -32.34
N SER A 364 23.19 3.29 -31.79
CA SER A 364 23.17 2.00 -31.12
C SER A 364 23.56 0.87 -32.06
N ALA A 365 24.14 -0.19 -31.48
CA ALA A 365 24.56 -1.36 -32.24
C ALA A 365 24.23 -2.62 -31.46
N TYR A 366 23.01 -2.68 -30.93
CA TYR A 366 22.60 -3.82 -30.12
C TYR A 366 22.64 -5.11 -30.92
N LEU A 367 23.53 -6.03 -30.51
CA LEU A 367 23.63 -7.31 -31.19
C LEU A 367 22.71 -8.33 -30.51
N GLU A 368 22.75 -9.56 -31.02
CA GLU A 368 22.02 -10.68 -30.46
C GLU A 368 23.02 -11.73 -30.00
N LYS A 369 22.53 -12.73 -29.28
CA LYS A 369 23.41 -13.76 -28.76
C LYS A 369 23.96 -14.59 -29.91
N GLY A 370 25.27 -14.62 -30.04
CA GLY A 370 25.92 -15.38 -31.10
C GLY A 370 26.22 -14.62 -32.37
N ASP A 371 25.80 -13.36 -32.47
CA ASP A 371 26.06 -12.58 -33.67
C ASP A 371 27.54 -12.25 -33.80
N ILE A 372 27.90 -11.64 -34.91
CA ILE A 372 29.28 -11.30 -35.22
C ILE A 372 29.45 -9.79 -35.12
N VAL A 373 30.54 -9.35 -34.52
CA VAL A 373 30.83 -7.93 -34.38
C VAL A 373 31.36 -7.42 -35.71
N GLU A 374 30.57 -6.58 -36.38
CA GLU A 374 30.83 -6.16 -37.75
C GLU A 374 31.11 -4.67 -37.81
N LYS A 375 32.02 -4.29 -38.71
CA LYS A 375 32.46 -2.90 -38.87
C LYS A 375 31.63 -2.24 -39.97
N HIS A 376 30.60 -1.50 -39.58
CA HIS A 376 29.73 -0.86 -40.55
C HIS A 376 30.52 0.16 -41.34
N GLY A 377 30.69 -0.06 -42.65
CA GLY A 377 31.43 0.87 -43.46
C GLY A 377 32.62 0.25 -44.15
N LEU A 378 32.54 -1.04 -44.42
CA LEU A 378 33.58 -1.74 -45.15
C LEU A 378 32.96 -2.61 -46.22
N PRO A 379 33.63 -2.77 -47.37
CA PRO A 379 33.04 -3.58 -48.45
C PRO A 379 32.97 -5.05 -48.09
N SER A 380 31.79 -5.63 -48.25
CA SER A 380 31.56 -7.03 -47.94
C SER A 380 30.59 -7.62 -48.94
N ALA A 381 31.02 -8.66 -49.64
CA ALA A 381 30.17 -9.40 -50.58
C ALA A 381 29.74 -10.68 -49.89
N ASP A 382 28.45 -10.79 -49.58
CA ASP A 382 27.97 -11.88 -48.76
C ASP A 382 28.09 -13.22 -49.49
N ALA A 383 28.09 -14.29 -48.70
CA ALA A 383 28.22 -15.65 -49.18
C ALA A 383 28.03 -16.58 -47.99
N PRO A 384 27.68 -17.84 -48.22
CA PRO A 384 27.58 -18.80 -47.11
C PRO A 384 28.95 -19.08 -46.51
N SER A 385 28.94 -19.80 -45.39
CA SER A 385 30.19 -20.10 -44.70
C SER A 385 30.05 -21.41 -43.95
N LEU A 386 31.20 -22.01 -43.65
CA LEU A 386 31.26 -23.29 -42.97
C LEU A 386 30.97 -23.11 -41.48
N LYS A 387 30.96 -24.22 -40.75
CA LYS A 387 30.74 -24.19 -39.31
C LYS A 387 32.02 -24.42 -38.51
N GLU A 388 33.14 -24.65 -39.18
CA GLU A 388 34.43 -24.72 -38.52
C GLU A 388 35.17 -23.38 -38.53
N SER A 389 34.48 -22.32 -38.94
CA SER A 389 35.07 -20.98 -38.95
C SER A 389 34.58 -20.11 -37.81
N LEU A 390 33.43 -20.43 -37.22
CA LEU A 390 32.91 -19.62 -36.11
C LEU A 390 33.88 -19.47 -34.94
N PRO A 391 34.72 -20.45 -34.59
CA PRO A 391 35.68 -20.21 -33.50
C PRO A 391 36.78 -19.20 -33.85
N LEU A 392 36.72 -18.57 -35.02
CA LEU A 392 37.75 -17.63 -35.42
C LEU A 392 37.26 -16.19 -35.50
N TYR A 393 35.95 -15.97 -35.50
CA TYR A 393 35.40 -14.62 -35.41
C TYR A 393 35.11 -14.28 -33.96
N VAL A 394 35.14 -12.99 -33.65
CA VAL A 394 34.69 -12.53 -32.34
C VAL A 394 33.17 -12.54 -32.32
N VAL A 395 32.60 -12.93 -31.19
CA VAL A 395 31.17 -13.18 -31.10
C VAL A 395 30.59 -12.35 -29.96
N ALA A 396 29.33 -11.95 -30.12
CA ALA A 396 28.61 -11.31 -29.04
C ALA A 396 28.22 -12.35 -28.00
N ASP A 397 28.48 -12.05 -26.73
CA ASP A 397 28.34 -13.04 -25.67
C ASP A 397 26.93 -13.12 -25.11
N ILE A 398 26.29 -11.97 -24.87
CA ILE A 398 24.93 -11.94 -24.32
C ILE A 398 24.10 -10.97 -25.14
N ALA A 399 22.79 -11.17 -25.08
CA ALA A 399 21.86 -10.28 -25.75
C ALA A 399 21.89 -8.91 -25.09
N THR A 400 22.03 -7.87 -25.89
CA THR A 400 22.16 -6.51 -25.40
C THR A 400 20.90 -5.72 -25.72
N SER A 401 20.52 -4.82 -24.82
CA SER A 401 19.35 -3.98 -25.00
C SER A 401 19.62 -2.67 -24.26
N PHE A 402 18.55 -1.91 -24.00
CA PHE A 402 18.70 -0.73 -23.17
C PHE A 402 18.54 -1.07 -21.69
N THR A 403 17.53 -1.87 -21.35
CA THR A 403 17.30 -2.23 -19.97
C THR A 403 18.45 -3.07 -19.42
N VAL A 404 19.04 -3.93 -20.24
CA VAL A 404 20.17 -4.73 -19.79
C VAL A 404 21.33 -3.83 -19.39
N LEU A 405 21.62 -2.82 -20.21
CA LEU A 405 22.72 -1.93 -19.90
C LEU A 405 22.42 -1.07 -18.68
N VAL A 406 21.16 -0.65 -18.52
CA VAL A 406 20.78 0.08 -17.32
C VAL A 406 21.05 -0.76 -16.08
N GLY A 407 20.60 -2.01 -16.10
CA GLY A 407 20.81 -2.87 -14.95
C GLY A 407 22.26 -3.13 -14.66
N ILE A 408 23.08 -3.30 -15.70
CA ILE A 408 24.49 -3.58 -15.46
C ILE A 408 25.23 -2.34 -14.99
N PHE A 409 24.81 -1.16 -15.43
CA PHE A 409 25.56 0.04 -15.06
C PHE A 409 25.18 0.56 -13.68
N PHE A 410 23.94 0.35 -13.24
CA PHE A 410 23.51 0.99 -11.99
C PHE A 410 24.40 0.73 -10.78
N PRO A 411 24.97 -0.47 -10.55
CA PRO A 411 25.79 -0.66 -9.35
C PRO A 411 27.08 0.15 -9.35
N SER A 412 27.27 1.04 -10.32
CA SER A 412 28.44 1.88 -10.37
C SER A 412 28.16 3.30 -9.89
N VAL A 413 26.96 3.57 -9.39
CA VAL A 413 26.63 4.89 -8.86
C VAL A 413 26.09 4.75 -7.44
N THR A 414 26.19 3.55 -6.89
CA THR A 414 25.71 3.27 -5.54
C THR A 414 26.84 3.40 -4.55
N GLY A 415 26.48 3.75 -3.32
CA GLY A 415 27.47 3.95 -2.28
C GLY A 415 27.39 5.33 -1.67
N ILE A 416 26.26 6.01 -1.86
CA ILE A 416 26.10 7.35 -1.34
C ILE A 416 25.81 7.35 0.15
N MET A 417 25.55 6.18 0.73
CA MET A 417 25.29 6.07 2.16
C MET A 417 26.56 5.80 2.93
N ALA A 418 27.68 5.65 2.24
CA ALA A 418 28.96 5.44 2.89
C ALA A 418 29.61 6.73 3.32
N GLY A 419 29.12 7.88 2.83
CA GLY A 419 29.69 9.14 3.24
C GLY A 419 29.25 9.48 4.66
N SER A 420 27.99 9.23 4.97
CA SER A 420 27.46 9.49 6.30
C SER A 420 27.66 8.27 7.19
N ASN A 421 28.93 7.88 7.34
CA ASN A 421 29.25 6.65 8.02
C ASN A 421 30.25 6.84 9.15
N ARG A 422 30.77 8.05 9.31
CA ARG A 422 31.60 8.40 10.44
C ARG A 422 30.96 9.57 11.16
N SER A 423 29.63 9.48 11.31
CA SER A 423 28.84 10.55 11.89
C SER A 423 29.36 10.94 13.26
N GLY A 424 29.80 9.98 14.05
CA GLY A 424 30.27 10.28 15.38
C GLY A 424 31.54 11.11 15.38
N ASP A 425 32.49 10.78 14.51
CA ASP A 425 33.76 11.49 14.47
C ASP A 425 33.72 12.60 13.42
N LEU A 426 32.79 13.53 13.60
CA LEU A 426 32.64 14.65 12.70
C LEU A 426 32.58 15.95 13.49
N ARG A 427 33.10 17.02 12.88
CA ARG A 427 33.13 18.31 13.54
C ARG A 427 31.72 18.88 13.67
N ASP A 428 31.05 19.12 12.54
CA ASP A 428 29.68 19.64 12.53
C ASP A 428 28.93 18.92 11.41
N ALA A 429 28.25 17.82 11.77
CA ALA A 429 27.71 16.92 10.77
C ALA A 429 26.61 17.57 9.93
N GLN A 430 25.82 18.45 10.54
CA GLN A 430 24.69 19.06 9.82
C GLN A 430 25.16 19.82 8.59
N LYS A 431 26.39 20.33 8.61
CA LYS A 431 26.91 21.14 7.51
C LYS A 431 27.93 20.39 6.68
N SER A 432 28.33 19.20 7.13
CA SER A 432 29.43 18.46 6.52
C SER A 432 28.97 17.23 5.77
N ILE A 433 27.82 16.64 6.13
CA ILE A 433 27.37 15.45 5.42
C ILE A 433 26.76 15.82 4.08
N PRO A 434 25.78 16.73 4.01
CA PRO A 434 25.13 16.98 2.71
C PRO A 434 26.06 17.53 1.64
N VAL A 435 26.87 18.53 1.97
CA VAL A 435 27.76 19.11 0.97
C VAL A 435 28.78 18.09 0.48
N GLY A 436 29.30 17.27 1.39
CA GLY A 436 30.26 16.26 0.99
C GLY A 436 29.65 15.21 0.07
N THR A 437 28.47 14.70 0.46
CA THR A 437 27.82 13.70 -0.36
C THR A 437 27.51 14.23 -1.75
N ILE A 438 26.94 15.44 -1.83
CA ILE A 438 26.55 15.96 -3.13
C ILE A 438 27.77 16.28 -3.99
N LEU A 439 28.85 16.75 -3.37
CA LEU A 439 30.05 17.01 -4.16
C LEU A 439 30.65 15.71 -4.69
N ALA A 440 30.61 14.63 -3.91
CA ALA A 440 31.10 13.35 -4.41
C ALA A 440 30.26 12.87 -5.57
N ILE A 441 28.94 13.01 -5.46
CA ILE A 441 28.05 12.61 -6.54
C ILE A 441 28.37 13.37 -7.82
N ILE A 442 28.51 14.69 -7.70
CA ILE A 442 28.79 15.52 -8.88
C ILE A 442 30.13 15.13 -9.51
N THR A 443 31.16 14.90 -8.69
CA THR A 443 32.45 14.54 -9.24
C THR A 443 32.38 13.23 -9.99
N THR A 444 31.70 12.23 -9.41
CA THR A 444 31.58 10.96 -10.09
C THR A 444 30.80 11.08 -11.39
N SER A 445 29.73 11.87 -11.38
CA SER A 445 28.92 12.00 -12.58
C SER A 445 29.71 12.67 -13.71
N LEU A 446 30.50 13.69 -13.36
CA LEU A 446 31.26 14.37 -14.41
C LEU A 446 32.35 13.47 -14.96
N VAL A 447 32.98 12.67 -14.09
CA VAL A 447 34.00 11.75 -14.58
C VAL A 447 33.38 10.71 -15.51
N TYR A 448 32.20 10.21 -15.18
CA TYR A 448 31.56 9.23 -16.06
C TYR A 448 31.20 9.84 -17.41
N PHE A 449 30.65 11.06 -17.41
CA PHE A 449 30.30 11.70 -18.68
C PHE A 449 31.55 11.90 -19.53
N SER A 450 32.61 12.46 -18.94
CA SER A 450 33.81 12.72 -19.71
C SER A 450 34.41 11.42 -20.23
N SER A 451 34.38 10.36 -19.44
CA SER A 451 34.95 9.09 -19.89
C SER A 451 34.13 8.48 -21.01
N VAL A 452 32.80 8.60 -20.96
CA VAL A 452 31.97 8.09 -22.05
C VAL A 452 32.32 8.80 -23.35
N VAL A 453 32.38 10.13 -23.32
CA VAL A 453 32.70 10.85 -24.55
C VAL A 453 34.11 10.53 -25.03
N LEU A 454 35.07 10.40 -24.11
CA LEU A 454 36.44 10.14 -24.52
C LEU A 454 36.58 8.76 -25.16
N PHE A 455 35.97 7.73 -24.56
CA PHE A 455 35.98 6.41 -25.17
C PHE A 455 35.32 6.45 -26.54
N GLY A 456 34.14 7.06 -26.64
CA GLY A 456 33.47 7.14 -27.92
C GLY A 456 34.32 7.80 -28.99
N ALA A 457 35.08 8.82 -28.62
CA ALA A 457 35.80 9.62 -29.61
C ALA A 457 37.24 9.21 -29.79
N CYS A 458 37.72 8.21 -29.07
CA CYS A 458 39.12 7.83 -29.18
C CYS A 458 39.37 6.40 -29.64
N ILE A 459 38.38 5.52 -29.58
CA ILE A 459 38.57 4.11 -29.90
C ILE A 459 37.62 3.71 -31.02
N GLU A 460 38.04 2.71 -31.79
CA GLU A 460 37.22 2.20 -32.89
C GLU A 460 35.94 1.58 -32.35
N GLY A 461 34.87 1.71 -33.12
CA GLY A 461 33.60 1.16 -32.70
C GLY A 461 33.52 -0.34 -32.75
N VAL A 462 34.54 -1.00 -33.27
CA VAL A 462 34.52 -2.46 -33.38
C VAL A 462 35.35 -3.12 -32.29
N VAL A 463 36.34 -2.43 -31.72
CA VAL A 463 37.10 -2.98 -30.61
C VAL A 463 36.50 -2.61 -29.27
N LEU A 464 35.53 -1.71 -29.24
CA LEU A 464 34.81 -1.46 -28.01
C LEU A 464 33.85 -2.60 -27.69
N ARG A 465 33.37 -3.30 -28.71
CA ARG A 465 32.37 -4.34 -28.52
C ARG A 465 32.97 -5.70 -28.17
N ASP A 466 34.30 -5.81 -28.13
CA ASP A 466 34.94 -7.04 -27.66
C ASP A 466 34.95 -6.99 -26.15
N LYS A 467 34.00 -7.70 -25.53
CA LYS A 467 33.87 -7.65 -24.08
C LYS A 467 35.15 -8.10 -23.39
N TYR A 468 35.87 -9.06 -23.99
CA TYR A 468 37.10 -9.58 -23.40
C TYR A 468 38.33 -9.21 -24.23
N GLY A 469 38.22 -8.19 -25.07
CA GLY A 469 39.34 -7.76 -25.88
C GLY A 469 39.87 -8.85 -26.78
N ASP A 470 39.03 -9.37 -27.67
CA ASP A 470 39.44 -10.45 -28.56
C ASP A 470 40.06 -9.94 -29.85
N GLY A 471 39.56 -8.83 -30.39
CA GLY A 471 40.17 -8.28 -31.59
C GLY A 471 41.63 -7.95 -31.39
N VAL A 472 41.92 -7.25 -30.30
CA VAL A 472 43.30 -7.07 -29.88
C VAL A 472 43.78 -8.34 -29.20
N SER A 473 45.11 -8.47 -29.05
CA SER A 473 45.68 -9.72 -28.60
C SER A 473 45.46 -9.92 -27.10
N ARG A 474 44.19 -10.07 -26.73
CA ARG A 474 43.76 -10.30 -25.35
C ARG A 474 44.38 -9.29 -24.38
N ASN A 475 44.07 -8.02 -24.60
CA ASN A 475 44.47 -6.93 -23.74
C ASN A 475 43.23 -6.30 -23.12
N LEU A 476 43.46 -5.48 -22.10
CA LEU A 476 42.37 -4.69 -21.54
C LEU A 476 42.01 -3.60 -22.52
N VAL A 477 40.78 -3.63 -23.05
CA VAL A 477 40.38 -2.67 -24.05
C VAL A 477 40.53 -1.24 -23.55
N VAL A 478 40.17 -0.98 -22.30
CA VAL A 478 40.37 0.35 -21.73
C VAL A 478 41.82 0.61 -21.39
N GLY A 479 42.63 -0.44 -21.26
CA GLY A 479 44.04 -0.27 -21.00
C GLY A 479 44.88 -0.01 -22.22
N THR A 480 44.29 -0.09 -23.41
CA THR A 480 45.05 0.16 -24.62
C THR A 480 45.51 1.61 -24.70
N LEU A 481 44.65 2.55 -24.33
CA LEU A 481 45.03 3.97 -24.24
C LEU A 481 45.38 4.27 -22.79
N ALA A 482 46.67 4.30 -22.50
CA ALA A 482 47.18 4.67 -21.19
C ALA A 482 48.67 4.95 -21.38
N TRP A 483 49.16 6.07 -20.84
CA TRP A 483 50.48 6.54 -21.23
C TRP A 483 51.59 5.58 -20.82
N PRO A 484 51.79 5.29 -19.53
CA PRO A 484 52.98 4.50 -19.17
C PRO A 484 52.98 3.12 -19.78
N SER A 485 51.91 2.34 -19.57
CA SER A 485 51.75 1.01 -20.13
C SER A 485 50.35 0.51 -19.83
N PRO A 486 49.80 -0.40 -20.63
CA PRO A 486 48.50 -0.98 -20.29
C PRO A 486 48.54 -1.80 -19.02
N TRP A 487 49.69 -1.90 -18.38
CA TRP A 487 49.84 -2.70 -17.17
C TRP A 487 49.47 -1.95 -15.91
N VAL A 488 49.30 -0.63 -15.98
CA VAL A 488 48.92 0.09 -14.77
C VAL A 488 47.44 -0.09 -14.48
N ILE A 489 46.62 -0.14 -15.53
CA ILE A 489 45.18 -0.27 -15.31
C ILE A 489 44.83 -1.66 -14.84
N VAL A 490 45.55 -2.69 -15.32
CA VAL A 490 45.25 -4.06 -14.92
C VAL A 490 45.48 -4.25 -13.43
N ILE A 491 46.69 -3.91 -12.97
CA ILE A 491 47.02 -4.04 -11.55
C ILE A 491 46.17 -3.10 -10.71
N GLY A 492 45.93 -1.89 -11.20
CA GLY A 492 45.09 -0.96 -10.47
C GLY A 492 43.69 -1.50 -10.22
N SER A 493 43.06 -2.04 -11.28
CA SER A 493 41.73 -2.59 -11.12
C SER A 493 41.74 -3.85 -10.26
N PHE A 494 42.81 -4.65 -10.34
CA PHE A 494 42.88 -5.83 -9.47
C PHE A 494 42.90 -5.43 -8.01
N PHE A 495 43.79 -4.49 -7.64
CA PHE A 495 43.87 -4.09 -6.25
C PHE A 495 42.61 -3.37 -5.80
N SER A 496 42.00 -2.57 -6.68
CA SER A 496 40.75 -1.92 -6.34
C SER A 496 39.66 -2.93 -6.04
N THR A 497 39.55 -3.98 -6.86
CA THR A 497 38.53 -4.98 -6.62
C THR A 497 38.78 -5.74 -5.33
N CYS A 498 40.02 -6.11 -5.07
CA CYS A 498 40.33 -6.79 -3.81
C CYS A 498 39.98 -5.90 -2.61
N GLY A 499 40.33 -4.62 -2.69
CA GLY A 499 40.04 -3.73 -1.58
C GLY A 499 38.55 -3.51 -1.38
N ALA A 500 37.80 -3.38 -2.47
CA ALA A 500 36.36 -3.19 -2.34
C ALA A 500 35.70 -4.44 -1.77
N GLY A 501 36.15 -5.62 -2.18
CA GLY A 501 35.62 -6.83 -1.58
C GLY A 501 35.91 -6.90 -0.09
N LEU A 502 37.14 -6.57 0.30
CA LEU A 502 37.48 -6.58 1.73
C LEU A 502 36.62 -5.60 2.50
N GLN A 503 36.42 -4.40 1.97
CA GLN A 503 35.65 -3.41 2.71
C GLN A 503 34.17 -3.79 2.79
N SER A 504 33.62 -4.42 1.75
CA SER A 504 32.24 -4.85 1.85
C SER A 504 32.09 -5.98 2.87
N LEU A 505 33.03 -6.92 2.88
CA LEU A 505 32.99 -7.98 3.88
C LEU A 505 33.26 -7.46 5.29
N THR A 506 33.87 -6.29 5.41
CA THR A 506 34.03 -5.70 6.74
C THR A 506 32.77 -4.94 7.16
N GLY A 507 32.11 -4.27 6.23
CA GLY A 507 30.99 -3.42 6.58
C GLY A 507 29.62 -4.04 6.56
N ALA A 508 29.45 -5.24 6.01
CA ALA A 508 28.12 -5.84 6.06
C ALA A 508 27.83 -6.49 7.42
N PRO A 509 28.73 -7.30 7.98
CA PRO A 509 28.43 -7.90 9.28
C PRO A 509 28.27 -6.88 10.38
N ARG A 510 28.95 -5.74 10.32
CA ARG A 510 28.78 -4.71 11.33
C ARG A 510 27.35 -4.16 11.31
N LEU A 511 26.80 -3.93 10.11
CA LEU A 511 25.43 -3.47 10.03
C LEU A 511 24.45 -4.53 10.53
N LEU A 512 24.70 -5.79 10.20
CA LEU A 512 23.82 -6.84 10.69
C LEU A 512 23.87 -6.92 12.21
N GLN A 513 25.06 -6.75 12.78
CA GLN A 513 25.19 -6.78 14.24
C GLN A 513 24.46 -5.60 14.88
N ALA A 514 24.51 -4.43 14.26
CA ALA A 514 23.77 -3.30 14.78
C ALA A 514 22.27 -3.57 14.77
N ILE A 515 21.76 -4.08 13.64
CA ILE A 515 20.32 -4.37 13.56
C ILE A 515 19.94 -5.43 14.58
N ALA A 516 20.82 -6.40 14.82
CA ALA A 516 20.49 -7.48 15.75
C ALA A 516 20.51 -7.00 17.19
N LYS A 517 21.42 -6.09 17.54
CA LYS A 517 21.45 -5.56 18.89
C LYS A 517 20.39 -4.50 19.13
N ASP A 518 19.79 -3.96 18.07
CA ASP A 518 18.68 -3.02 18.25
C ASP A 518 17.39 -3.71 18.67
N ASN A 519 17.33 -5.04 18.58
CA ASN A 519 16.19 -5.83 19.08
C ASN A 519 14.88 -5.45 18.39
N ILE A 520 14.95 -5.15 17.11
CA ILE A 520 13.73 -4.90 16.35
C ILE A 520 13.13 -6.21 15.86
N ILE A 521 13.91 -6.99 15.11
CA ILE A 521 13.47 -8.30 14.64
C ILE A 521 13.94 -9.33 15.68
N PRO A 522 13.05 -10.15 16.20
CA PRO A 522 13.43 -11.01 17.33
C PRO A 522 14.16 -12.28 16.94
N PHE A 523 13.93 -12.80 15.73
CA PHE A 523 14.49 -14.11 15.41
C PHE A 523 15.96 -14.07 15.06
N LEU A 524 16.55 -12.89 14.90
CA LEU A 524 17.97 -12.76 14.62
C LEU A 524 18.70 -12.11 15.80
N ARG A 525 18.34 -12.53 17.01
CA ARG A 525 19.04 -12.05 18.20
C ARG A 525 20.43 -12.67 18.31
N VAL A 526 20.62 -13.86 17.76
CA VAL A 526 21.91 -14.55 17.90
C VAL A 526 23.00 -13.83 17.13
N PHE A 527 22.65 -13.18 16.02
CA PHE A 527 23.65 -12.53 15.18
C PHE A 527 24.29 -11.32 15.83
N GLY A 528 23.89 -10.94 17.04
CA GLY A 528 24.55 -9.89 17.77
C GLY A 528 25.58 -10.35 18.76
N HIS A 529 25.94 -11.63 18.74
CA HIS A 529 26.86 -12.20 19.72
C HIS A 529 28.30 -11.91 19.31
N GLY A 530 28.66 -10.64 19.41
CA GLY A 530 29.98 -10.20 19.02
C GLY A 530 31.08 -10.83 19.86
N LYS A 531 32.31 -10.61 19.41
CA LYS A 531 33.49 -11.10 20.11
C LYS A 531 33.74 -10.23 21.34
N VAL A 532 34.85 -10.50 22.02
CA VAL A 532 35.18 -9.72 23.21
C VAL A 532 35.47 -8.27 22.83
N ASN A 533 35.95 -8.03 21.61
CA ASN A 533 36.28 -6.69 21.14
C ASN A 533 35.11 -6.01 20.45
N GLY A 534 34.07 -6.75 20.09
CA GLY A 534 32.95 -6.22 19.34
C GLY A 534 32.88 -6.72 17.91
N GLU A 535 33.95 -7.31 17.40
CA GLU A 535 33.94 -7.80 16.03
C GLU A 535 32.95 -8.95 15.89
N PRO A 536 32.04 -8.91 14.92
CA PRO A 536 30.99 -9.92 14.85
C PRO A 536 31.54 -11.33 14.68
N THR A 537 30.77 -12.31 15.16
CA THR A 537 31.17 -13.72 15.06
C THR A 537 30.23 -14.53 14.18
N TRP A 538 28.93 -14.59 14.50
CA TRP A 538 28.01 -15.39 13.69
C TRP A 538 27.27 -14.55 12.67
N ALA A 539 27.75 -13.34 12.40
CA ALA A 539 27.21 -12.51 11.33
C ALA A 539 28.11 -12.56 10.12
N LEU A 540 29.40 -12.77 10.37
CA LEU A 540 30.38 -12.95 9.31
C LEU A 540 30.11 -14.25 8.57
N LEU A 541 29.77 -15.31 9.28
CA LEU A 541 29.48 -16.59 8.64
C LEU A 541 28.25 -16.48 7.74
N LEU A 542 27.18 -15.86 8.23
CA LEU A 542 26.00 -15.69 7.39
C LEU A 542 26.31 -14.84 6.18
N THR A 543 27.10 -13.79 6.35
CA THR A 543 27.44 -12.94 5.21
C THR A 543 28.27 -13.69 4.18
N ALA A 544 29.25 -14.46 4.63
CA ALA A 544 30.06 -15.24 3.70
C ALA A 544 29.21 -16.28 2.99
N LEU A 545 28.23 -16.87 3.67
CA LEU A 545 27.37 -17.84 3.01
C LEU A 545 26.52 -17.18 1.92
N ILE A 546 25.96 -16.01 2.22
CA ILE A 546 25.17 -15.32 1.19
C ILE A 546 26.05 -14.91 0.02
N ALA A 547 27.28 -14.45 0.30
CA ALA A 547 28.17 -14.06 -0.78
C ALA A 547 28.55 -15.27 -1.63
N GLU A 548 28.71 -16.43 -1.01
CA GLU A 548 29.01 -17.64 -1.77
C GLU A 548 27.82 -18.02 -2.65
N LEU A 549 26.62 -17.98 -2.08
CA LEU A 549 25.43 -18.27 -2.87
C LEU A 549 25.33 -17.32 -4.05
N GLY A 550 25.83 -16.10 -3.91
CA GLY A 550 25.85 -15.18 -5.03
C GLY A 550 26.96 -15.46 -6.01
N ILE A 551 28.10 -15.95 -5.53
CA ILE A 551 29.23 -16.28 -6.38
C ILE A 551 28.91 -17.47 -7.26
N LEU A 552 28.08 -18.40 -6.76
CA LEU A 552 27.76 -19.59 -7.54
C LEU A 552 27.11 -19.27 -8.89
N ILE A 553 26.70 -18.03 -9.13
CA ILE A 553 26.21 -17.65 -10.44
C ILE A 553 27.38 -17.41 -11.40
N ALA A 554 28.43 -16.76 -10.91
CA ALA A 554 29.70 -16.64 -11.62
C ALA A 554 29.55 -15.89 -12.94
N SER A 555 28.89 -14.73 -12.89
CA SER A 555 28.79 -13.86 -14.07
C SER A 555 28.36 -12.49 -13.60
N LEU A 556 29.22 -11.48 -13.83
CA LEU A 556 28.87 -10.12 -13.43
C LEU A 556 27.55 -9.68 -14.04
N ASP A 557 27.31 -10.04 -15.29
CA ASP A 557 26.13 -9.58 -16.00
C ASP A 557 24.83 -10.16 -15.45
N MET A 558 24.91 -11.15 -14.57
CA MET A 558 23.72 -11.67 -13.91
C MET A 558 23.65 -11.33 -12.43
N VAL A 559 24.79 -11.05 -11.79
CA VAL A 559 24.78 -10.61 -10.41
C VAL A 559 24.41 -9.13 -10.30
N ALA A 560 24.77 -8.32 -11.29
CA ALA A 560 24.53 -6.89 -11.16
C ALA A 560 23.07 -6.50 -11.01
N PRO A 561 22.11 -7.09 -11.74
CA PRO A 561 20.71 -6.66 -11.56
C PRO A 561 20.15 -6.92 -10.17
N ILE A 562 20.56 -7.99 -9.49
CA ILE A 562 20.07 -8.25 -8.13
C ILE A 562 20.55 -7.15 -7.18
N LEU A 563 21.84 -6.86 -7.24
CA LEU A 563 22.41 -5.73 -6.50
C LEU A 563 21.63 -4.45 -6.75
N SER A 564 21.36 -4.16 -8.03
CA SER A 564 20.61 -2.96 -8.37
C SER A 564 19.22 -2.99 -7.75
N MET A 565 18.57 -4.14 -7.74
CA MET A 565 17.22 -4.22 -7.17
C MET A 565 17.24 -3.88 -5.70
N PHE A 566 18.18 -4.45 -4.96
CA PHE A 566 18.21 -4.20 -3.52
C PHE A 566 18.50 -2.73 -3.22
N PHE A 567 19.49 -2.16 -3.91
CA PHE A 567 19.81 -0.76 -3.61
C PHE A 567 18.69 0.17 -4.05
N LEU A 568 18.03 -0.11 -5.16
CA LEU A 568 16.92 0.72 -5.61
C LEU A 568 15.77 0.63 -4.62
N MET A 569 15.53 -0.55 -4.05
CA MET A 569 14.48 -0.67 -3.05
C MET A 569 14.79 0.18 -1.83
N CYS A 570 16.04 0.14 -1.36
CA CYS A 570 16.43 0.97 -0.23
C CYS A 570 16.21 2.45 -0.52
N TYR A 571 16.66 2.91 -1.69
CA TYR A 571 16.51 4.33 -2.03
C TYR A 571 15.04 4.72 -2.14
N LEU A 572 14.23 3.88 -2.78
CA LEU A 572 12.81 4.19 -2.91
C LEU A 572 12.15 4.30 -1.55
N PHE A 573 12.52 3.44 -0.60
CA PHE A 573 11.90 3.53 0.72
C PHE A 573 12.31 4.81 1.44
N VAL A 574 13.58 5.18 1.35
CA VAL A 574 14.01 6.43 1.98
C VAL A 574 13.21 7.61 1.42
N ASN A 575 13.10 7.69 0.10
CA ASN A 575 12.41 8.81 -0.53
C ASN A 575 10.93 8.84 -0.15
N LEU A 576 10.28 7.68 -0.18
CA LEU A 576 8.86 7.64 0.15
C LEU A 576 8.62 8.05 1.59
N ALA A 577 9.46 7.57 2.52
CA ALA A 577 9.30 7.95 3.91
C ALA A 577 9.44 9.45 4.10
N CYS A 578 10.47 10.05 3.48
CA CYS A 578 10.65 11.49 3.61
C CYS A 578 9.45 12.25 3.10
N ALA A 579 8.98 11.92 1.90
CA ALA A 579 7.86 12.65 1.31
C ALA A 579 6.60 12.53 2.17
N VAL A 580 6.28 11.32 2.61
CA VAL A 580 5.06 11.13 3.40
C VAL A 580 5.14 11.87 4.72
N GLN A 581 6.29 11.77 5.41
CA GLN A 581 6.39 12.43 6.70
C GLN A 581 6.36 13.94 6.56
N THR A 582 6.83 14.48 5.44
CA THR A 582 6.71 15.92 5.23
C THR A 582 5.26 16.30 4.94
N LEU A 583 4.55 15.48 4.18
CA LEU A 583 3.18 15.81 3.81
C LEU A 583 2.25 15.79 5.01
N LEU A 584 2.22 14.68 5.74
CA LEU A 584 1.22 14.48 6.79
C LEU A 584 1.56 15.22 8.08
N ARG A 585 2.67 15.96 8.13
CA ARG A 585 3.05 16.75 9.29
C ARG A 585 3.28 15.89 10.54
N THR A 586 4.26 15.00 10.44
CA THR A 586 4.64 14.18 11.58
C THR A 586 5.15 15.10 12.70
N PRO A 587 4.90 14.76 13.96
CA PRO A 587 5.25 15.69 15.05
C PRO A 587 6.74 16.02 15.17
N ASN A 588 7.64 15.05 15.08
CA ASN A 588 9.04 15.29 15.38
C ASN A 588 9.91 15.44 14.13
N TRP A 589 9.32 15.76 12.99
CA TRP A 589 10.06 15.79 11.72
C TRP A 589 10.02 17.20 11.14
N ARG A 590 11.12 17.94 11.30
CA ARG A 590 11.28 19.26 10.67
C ARG A 590 12.72 19.39 10.18
N PRO A 591 12.97 19.19 8.90
CA PRO A 591 14.33 19.28 8.38
C PRO A 591 14.74 20.72 8.12
N ARG A 592 16.04 20.98 8.26
CA ARG A 592 16.57 22.33 8.09
C ARG A 592 17.25 22.56 6.76
N PHE A 593 17.34 21.55 5.90
CA PHE A 593 17.97 21.74 4.59
C PHE A 593 17.28 22.84 3.80
N LYS A 594 18.09 23.65 3.12
CA LYS A 594 17.56 24.76 2.36
C LYS A 594 16.88 24.28 1.08
N TYR A 595 17.63 23.63 0.20
CA TYR A 595 17.10 23.16 -1.08
C TYR A 595 16.43 21.80 -0.92
N TYR A 596 15.33 21.79 -0.17
CA TYR A 596 14.58 20.56 0.04
C TYR A 596 13.10 20.84 -0.06
N HIS A 597 12.38 19.98 -0.78
CA HIS A 597 10.94 20.10 -0.96
C HIS A 597 10.38 18.73 -1.25
N TRP A 598 9.23 18.40 -0.64
CA TRP A 598 8.67 17.07 -0.76
C TRP A 598 8.43 16.66 -2.20
N ALA A 599 8.30 17.63 -3.12
CA ALA A 599 8.16 17.28 -4.52
C ALA A 599 9.41 16.60 -5.04
N LEU A 600 10.58 17.02 -4.56
CA LEU A 600 11.83 16.39 -5.01
C LEU A 600 11.91 14.95 -4.56
N SER A 601 11.57 14.67 -3.29
CA SER A 601 11.57 13.30 -2.81
C SER A 601 10.53 12.46 -3.53
N PHE A 602 9.36 13.04 -3.82
CA PHE A 602 8.34 12.30 -4.56
C PHE A 602 8.83 11.95 -5.96
N LEU A 603 9.46 12.91 -6.64
CA LEU A 603 9.99 12.64 -7.98
C LEU A 603 11.09 11.60 -7.93
N GLY A 604 11.93 11.64 -6.89
CA GLY A 604 12.97 10.63 -6.77
C GLY A 604 12.39 9.25 -6.57
N MET A 605 11.38 9.12 -5.71
CA MET A 605 10.71 7.85 -5.54
C MET A 605 10.15 7.35 -6.87
N SER A 606 9.52 8.25 -7.64
CA SER A 606 8.94 7.84 -8.91
C SER A 606 10.01 7.35 -9.87
N LEU A 607 11.11 8.10 -9.97
CA LEU A 607 12.16 7.73 -10.93
C LEU A 607 12.82 6.41 -10.55
N CYS A 608 13.14 6.23 -9.27
CA CYS A 608 13.80 5.00 -8.88
C CYS A 608 12.85 3.81 -8.96
N LEU A 609 11.55 4.02 -8.77
CA LEU A 609 10.59 2.95 -9.01
C LEU A 609 10.52 2.59 -10.49
N ALA A 610 10.55 3.60 -11.36
CA ALA A 610 10.54 3.33 -12.79
C ALA A 610 11.75 2.52 -13.19
N LEU A 611 12.93 2.86 -12.66
CA LEU A 611 14.11 2.05 -12.91
C LEU A 611 13.94 0.63 -12.40
N MET A 612 13.47 0.50 -11.16
CA MET A 612 13.31 -0.82 -10.56
C MET A 612 12.39 -1.71 -11.37
N PHE A 613 11.45 -1.12 -12.12
CA PHE A 613 10.56 -1.94 -12.92
C PHE A 613 11.05 -2.12 -14.35
N VAL A 614 11.83 -1.17 -14.85
CA VAL A 614 12.40 -1.30 -16.18
C VAL A 614 13.38 -2.46 -16.24
N SER A 615 14.23 -2.59 -15.22
CA SER A 615 15.27 -3.63 -15.26
C SER A 615 14.66 -5.03 -15.32
N SER A 616 13.81 -5.38 -14.35
CA SER A 616 13.17 -6.69 -14.38
C SER A 616 11.95 -6.66 -13.47
N TRP A 617 10.76 -6.81 -14.04
CA TRP A 617 9.54 -6.68 -13.24
C TRP A 617 9.46 -7.72 -12.13
N TYR A 618 9.87 -8.97 -12.40
CA TYR A 618 9.68 -10.01 -11.39
C TYR A 618 10.61 -9.78 -10.19
N TYR A 619 11.85 -9.39 -10.46
CA TYR A 619 12.77 -9.09 -9.37
C TYR A 619 12.21 -7.95 -8.50
N ALA A 620 11.65 -6.93 -9.15
CA ALA A 620 11.06 -5.82 -8.41
C ALA A 620 9.89 -6.29 -7.56
N LEU A 621 9.08 -7.21 -8.08
CA LEU A 621 7.97 -7.70 -7.28
C LEU A 621 8.46 -8.46 -6.06
N VAL A 622 9.50 -9.27 -6.23
CA VAL A 622 10.04 -10.02 -5.09
C VAL A 622 10.61 -9.05 -4.05
N ALA A 623 11.34 -8.03 -4.50
CA ALA A 623 11.90 -7.06 -3.57
C ALA A 623 10.81 -6.30 -2.83
N MET A 624 9.76 -5.88 -3.54
CA MET A 624 8.69 -5.13 -2.90
C MET A 624 7.95 -6.00 -1.89
N LEU A 625 7.74 -7.28 -2.20
CA LEU A 625 7.07 -8.15 -1.25
C LEU A 625 7.92 -8.39 -0.01
N ILE A 626 9.23 -8.55 -0.19
CA ILE A 626 10.11 -8.70 0.96
C ILE A 626 10.05 -7.45 1.85
N ALA A 627 10.13 -6.28 1.22
CA ALA A 627 10.10 -5.03 1.99
C ALA A 627 8.79 -4.89 2.75
N GLY A 628 7.67 -5.15 2.09
CA GLY A 628 6.39 -5.05 2.76
C GLY A 628 6.24 -6.03 3.90
N MET A 629 6.72 -7.26 3.70
CA MET A 629 6.64 -8.26 4.75
C MET A 629 7.43 -7.83 5.97
N ILE A 630 8.65 -7.33 5.76
CA ILE A 630 9.45 -6.93 6.91
C ILE A 630 8.86 -5.70 7.59
N TYR A 631 8.30 -4.78 6.80
CA TYR A 631 7.66 -3.61 7.40
C TYR A 631 6.51 -4.03 8.31
N LYS A 632 5.60 -4.86 7.79
CA LYS A 632 4.46 -5.27 8.61
C LYS A 632 4.89 -6.12 9.80
N TYR A 633 5.94 -6.92 9.66
CA TYR A 633 6.40 -7.72 10.80
C TYR A 633 6.98 -6.84 11.88
N ILE A 634 7.76 -5.82 11.50
CA ILE A 634 8.28 -4.88 12.49
C ILE A 634 7.14 -4.17 13.20
N GLU A 635 6.14 -3.74 12.44
CA GLU A 635 5.02 -3.03 13.04
C GLU A 635 4.27 -3.92 14.03
N TYR A 636 4.01 -5.17 13.65
CA TYR A 636 3.31 -6.08 14.54
C TYR A 636 4.11 -6.35 15.82
N GLN A 637 5.42 -6.57 15.68
CA GLN A 637 6.20 -6.86 16.87
C GLN A 637 6.29 -5.65 17.79
N GLY A 638 6.42 -4.45 17.22
CA GLY A 638 6.43 -3.26 18.04
C GLY A 638 5.12 -3.06 18.77
N ALA A 639 4.01 -3.30 18.09
CA ALA A 639 2.70 -3.20 18.74
C ALA A 639 2.60 -4.20 19.90
N GLU A 640 3.03 -5.43 19.68
CA GLU A 640 2.97 -6.42 20.74
C GLU A 640 3.88 -6.06 21.90
N LYS A 641 4.95 -5.32 21.64
CA LYS A 641 5.85 -4.95 22.73
C LYS A 641 5.37 -3.73 23.51
N GLU A 642 4.68 -2.79 22.86
CA GLU A 642 4.24 -1.59 23.55
C GLU A 642 3.00 -1.85 24.41
N TRP A 643 2.00 -2.53 23.86
CA TRP A 643 0.70 -2.64 24.48
C TRP A 643 0.45 -4.01 25.12
N GLY A 644 0.64 -5.08 24.37
CA GLY A 644 0.44 -6.41 24.93
C GLY A 644 -0.22 -7.40 24.00
N ASP A 645 -1.04 -6.92 23.08
CA ASP A 645 -1.72 -7.77 22.13
C ASP A 645 -1.30 -7.40 20.71
N GLY A 646 -1.53 -8.33 19.78
CA GLY A 646 -1.16 -8.11 18.40
C GLY A 646 -2.13 -7.23 17.62
N ILE A 647 -3.36 -7.71 17.46
CA ILE A 647 -4.33 -6.98 16.63
C ILE A 647 -4.85 -5.76 17.37
N ARG A 648 -5.33 -5.95 18.60
CA ARG A 648 -5.77 -4.82 19.40
C ARG A 648 -4.63 -3.84 19.63
N GLY A 649 -3.41 -4.34 19.75
CA GLY A 649 -2.26 -3.46 19.84
C GLY A 649 -2.07 -2.64 18.58
N LEU A 650 -2.29 -3.24 17.41
CA LEU A 650 -2.21 -2.49 16.17
C LEU A 650 -3.20 -1.33 16.16
N SER A 651 -4.44 -1.60 16.59
CA SER A 651 -5.45 -0.56 16.61
C SER A 651 -5.09 0.55 17.59
N LEU A 652 -4.62 0.17 18.78
CA LEU A 652 -4.22 1.18 19.77
C LEU A 652 -3.10 2.04 19.24
N SER A 653 -2.11 1.44 18.57
CA SER A 653 -1.00 2.22 18.03
C SER A 653 -1.45 3.17 16.93
N ALA A 654 -2.33 2.71 16.05
CA ALA A 654 -2.84 3.60 15.01
C ALA A 654 -3.59 4.77 15.62
N ALA A 655 -4.42 4.51 16.62
CA ALA A 655 -5.17 5.58 17.26
C ALA A 655 -4.24 6.59 17.93
N ARG A 656 -3.24 6.09 18.66
CA ARG A 656 -2.34 7.01 19.36
C ARG A 656 -1.53 7.82 18.37
N TYR A 657 -1.06 7.21 17.29
CA TYR A 657 -0.29 7.94 16.29
C TYR A 657 -1.14 9.04 15.67
N ALA A 658 -2.39 8.71 15.31
CA ALA A 658 -3.24 9.72 14.69
C ALA A 658 -3.52 10.87 15.64
N LEU A 659 -3.81 10.57 16.91
CA LEU A 659 -4.08 11.64 17.85
C LEU A 659 -2.86 12.52 18.09
N LEU A 660 -1.68 11.91 18.23
CA LEU A 660 -0.47 12.68 18.46
C LEU A 660 -0.15 13.56 17.27
N ARG A 661 -0.34 13.05 16.06
CA ARG A 661 -0.05 13.85 14.88
C ARG A 661 -1.05 14.99 14.75
N LEU A 662 -2.31 14.72 15.10
CA LEU A 662 -3.36 15.72 15.03
C LEU A 662 -3.22 16.78 16.10
N GLU A 663 -2.43 16.51 17.15
CA GLU A 663 -2.26 17.49 18.23
C GLU A 663 -1.69 18.80 17.71
N GLU A 664 -0.56 18.74 17.01
CA GLU A 664 0.11 19.94 16.56
C GLU A 664 -0.64 20.56 15.38
N GLY A 665 -0.44 21.86 15.18
CA GLY A 665 -1.07 22.56 14.09
C GLY A 665 -2.20 23.44 14.57
N PRO A 666 -2.67 24.35 13.72
CA PRO A 666 -3.77 25.23 14.10
C PRO A 666 -5.00 24.40 14.44
N PRO A 667 -5.62 24.66 15.60
CA PRO A 667 -6.70 23.80 16.06
C PRO A 667 -8.08 24.24 15.59
N HIS A 668 -8.14 24.97 14.48
CA HIS A 668 -9.40 25.45 13.93
C HIS A 668 -9.59 24.95 12.52
N THR A 669 -10.77 24.40 12.25
CA THR A 669 -11.13 23.89 10.94
C THR A 669 -11.85 24.98 10.14
N LYS A 670 -11.57 25.04 8.84
CA LYS A 670 -12.20 26.07 8.01
C LYS A 670 -13.71 25.95 7.97
N ASN A 671 -14.25 24.77 8.24
CA ASN A 671 -15.69 24.52 8.25
C ASN A 671 -16.14 24.15 9.66
N TRP A 672 -17.44 24.14 9.87
CA TRP A 672 -18.02 23.80 11.16
C TRP A 672 -19.08 22.73 10.99
N ARG A 673 -18.84 21.55 11.55
CA ARG A 673 -19.81 20.48 11.58
C ARG A 673 -20.09 20.10 13.03
N PRO A 674 -21.35 19.91 13.41
CA PRO A 674 -21.67 19.60 14.81
C PRO A 674 -21.13 18.24 15.21
N GLN A 675 -20.34 18.22 16.28
CA GLN A 675 -19.89 16.99 16.93
C GLN A 675 -20.47 17.00 18.33
N LEU A 676 -21.47 16.16 18.56
CA LEU A 676 -22.36 16.31 19.69
C LEU A 676 -21.88 15.59 20.94
N LEU A 677 -22.38 16.06 22.08
CA LEU A 677 -22.29 15.36 23.35
C LEU A 677 -23.71 15.27 23.89
N VAL A 678 -24.32 14.09 23.82
CA VAL A 678 -25.71 13.90 24.20
C VAL A 678 -25.78 13.61 25.69
N LEU A 679 -26.25 14.57 26.47
CA LEU A 679 -26.35 14.37 27.91
C LEU A 679 -27.65 13.65 28.25
N LEU A 680 -27.62 12.32 28.36
CA LEU A 680 -28.80 11.55 28.71
C LEU A 680 -29.07 11.62 30.21
N LYS A 681 -30.32 11.43 30.60
CA LYS A 681 -30.69 11.44 32.01
C LYS A 681 -31.18 10.04 32.37
N LEU A 682 -30.44 9.36 33.23
CA LEU A 682 -30.84 8.02 33.65
C LEU A 682 -31.89 8.09 34.75
N ASP A 683 -32.72 7.05 34.80
CA ASP A 683 -33.79 6.96 35.78
C ASP A 683 -33.24 6.46 37.12
N GLU A 684 -34.11 6.44 38.13
CA GLU A 684 -33.71 5.95 39.44
C GLU A 684 -33.38 4.46 39.39
N ASP A 685 -33.98 3.74 38.44
CA ASP A 685 -33.69 2.32 38.20
C ASP A 685 -32.70 2.14 37.06
N LEU A 686 -32.00 3.21 36.68
CA LEU A 686 -30.96 3.17 35.65
C LEU A 686 -31.52 2.74 34.29
N HIS A 687 -32.55 3.44 33.85
CA HIS A 687 -33.10 3.30 32.51
C HIS A 687 -33.12 4.66 31.84
N VAL A 688 -32.88 4.68 30.53
CA VAL A 688 -32.84 5.94 29.79
C VAL A 688 -34.22 6.59 29.84
N LYS A 689 -34.29 7.80 30.38
CA LYS A 689 -35.58 8.47 30.51
C LYS A 689 -36.14 8.86 29.15
N TYR A 690 -35.36 9.55 28.33
CA TYR A 690 -35.78 10.01 27.00
C TYR A 690 -34.90 9.34 25.95
N PRO A 691 -35.25 8.13 25.51
CA PRO A 691 -34.47 7.47 24.47
C PRO A 691 -34.64 8.08 23.09
N ARG A 692 -35.39 9.17 22.98
CA ARG A 692 -35.54 9.84 21.69
C ARG A 692 -34.39 10.79 21.40
N LEU A 693 -33.66 11.23 22.43
CA LEU A 693 -32.49 12.07 22.18
C LEU A 693 -31.46 11.33 21.34
N LEU A 694 -31.26 10.04 21.62
CA LEU A 694 -30.32 9.26 20.82
C LEU A 694 -30.81 9.12 19.38
N THR A 695 -32.11 8.93 19.19
CA THR A 695 -32.66 8.86 17.84
C THR A 695 -32.42 10.15 17.09
N PHE A 696 -32.68 11.28 17.73
CA PHE A 696 -32.49 12.58 17.07
C PHE A 696 -31.02 12.82 16.75
N ALA A 697 -30.12 12.42 17.66
CA ALA A 697 -28.70 12.57 17.38
C ALA A 697 -28.29 11.71 16.21
N SER A 698 -28.85 10.50 16.11
CA SER A 698 -28.52 9.65 14.97
C SER A 698 -29.07 10.21 13.67
N GLN A 699 -30.21 10.89 13.72
CA GLN A 699 -30.75 11.51 12.52
C GLN A 699 -29.94 12.74 12.11
N LEU A 700 -29.37 13.45 13.09
CA LEU A 700 -28.63 14.67 12.78
C LEU A 700 -27.20 14.38 12.37
N LYS A 701 -26.62 13.29 12.84
CA LYS A 701 -25.25 12.94 12.44
C LYS A 701 -25.22 12.01 11.24
N ALA A 702 -26.17 11.08 11.16
CA ALA A 702 -26.24 10.09 10.08
C ALA A 702 -25.02 9.17 10.08
N GLY A 703 -24.58 8.79 11.28
CA GLY A 703 -23.54 7.79 11.41
C GLY A 703 -22.15 8.22 11.00
N LYS A 704 -21.90 9.52 10.86
CA LYS A 704 -20.58 10.01 10.46
C LYS A 704 -20.21 11.20 11.34
N GLY A 705 -19.10 11.10 12.04
CA GLY A 705 -18.65 12.13 12.95
C GLY A 705 -18.40 11.54 14.31
N LEU A 706 -18.30 12.41 15.30
CA LEU A 706 -18.09 12.01 16.68
C LEU A 706 -19.35 12.28 17.48
N THR A 707 -19.72 11.31 18.31
CA THR A 707 -20.90 11.44 19.17
C THR A 707 -20.60 10.74 20.49
N ILE A 708 -20.32 11.52 21.52
CA ILE A 708 -20.10 11.02 22.86
C ILE A 708 -21.40 11.11 23.63
N VAL A 709 -21.66 10.13 24.48
CA VAL A 709 -22.92 10.04 25.21
C VAL A 709 -22.59 9.92 26.68
N GLY A 710 -22.66 11.03 27.41
CA GLY A 710 -22.35 11.03 28.82
C GLY A 710 -23.59 10.99 29.68
N SER A 711 -23.37 10.70 30.97
CA SER A 711 -24.43 10.66 31.95
C SER A 711 -23.82 10.62 33.33
N VAL A 712 -24.47 11.29 34.28
CA VAL A 712 -24.00 11.38 35.66
C VAL A 712 -24.89 10.52 36.54
N ILE A 713 -24.29 9.85 37.51
CA ILE A 713 -24.99 9.00 38.47
C ILE A 713 -24.66 9.50 39.86
N GLN A 714 -25.67 9.98 40.57
CA GLN A 714 -25.44 10.52 41.91
C GLN A 714 -25.08 9.41 42.88
N GLY A 715 -24.21 9.74 43.83
CA GLY A 715 -23.80 8.81 44.86
C GLY A 715 -22.34 9.01 45.24
N SEP A 716 -21.65 7.92 45.47
CA SEP A 716 -20.25 7.96 45.86
CB SEP A 716 -20.11 7.73 47.37
OG SEP A 716 -18.81 7.29 47.69
C SEP A 716 -19.49 6.91 45.09
O SEP A 716 -19.99 5.79 44.95
P SEP A 716 -18.62 7.30 49.29
O1P SEP A 716 -18.61 5.78 49.83
O2P SEP A 716 -19.84 8.10 49.97
O3P SEP A 716 -17.22 8.01 49.66
N PHE A 717 -18.31 7.24 44.58
CA PHE A 717 -17.55 6.27 43.81
C PHE A 717 -17.09 5.08 44.64
N LEU A 718 -16.65 5.36 45.86
CA LEU A 718 -16.08 4.30 46.71
C LEU A 718 -17.02 3.11 46.85
N GLU A 719 -18.33 3.31 46.69
CA GLU A 719 -19.26 2.19 46.82
C GLU A 719 -20.20 2.03 45.64
N SER A 720 -19.93 2.67 44.49
CA SER A 720 -20.86 2.58 43.37
C SER A 720 -20.11 2.42 42.04
N TYR A 721 -19.33 1.35 41.92
CA TYR A 721 -18.67 1.07 40.65
C TYR A 721 -19.50 0.14 39.78
N GLY A 722 -20.15 -0.85 40.39
CA GLY A 722 -20.93 -1.80 39.61
C GLY A 722 -22.10 -1.12 38.95
N GLU A 723 -22.70 -0.14 39.64
CA GLU A 723 -23.80 0.62 39.06
C GLU A 723 -23.33 1.35 37.81
N ALA A 724 -22.12 1.92 37.87
CA ALA A 724 -21.59 2.64 36.72
C ALA A 724 -21.36 1.70 35.55
N GLN A 725 -20.81 0.51 35.82
CA GLN A 725 -20.56 -0.42 34.72
C GLN A 725 -21.87 -0.91 34.11
N ALA A 726 -22.87 -1.21 34.96
CA ALA A 726 -24.16 -1.65 34.46
C ALA A 726 -24.82 -0.56 33.62
N ALA A 727 -24.79 0.68 34.09
CA ALA A 727 -25.39 1.77 33.32
C ALA A 727 -24.65 1.97 32.01
N GLU A 728 -23.34 1.78 32.00
CA GLU A 728 -22.59 1.91 30.76
C GLU A 728 -23.02 0.85 29.76
N GLN A 729 -23.18 -0.39 30.21
CA GLN A 729 -23.65 -1.44 29.31
C GLN A 729 -25.05 -1.15 28.81
N THR A 730 -25.93 -0.65 29.68
CA THR A 730 -27.29 -0.31 29.29
C THR A 730 -27.29 0.74 28.19
N ILE A 731 -26.53 1.81 28.39
CA ILE A 731 -26.48 2.87 27.39
C ILE A 731 -25.87 2.36 26.10
N LYS A 732 -24.87 1.48 26.19
CA LYS A 732 -24.28 0.93 24.98
C LYS A 732 -25.29 0.14 24.18
N ASN A 733 -26.11 -0.68 24.84
CA ASN A 733 -27.13 -1.43 24.13
C ASN A 733 -28.16 -0.51 23.51
N MET A 734 -28.69 0.42 24.30
CA MET A 734 -29.71 1.34 23.78
C MET A 734 -29.18 2.17 22.63
N MET A 735 -27.88 2.47 22.62
CA MET A 735 -27.26 3.23 21.55
C MET A 735 -27.00 2.37 20.32
N GLU A 736 -26.71 1.10 20.52
CA GLU A 736 -26.59 0.18 19.38
C GLU A 736 -27.94 -0.01 18.70
N ILE A 737 -29.03 0.01 19.46
CA ILE A 737 -30.35 -0.20 18.88
C ILE A 737 -30.70 0.95 17.94
N GLU A 738 -30.50 2.18 18.39
CA GLU A 738 -30.88 3.37 17.61
C GLU A 738 -29.93 3.66 16.46
N LYS A 739 -28.92 2.83 16.24
CA LYS A 739 -27.97 2.96 15.14
C LYS A 739 -27.27 4.32 15.15
N VAL A 740 -26.49 4.54 16.21
CA VAL A 740 -25.61 5.70 16.32
C VAL A 740 -24.26 5.21 16.81
N LYS A 741 -23.20 5.52 16.07
CA LYS A 741 -21.86 5.03 16.35
C LYS A 741 -21.14 6.04 17.22
N GLY A 742 -21.01 5.73 18.51
CA GLY A 742 -20.36 6.66 19.42
C GLY A 742 -19.87 5.96 20.66
N PHE A 743 -19.09 6.72 21.42
CA PHE A 743 -18.53 6.30 22.70
C PHE A 743 -19.48 6.68 23.82
N CYS A 744 -19.26 6.10 25.01
CA CYS A 744 -20.16 6.32 26.13
C CYS A 744 -19.37 6.46 27.41
N GLN A 745 -19.53 7.60 28.07
CA GLN A 745 -18.88 7.91 29.34
C GLN A 745 -19.92 7.93 30.45
N VAL A 746 -19.62 7.30 31.59
CA VAL A 746 -20.46 7.38 32.77
C VAL A 746 -19.60 7.75 33.97
N VAL A 747 -19.97 8.81 34.68
CA VAL A 747 -19.23 9.25 35.85
C VAL A 747 -20.15 9.20 37.06
N VAL A 748 -19.55 9.04 38.23
CA VAL A 748 -20.28 8.97 39.50
C VAL A 748 -19.89 10.19 40.31
N ALA A 749 -20.82 11.13 40.44
CA ALA A 749 -20.55 12.37 41.15
C ALA A 749 -21.34 12.41 42.46
N SER A 750 -21.09 13.46 43.24
CA SER A 750 -21.84 13.67 44.47
C SER A 750 -23.08 14.53 44.24
N LYS A 751 -22.96 15.58 43.44
CA LYS A 751 -24.09 16.36 42.97
C LYS A 751 -24.07 16.40 41.45
N VAL A 752 -25.24 16.26 40.84
CA VAL A 752 -25.33 16.13 39.39
C VAL A 752 -24.83 17.38 38.67
N ARG A 753 -24.87 18.54 39.33
CA ARG A 753 -24.46 19.78 38.68
C ARG A 753 -22.98 19.75 38.32
N GLU A 754 -22.12 19.47 39.30
CA GLU A 754 -20.70 19.43 39.03
C GLU A 754 -20.32 18.26 38.14
N GLY A 755 -21.04 17.15 38.26
CA GLY A 755 -20.83 16.06 37.32
C GLY A 755 -21.07 16.49 35.88
N LEU A 756 -22.17 17.21 35.65
CA LEU A 756 -22.46 17.72 34.32
C LEU A 756 -21.38 18.68 33.84
N ALA A 757 -20.90 19.54 34.74
CA ALA A 757 -19.85 20.48 34.35
C ALA A 757 -18.58 19.76 33.94
N HIS A 758 -18.10 18.83 34.79
CA HIS A 758 -16.90 18.09 34.44
CA HIS A 758 -16.92 18.04 34.45
C HIS A 758 -17.09 17.30 33.14
N LEU A 759 -18.29 16.80 32.91
CA LEU A 759 -18.53 16.06 31.67
C LEU A 759 -18.49 17.00 30.46
N ILE A 760 -18.96 18.22 30.64
CA ILE A 760 -19.00 19.18 29.53
C ILE A 760 -17.58 19.60 29.16
N GLN A 761 -16.75 19.87 30.15
CA GLN A 761 -15.43 20.43 29.86
C GLN A 761 -14.35 19.37 29.67
N SER A 762 -14.62 18.10 29.93
CA SER A 762 -13.59 17.06 29.80
C SER A 762 -14.21 15.81 29.17
N CYS A 763 -14.18 15.74 27.84
CA CYS A 763 -14.65 14.55 27.13
C CYS A 763 -13.92 14.49 25.79
N GLY A 764 -13.08 13.47 25.62
CA GLY A 764 -12.28 13.32 24.44
C GLY A 764 -10.82 13.17 24.78
N LEU A 765 -9.99 13.12 23.73
CA LEU A 765 -8.56 12.94 23.88
C LEU A 765 -7.83 13.87 22.91
N GLY A 766 -7.37 15.01 23.40
CA GLY A 766 -6.64 15.92 22.56
C GLY A 766 -7.51 16.64 21.55
N GLY A 767 -7.37 16.28 20.27
CA GLY A 767 -8.11 16.94 19.22
C GLY A 767 -9.46 16.35 18.93
N MET A 768 -9.76 15.17 19.47
CA MET A 768 -11.06 14.53 19.25
C MET A 768 -12.01 14.97 20.34
N ARG A 769 -12.40 16.24 20.26
CA ARG A 769 -13.27 16.88 21.24
C ARG A 769 -14.60 17.21 20.61
N HIS A 770 -15.60 17.38 21.45
CA HIS A 770 -16.92 17.78 21.01
C HIS A 770 -16.97 19.30 20.85
N ASN A 771 -17.97 19.77 20.11
CA ASN A 771 -18.20 21.21 20.00
C ASN A 771 -19.68 21.52 19.95
N SER A 772 -20.51 20.71 20.59
CA SER A 772 -21.94 20.92 20.62
C SER A 772 -22.54 20.07 21.71
N VAL A 773 -23.44 20.66 22.49
CA VAL A 773 -24.07 19.98 23.62
C VAL A 773 -25.57 19.96 23.39
N VAL A 774 -26.15 18.77 23.25
CA VAL A 774 -27.58 18.63 23.01
C VAL A 774 -28.22 18.08 24.29
N LEU A 775 -28.89 18.97 25.02
CA LEU A 775 -29.57 18.61 26.24
C LEU A 775 -31.07 18.82 26.09
N GLY A 776 -31.86 18.02 26.80
CA GLY A 776 -33.29 18.12 26.73
C GLY A 776 -33.84 19.28 27.53
N TRP A 777 -35.16 19.35 27.57
CA TRP A 777 -35.98 20.34 28.24
C TRP A 777 -36.50 19.80 29.57
N PRO A 778 -36.58 20.64 30.62
CA PRO A 778 -37.11 20.16 31.90
C PRO A 778 -38.64 20.17 31.89
N TYR A 779 -39.23 18.99 32.05
CA TYR A 779 -40.67 18.85 32.08
C TYR A 779 -41.16 18.87 33.52
N GLY A 780 -42.31 19.49 33.73
CA GLY A 780 -42.87 19.57 35.06
C GLY A 780 -42.07 20.40 36.02
N TRP A 781 -41.37 21.42 35.53
CA TRP A 781 -40.59 22.27 36.42
C TRP A 781 -41.49 23.17 37.25
N ARG A 782 -42.51 23.76 36.62
CA ARG A 782 -43.43 24.61 37.35
C ARG A 782 -44.49 23.80 38.08
N GLN A 783 -44.77 22.58 37.63
CA GLN A 783 -45.77 21.75 38.29
C GLN A 783 -45.32 21.39 39.70
N SER A 784 -44.14 20.80 39.83
CA SER A 784 -43.65 20.38 41.13
C SER A 784 -43.14 21.57 41.92
N GLU A 785 -43.01 21.38 43.22
CA GLU A 785 -42.50 22.43 44.10
C GLU A 785 -40.98 22.46 44.20
N ASP A 786 -40.30 21.32 44.03
CA ASP A 786 -38.84 21.25 44.08
C ASP A 786 -38.21 22.24 43.11
N PRO A 787 -37.50 23.26 43.61
CA PRO A 787 -36.97 24.30 42.72
C PRO A 787 -35.85 23.83 41.82
N ARG A 788 -35.22 22.70 42.16
CA ARG A 788 -34.07 22.18 41.43
C ARG A 788 -34.39 21.78 39.99
N ALA A 789 -35.67 21.68 39.62
CA ALA A 789 -36.02 21.31 38.26
C ALA A 789 -35.35 22.22 37.23
N TRP A 790 -35.42 23.54 37.44
CA TRP A 790 -34.97 24.47 36.42
C TRP A 790 -33.64 25.12 36.75
N LYS A 791 -33.10 24.86 37.94
CA LYS A 791 -31.78 25.39 38.27
C LYS A 791 -30.69 24.58 37.60
N THR A 792 -30.85 23.26 37.54
CA THR A 792 -29.88 22.44 36.82
C THR A 792 -29.85 22.81 35.34
N PHE A 793 -31.03 23.00 34.74
CA PHE A 793 -31.10 23.37 33.34
C PHE A 793 -30.41 24.71 33.09
N ILE A 794 -30.74 25.72 33.90
CA ILE A 794 -30.12 27.03 33.68
C ILE A 794 -28.62 26.97 33.92
N ASP A 795 -28.19 26.17 34.90
CA ASP A 795 -26.76 26.06 35.18
C ASP A 795 -26.01 25.37 34.06
N THR A 796 -26.59 24.32 33.49
CA THR A 796 -25.94 23.66 32.35
C THR A 796 -25.91 24.59 31.14
N VAL A 797 -26.95 25.39 30.93
CA VAL A 797 -26.94 26.33 29.82
C VAL A 797 -25.82 27.35 30.01
N ARG A 798 -25.72 27.92 31.22
CA ARG A 798 -24.68 28.91 31.48
C ARG A 798 -23.29 28.30 31.43
N CYS A 799 -23.16 27.02 31.80
CA CYS A 799 -21.85 26.38 31.76
C CYS A 799 -21.44 25.98 30.36
N THR A 800 -22.40 25.72 29.48
CA THR A 800 -22.06 25.41 28.09
C THR A 800 -21.93 26.64 27.23
N THR A 801 -22.38 27.81 27.70
CA THR A 801 -22.14 29.03 26.95
C THR A 801 -20.81 29.69 27.31
N ALA A 802 -20.23 29.34 28.45
CA ALA A 802 -18.93 29.87 28.86
C ALA A 802 -17.77 29.04 28.34
N ALA A 803 -18.04 27.89 27.76
CA ALA A 803 -17.02 27.08 27.12
C ALA A 803 -17.01 27.27 25.62
N HIS A 804 -17.83 28.18 25.11
CA HIS A 804 -17.97 28.44 23.69
C HIS A 804 -18.31 27.15 22.93
N LEU A 805 -19.47 26.59 23.28
CA LEU A 805 -20.02 25.41 22.64
C LEU A 805 -21.42 25.73 22.14
N ALA A 806 -21.79 25.10 21.04
CA ALA A 806 -23.14 25.26 20.54
C ALA A 806 -24.13 24.56 21.47
N LEU A 807 -25.41 24.79 21.25
CA LEU A 807 -26.43 24.29 22.16
C LEU A 807 -27.67 23.93 21.38
N LEU A 808 -28.19 22.73 21.62
CA LEU A 808 -29.39 22.24 20.95
C LEU A 808 -30.34 21.74 22.01
N VAL A 809 -31.48 22.41 22.17
CA VAL A 809 -32.44 22.07 23.21
C VAL A 809 -33.73 21.58 22.58
N PRO A 810 -33.82 20.33 22.15
CA PRO A 810 -35.06 19.84 21.53
C PRO A 810 -36.22 19.79 22.50
N LYS A 811 -37.21 20.66 22.29
CA LYS A 811 -38.40 20.69 23.12
C LYS A 811 -39.40 19.67 22.59
N ASN A 812 -40.22 19.13 23.49
CA ASN A 812 -41.21 18.12 23.16
C ASN A 812 -40.58 16.96 22.42
N ILE A 813 -39.65 16.30 23.11
CA ILE A 813 -38.90 15.20 22.51
C ILE A 813 -39.74 13.93 22.38
N ALA A 814 -40.91 13.89 23.01
CA ALA A 814 -41.75 12.70 22.92
C ALA A 814 -42.54 12.63 21.62
N PHE A 815 -42.56 13.70 20.82
CA PHE A 815 -43.29 13.71 19.57
C PHE A 815 -42.38 13.64 18.35
N TYR A 816 -41.09 13.45 18.55
CA TYR A 816 -40.18 13.39 17.43
C TYR A 816 -40.29 12.04 16.73
N PRO A 817 -40.08 12.01 15.42
CA PRO A 817 -40.25 10.76 14.68
C PRO A 817 -39.17 9.75 15.02
N SER A 818 -39.47 8.49 14.76
CA SER A 818 -38.50 7.42 14.91
C SER A 818 -37.83 7.15 13.57
N ASN A 819 -36.96 6.15 13.54
CA ASN A 819 -36.27 5.84 12.30
C ASN A 819 -37.15 5.08 11.32
N HIS A 820 -38.08 4.26 11.82
CA HIS A 820 -39.00 3.55 10.94
C HIS A 820 -40.06 4.47 10.37
N GLU A 821 -40.36 5.57 11.06
CA GLU A 821 -41.33 6.54 10.58
C GLU A 821 -40.83 7.18 9.30
N ARG A 822 -41.76 7.67 8.51
CA ARG A 822 -41.42 8.39 7.28
C ARG A 822 -42.35 9.57 7.13
N TYR A 823 -41.86 10.62 6.49
CA TYR A 823 -42.63 11.83 6.25
C TYR A 823 -42.83 11.98 4.75
N LEU A 824 -44.07 12.23 4.35
CA LEU A 824 -44.42 12.41 2.95
C LEU A 824 -44.87 13.82 2.64
N GLU A 825 -45.73 14.39 3.49
CA GLU A 825 -46.21 15.75 3.34
C GLU A 825 -45.83 16.52 4.60
N GLY A 826 -45.23 17.68 4.41
CA GLY A 826 -44.79 18.50 5.52
C GLY A 826 -43.74 19.47 5.05
N HIS A 827 -43.50 20.48 5.90
CA HIS A 827 -42.52 21.51 5.53
C HIS A 827 -41.80 22.01 6.77
N ILE A 828 -40.47 21.90 6.76
CA ILE A 828 -39.68 22.42 7.88
C ILE A 828 -39.79 23.93 7.88
N ASP A 829 -39.87 24.52 9.07
CA ASP A 829 -39.99 25.96 9.21
C ASP A 829 -38.79 26.48 10.00
N VAL A 830 -38.13 27.48 9.47
CA VAL A 830 -36.99 28.13 10.11
C VAL A 830 -37.40 29.56 10.41
N TRP A 831 -37.09 30.02 11.62
CA TRP A 831 -37.51 31.34 12.06
C TRP A 831 -36.34 32.14 12.58
N TRP A 832 -35.25 32.16 11.82
CA TRP A 832 -34.04 32.86 12.22
C TRP A 832 -34.36 34.32 12.51
N ILE A 833 -34.10 34.75 13.74
CA ILE A 833 -34.54 36.07 14.17
C ILE A 833 -33.45 37.13 13.97
N VAL A 834 -32.32 37.00 14.66
CA VAL A 834 -31.25 37.98 14.46
C VAL A 834 -29.90 37.29 14.24
N HIS A 835 -29.42 36.58 15.25
CA HIS A 835 -28.09 36.01 15.23
C HIS A 835 -28.15 34.51 14.94
N ASP A 836 -26.98 33.89 14.96
CA ASP A 836 -26.84 32.44 14.78
C ASP A 836 -27.40 32.00 13.44
N GLY A 837 -27.05 32.74 12.38
CA GLY A 837 -27.55 32.44 11.06
C GLY A 837 -26.87 31.25 10.41
N GLY A 838 -25.56 31.16 10.57
CA GLY A 838 -24.83 30.06 9.96
C GLY A 838 -25.37 28.70 10.37
N MET A 839 -25.45 28.45 11.68
CA MET A 839 -25.94 27.16 12.12
C MET A 839 -27.44 27.02 11.91
N LEU A 840 -28.20 28.12 12.00
CA LEU A 840 -29.63 28.01 11.73
C LEU A 840 -29.90 27.66 10.28
N MET A 841 -28.93 27.89 9.39
CA MET A 841 -29.10 27.55 7.99
C MET A 841 -28.46 26.22 7.65
N LEU A 842 -27.49 25.79 8.45
CA LEU A 842 -26.80 24.52 8.23
C LEU A 842 -27.51 23.34 8.88
N LEU A 843 -28.27 23.57 9.95
CA LEU A 843 -28.93 22.46 10.62
C LEU A 843 -30.02 21.83 9.77
N PRO A 844 -30.95 22.58 9.16
CA PRO A 844 -32.02 21.93 8.41
C PRO A 844 -31.49 21.17 7.21
N PHE A 845 -30.40 21.62 6.60
CA PHE A 845 -29.81 20.92 5.47
C PHE A 845 -29.30 19.54 5.91
N LEU A 846 -28.45 19.53 6.94
CA LEU A 846 -27.97 18.26 7.48
C LEU A 846 -29.10 17.39 7.97
N LEU A 847 -30.21 18.00 8.38
CA LEU A 847 -31.36 17.24 8.84
C LEU A 847 -32.06 16.56 7.68
N ARG A 848 -32.43 17.35 6.66
CA ARG A 848 -33.09 16.82 5.48
C ARG A 848 -32.21 15.83 4.73
N GLN A 849 -30.91 15.82 4.99
CA GLN A 849 -30.07 14.83 4.34
C GLN A 849 -30.42 13.41 4.75
N HIS A 850 -31.27 13.24 5.76
CA HIS A 850 -31.72 11.94 6.23
C HIS A 850 -33.00 11.54 5.52
N LYS A 851 -33.20 10.23 5.37
CA LYS A 851 -34.37 9.72 4.68
C LYS A 851 -35.68 10.03 5.40
N VAL A 852 -35.64 10.27 6.71
CA VAL A 852 -36.89 10.59 7.42
C VAL A 852 -37.42 11.94 7.00
N TRP A 853 -36.53 12.92 6.80
CA TRP A 853 -36.91 14.24 6.28
C TRP A 853 -36.44 14.42 4.85
N ARG A 854 -36.44 13.34 4.07
CA ARG A 854 -35.78 13.35 2.76
C ARG A 854 -36.35 14.41 1.82
N LYS A 855 -37.64 14.72 1.92
CA LYS A 855 -38.24 15.70 1.02
C LYS A 855 -39.12 16.72 1.72
N CYS A 856 -38.87 16.98 3.01
CA CYS A 856 -39.62 18.03 3.69
C CYS A 856 -39.21 19.41 3.18
N ARG A 857 -40.22 20.18 2.78
CA ARG A 857 -40.00 21.53 2.26
C ARG A 857 -39.44 22.45 3.34
N MET A 858 -38.43 23.23 2.98
CA MET A 858 -37.86 24.20 3.91
C MET A 858 -38.35 25.61 3.59
N ARG A 859 -38.76 26.34 4.62
CA ARG A 859 -39.21 27.71 4.47
C ARG A 859 -38.43 28.61 5.42
N ILE A 860 -37.69 29.57 4.89
CA ILE A 860 -36.88 30.47 5.69
C ILE A 860 -37.69 31.72 6.02
N PHE A 861 -38.05 31.89 7.28
CA PHE A 861 -38.79 33.05 7.75
C PHE A 861 -37.81 33.93 8.52
N THR A 862 -37.71 35.20 8.13
CA THR A 862 -36.80 36.14 8.78
C THR A 862 -37.58 37.32 9.31
N VAL A 863 -37.68 37.45 10.63
CA VAL A 863 -38.38 38.54 11.27
C VAL A 863 -37.89 39.89 10.73
N ASN A 869 -32.90 47.14 3.56
CA ASN A 869 -33.91 46.94 2.53
C ASN A 869 -34.31 45.47 2.46
N SER A 870 -35.62 45.23 2.38
CA SER A 870 -36.12 43.85 2.29
C SER A 870 -35.63 43.16 1.03
N ILE A 871 -35.63 43.87 -0.10
CA ILE A 871 -35.16 43.27 -1.35
C ILE A 871 -33.68 42.89 -1.23
N GLN A 872 -32.89 43.77 -0.62
CA GLN A 872 -31.47 43.47 -0.43
C GLN A 872 -31.30 42.25 0.47
N MET A 873 -32.09 42.18 1.53
CA MET A 873 -32.01 41.03 2.44
C MET A 873 -32.35 39.74 1.69
N LYS A 874 -33.40 39.77 0.87
CA LYS A 874 -33.76 38.58 0.12
C LYS A 874 -32.66 38.19 -0.84
N LYS A 875 -32.05 39.17 -1.51
CA LYS A 875 -30.97 38.89 -2.45
C LYS A 875 -29.78 38.26 -1.74
N ASP A 876 -29.47 38.73 -0.53
CA ASP A 876 -28.36 38.17 0.22
C ASP A 876 -28.66 36.74 0.67
N LEU A 877 -29.83 36.54 1.27
CA LEU A 877 -30.22 35.19 1.68
C LEU A 877 -30.18 34.23 0.48
N ALA A 878 -30.65 34.69 -0.68
CA ALA A 878 -30.65 33.83 -1.86
C ALA A 878 -29.24 33.51 -2.34
N VAL A 879 -28.36 34.51 -2.39
CA VAL A 879 -26.99 34.23 -2.82
C VAL A 879 -26.33 33.27 -1.85
N PHE A 880 -26.57 33.44 -0.55
CA PHE A 880 -26.02 32.51 0.44
C PHE A 880 -26.57 31.12 0.23
N LEU A 881 -27.87 31.01 -0.05
CA LEU A 881 -28.53 29.73 -0.27
C LEU A 881 -28.02 29.04 -1.52
N TYR A 882 -27.50 29.80 -2.49
CA TYR A 882 -26.99 29.18 -3.72
C TYR A 882 -25.85 28.23 -3.42
N HIS A 883 -24.92 28.64 -2.55
CA HIS A 883 -23.81 27.76 -2.20
C HIS A 883 -24.32 26.51 -1.48
N LEU A 884 -25.25 26.69 -0.55
CA LEU A 884 -25.84 25.55 0.15
C LEU A 884 -26.64 24.68 -0.82
N ARG A 885 -27.31 25.31 -1.79
CA ARG A 885 -28.15 24.72 -2.84
C ARG A 885 -29.50 24.24 -2.31
N LEU A 886 -29.87 24.64 -1.08
CA LEU A 886 -31.17 24.24 -0.55
C LEU A 886 -32.31 24.86 -1.35
N GLU A 887 -32.12 26.11 -1.82
CA GLU A 887 -33.10 26.82 -2.64
C GLU A 887 -34.46 26.97 -1.95
N ALA A 888 -34.49 26.94 -0.63
CA ALA A 888 -35.73 27.08 0.10
C ALA A 888 -36.34 28.46 -0.08
N GLU A 889 -37.66 28.53 -0.13
CA GLU A 889 -38.36 29.79 -0.29
C GLU A 889 -38.08 30.71 0.89
N VAL A 890 -37.85 31.98 0.60
CA VAL A 890 -37.51 32.98 1.61
C VAL A 890 -38.64 33.99 1.71
N GLU A 891 -39.21 34.11 2.91
CA GLU A 891 -40.27 35.07 3.17
C GLU A 891 -39.85 35.93 4.35
N VAL A 892 -39.62 37.22 4.10
CA VAL A 892 -39.16 38.14 5.13
C VAL A 892 -40.35 38.92 5.65
N VAL A 893 -40.73 38.67 6.90
CA VAL A 893 -41.82 39.39 7.55
C VAL A 893 -41.24 40.68 8.11
N GLU A 894 -42.11 41.62 8.49
CA GLU A 894 -41.65 42.89 9.06
C GLU A 894 -40.83 42.66 10.33
N MET A 895 -39.81 43.48 10.50
CA MET A 895 -38.92 43.44 11.66
C MET A 895 -39.18 44.67 12.52
N HIS A 896 -39.83 44.46 13.67
CA HIS A 896 -40.11 45.52 14.62
C HIS A 896 -39.05 45.49 15.71
N ASN A 897 -38.32 46.59 15.85
CA ASN A 897 -37.21 46.66 16.81
C ASN A 897 -37.68 46.54 18.27
N SEP A 898 -38.88 47.04 18.56
CA SEP A 898 -39.37 46.99 19.93
CB SEP A 898 -40.66 47.82 20.07
OG SEP A 898 -40.84 48.30 21.40
C SEP A 898 -39.59 45.54 20.34
O SEP A 898 -39.21 45.13 21.44
P SEP A 898 -41.35 47.24 22.49
O1P SEP A 898 -41.98 45.93 21.80
O2P SEP A 898 -42.46 47.95 23.43
O3P SEP A 898 -40.10 46.82 23.42
N ASP A 899 -40.20 44.76 19.46
CA ASP A 899 -40.47 43.35 19.73
C ASP A 899 -39.17 42.56 19.81
N ILE A 900 -38.19 42.98 19.00
CA ILE A 900 -36.89 42.31 18.96
C ILE A 900 -35.91 42.95 19.94
N SER A 901 -36.38 43.90 20.75
CA SER A 901 -35.50 44.56 21.71
C SER A 901 -35.00 43.60 22.78
N ALA A 902 -35.68 42.48 23.01
CA ALA A 902 -35.19 41.52 23.99
C ALA A 902 -33.94 40.81 23.50
N TYR A 903 -33.92 40.38 22.24
CA TYR A 903 -32.73 39.72 21.73
C TYR A 903 -31.56 40.68 21.60
N THR A 904 -31.83 41.90 21.12
CA THR A 904 -30.77 42.89 20.96
C THR A 904 -30.22 43.35 22.31
N TYR A 905 -31.09 43.48 23.31
CA TYR A 905 -30.64 43.96 24.60
C TYR A 905 -29.92 42.87 25.40
N GLU A 906 -30.32 41.61 25.21
CA GLU A 906 -29.66 40.54 25.95
C GLU A 906 -28.35 40.14 25.30
N ARG A 907 -28.28 40.22 23.96
CA ARG A 907 -27.05 39.83 23.26
C ARG A 907 -25.97 40.90 23.41
N THR A 908 -26.25 42.11 22.93
CA THR A 908 -25.28 43.19 22.97
C THR A 908 -25.78 44.33 23.84
N SER A 996 -37.52 46.31 32.54
CA SER A 996 -38.21 46.03 31.29
C SER A 996 -38.76 44.61 31.28
N ASN A 997 -38.96 44.04 32.47
CA ASN A 997 -39.48 42.68 32.56
C ASN A 997 -40.88 42.58 31.96
N VAL A 998 -41.72 43.59 32.20
CA VAL A 998 -43.06 43.59 31.61
C VAL A 998 -42.97 43.64 30.09
N ARG A 999 -42.06 44.46 29.56
CA ARG A 999 -41.89 44.54 28.11
C ARG A 999 -41.46 43.20 27.53
N ARG A 1000 -40.56 42.50 28.23
CA ARG A 1000 -40.08 41.20 27.78
C ARG A 1000 -41.23 40.27 27.44
N MET A 1001 -42.16 40.09 28.39
CA MET A 1001 -43.30 39.21 28.16
C MET A 1001 -44.15 39.69 27.00
N HIS A 1002 -44.34 40.99 26.89
CA HIS A 1002 -45.15 41.56 25.79
C HIS A 1002 -44.52 41.11 24.47
N THR A 1003 -43.23 41.39 24.29
CA THR A 1003 -42.56 41.08 23.03
C THR A 1003 -42.57 39.59 22.77
N ALA A 1004 -42.42 38.78 23.82
CA ALA A 1004 -42.38 37.33 23.63
C ALA A 1004 -43.76 36.81 23.22
N VAL A 1005 -44.82 37.42 23.74
CA VAL A 1005 -46.15 36.94 23.43
C VAL A 1005 -46.57 37.42 22.04
N LYS A 1006 -46.11 38.60 21.62
CA LYS A 1006 -46.41 39.04 20.27
C LYS A 1006 -45.65 38.19 19.24
N LEU A 1007 -44.38 37.93 19.51
CA LEU A 1007 -43.60 37.04 18.64
C LEU A 1007 -44.21 35.65 18.60
N ASN A 1008 -44.68 35.14 19.75
CA ASN A 1008 -45.30 33.82 19.78
C ASN A 1008 -46.61 33.81 18.99
N GLU A 1009 -47.39 34.89 19.11
CA GLU A 1009 -48.62 35.00 18.32
C GLU A 1009 -48.32 34.93 16.84
N VAL A 1010 -47.35 35.72 16.38
CA VAL A 1010 -47.02 35.73 14.96
C VAL A 1010 -46.56 34.35 14.50
N ILE A 1011 -45.64 33.73 15.26
CA ILE A 1011 -45.10 32.44 14.85
C ILE A 1011 -46.18 31.37 14.87
N VAL A 1012 -47.11 31.43 15.83
CA VAL A 1012 -48.11 30.38 15.92
C VAL A 1012 -49.22 30.56 14.89
N THR A 1013 -49.42 31.78 14.40
CA THR A 1013 -50.42 31.98 13.35
C THR A 1013 -49.85 31.77 11.95
N ARG A 1014 -48.53 31.86 11.77
CA ARG A 1014 -47.96 31.66 10.44
C ARG A 1014 -47.13 30.39 10.31
N SER A 1015 -46.96 29.62 11.39
CA SER A 1015 -46.16 28.41 11.33
C SER A 1015 -46.76 27.28 12.16
N HIS A 1016 -48.08 27.29 12.36
CA HIS A 1016 -48.69 26.30 13.24
C HIS A 1016 -48.59 24.91 12.65
N ASP A 1017 -48.84 24.76 11.36
CA ASP A 1017 -48.90 23.46 10.70
C ASP A 1017 -47.53 22.95 10.27
N ALA A 1018 -46.46 23.54 10.78
CA ALA A 1018 -45.12 23.14 10.38
C ALA A 1018 -44.74 21.80 11.01
N ARG A 1019 -43.86 21.08 10.32
CA ARG A 1019 -43.38 19.80 10.83
C ARG A 1019 -42.38 20.02 11.96
N LEU A 1020 -41.27 20.69 11.65
CA LEU A 1020 -40.25 21.02 12.63
C LEU A 1020 -39.99 22.53 12.55
N VAL A 1021 -39.95 23.18 13.71
CA VAL A 1021 -39.71 24.62 13.78
C VAL A 1021 -38.39 24.86 14.50
N LEU A 1022 -37.50 25.62 13.87
CA LEU A 1022 -36.21 25.95 14.45
C LEU A 1022 -36.14 27.46 14.66
N LEU A 1023 -35.90 27.88 15.90
CA LEU A 1023 -35.70 29.29 16.18
C LEU A 1023 -34.61 29.42 17.23
N ASN A 1024 -33.82 30.48 17.10
CA ASN A 1024 -32.73 30.71 18.05
C ASN A 1024 -33.26 31.34 19.33
N MET A 1025 -32.79 30.82 20.49
CA MET A 1025 -33.15 31.27 21.82
C MET A 1025 -32.22 32.36 22.33
N PRO A 1026 -32.73 33.27 23.15
CA PRO A 1026 -31.87 34.31 23.73
C PRO A 1026 -31.02 33.76 24.85
N GLY A 1027 -29.91 34.45 25.11
CA GLY A 1027 -28.99 34.06 26.15
C GLY A 1027 -29.61 34.22 27.53
N PRO A 1028 -29.13 33.44 28.49
CA PRO A 1028 -29.66 33.54 29.85
C PRO A 1028 -29.25 34.86 30.47
N PRO A 1029 -29.98 35.33 31.48
CA PRO A 1029 -29.66 36.64 32.07
C PRO A 1029 -28.35 36.59 32.86
N ARG A 1030 -27.76 37.77 33.03
CA ARG A 1030 -26.55 37.87 33.82
C ARG A 1030 -26.85 37.78 35.31
N ASN A 1031 -28.03 38.24 35.72
CA ASN A 1031 -28.42 38.25 37.12
C ASN A 1031 -28.93 36.87 37.51
N SER A 1032 -28.26 36.23 38.47
CA SER A 1032 -28.56 34.86 38.82
C SER A 1032 -29.93 34.68 39.45
N GLU A 1033 -30.68 35.76 39.69
CA GLU A 1033 -31.99 35.66 40.31
C GLU A 1033 -33.15 35.74 39.34
N GLY A 1034 -32.95 36.35 38.17
CA GLY A 1034 -34.04 36.44 37.20
C GLY A 1034 -34.26 35.19 36.38
N ASP A 1035 -33.87 34.04 36.93
CA ASP A 1035 -34.00 32.79 36.20
C ASP A 1035 -35.46 32.38 36.03
N GLU A 1036 -36.30 32.66 37.03
CA GLU A 1036 -37.71 32.33 36.89
C GLU A 1036 -38.33 33.09 35.73
N ASN A 1037 -38.01 34.38 35.63
CA ASN A 1037 -38.53 35.19 34.54
C ASN A 1037 -38.00 34.72 33.20
N TYR A 1038 -36.72 34.32 33.15
CA TYR A 1038 -36.17 33.81 31.91
C TYR A 1038 -36.85 32.52 31.48
N MET A 1039 -37.15 31.65 32.44
CA MET A 1039 -37.85 30.41 32.12
C MET A 1039 -39.27 30.69 31.66
N GLU A 1040 -39.94 31.66 32.29
CA GLU A 1040 -41.28 32.02 31.85
C GLU A 1040 -41.26 32.57 30.44
N PHE A 1041 -40.24 33.38 30.12
CA PHE A 1041 -40.06 33.87 28.76
C PHE A 1041 -39.93 32.70 27.78
N LEU A 1042 -39.00 31.79 28.06
CA LEU A 1042 -38.77 30.67 27.16
C LEU A 1042 -40.00 29.79 27.03
N GLU A 1043 -40.85 29.75 28.05
CA GLU A 1043 -42.04 28.91 27.98
C GLU A 1043 -43.15 29.58 27.19
N VAL A 1044 -43.37 30.87 27.41
CA VAL A 1044 -44.44 31.57 26.71
C VAL A 1044 -44.06 31.82 25.26
N LEU A 1045 -42.77 31.74 24.92
CA LEU A 1045 -42.38 31.93 23.52
C LEU A 1045 -42.86 30.78 22.65
N THR A 1046 -42.56 29.55 23.06
CA THR A 1046 -42.96 28.37 22.28
C THR A 1046 -44.25 27.79 22.85
N GLU A 1047 -45.34 28.53 22.65
CA GLU A 1047 -46.66 28.13 23.11
C GLU A 1047 -47.50 27.78 21.88
N GLY A 1048 -47.86 26.51 21.76
CA GLY A 1048 -48.68 26.06 20.65
C GLY A 1048 -47.94 25.20 19.64
N LEU A 1049 -46.66 25.48 19.43
CA LEU A 1049 -45.89 24.73 18.45
C LEU A 1049 -45.74 23.28 18.90
N GLU A 1050 -46.05 22.34 18.00
CA GLU A 1050 -45.97 20.93 18.35
C GLU A 1050 -44.53 20.49 18.59
N ARG A 1051 -43.61 20.86 17.68
CA ARG A 1051 -42.22 20.44 17.79
C ARG A 1051 -41.33 21.64 17.48
N VAL A 1052 -40.54 22.06 18.45
CA VAL A 1052 -39.73 23.26 18.35
C VAL A 1052 -38.34 22.95 18.87
N LEU A 1053 -37.33 23.29 18.08
CA LEU A 1053 -35.94 23.09 18.45
C LEU A 1053 -35.25 24.44 18.52
N LEU A 1054 -34.58 24.71 19.63
CA LEU A 1054 -33.90 25.98 19.86
C LEU A 1054 -32.39 25.79 19.80
N VAL A 1055 -31.72 26.64 19.04
CA VAL A 1055 -30.27 26.58 18.86
C VAL A 1055 -29.64 27.89 19.31
N ARG A 1056 -28.54 27.79 20.02
CA ARG A 1056 -27.77 28.93 20.50
C ARG A 1056 -26.35 28.78 19.98
N GLY A 1057 -25.86 29.79 19.28
CA GLY A 1057 -24.53 29.73 18.73
C GLY A 1057 -23.46 29.87 19.80
N GLY A 1058 -22.27 29.39 19.47
CA GLY A 1058 -21.13 29.48 20.37
C GLY A 1058 -20.29 30.69 20.11
N GLY A 1059 -20.32 31.19 18.88
CA GLY A 1059 -19.58 32.36 18.47
C GLY A 1059 -18.35 32.08 17.64
N ARG A 1060 -17.87 30.84 17.62
CA ARG A 1060 -16.72 30.47 16.81
C ARG A 1060 -17.11 29.74 15.53
N GLU A 1061 -18.39 29.75 15.18
CA GLU A 1061 -18.85 29.13 13.95
C GLU A 1061 -18.48 30.01 12.77
N VAL A 1062 -17.92 29.41 11.72
CA VAL A 1062 -17.47 30.17 10.56
C VAL A 1062 -18.49 30.12 9.43
N ILE A 1063 -18.93 28.94 9.04
CA ILE A 1063 -19.87 28.82 7.93
C ILE A 1063 -21.31 28.73 8.43
N PRO B 98 -42.64 -8.09 -4.52
CA PRO B 98 -41.58 -8.58 -5.39
C PRO B 98 -41.01 -9.95 -4.97
N SER B 99 -41.20 -10.96 -5.82
CA SER B 99 -40.72 -12.30 -5.48
C SER B 99 -40.58 -13.12 -6.75
N MET B 100 -39.35 -13.53 -7.05
CA MET B 100 -39.06 -14.45 -8.14
C MET B 100 -37.96 -15.39 -7.68
N GLY B 101 -37.93 -16.57 -8.27
CA GLY B 101 -37.11 -17.64 -7.74
C GLY B 101 -35.64 -17.48 -8.03
N THR B 102 -34.90 -18.56 -7.74
CA THR B 102 -33.46 -18.56 -7.96
C THR B 102 -33.12 -18.68 -9.43
N LEU B 103 -33.80 -19.59 -10.14
CA LEU B 103 -33.45 -19.86 -11.53
C LEU B 103 -33.57 -18.60 -12.38
N MET B 104 -34.79 -18.12 -12.59
CA MET B 104 -35.03 -17.00 -13.49
C MET B 104 -34.64 -15.66 -12.88
N GLY B 105 -33.98 -15.65 -11.73
CA GLY B 105 -33.60 -14.39 -11.13
C GLY B 105 -32.11 -14.24 -11.02
N VAL B 106 -31.39 -15.35 -10.87
CA VAL B 106 -29.94 -15.34 -10.74
C VAL B 106 -29.27 -16.22 -11.79
N TYR B 107 -29.78 -17.43 -12.02
CA TYR B 107 -29.06 -18.38 -12.85
C TYR B 107 -29.04 -17.91 -14.29
N LEU B 108 -30.22 -17.68 -14.89
CA LEU B 108 -30.28 -17.38 -16.31
C LEU B 108 -29.60 -16.06 -16.67
N PRO B 109 -29.74 -14.96 -15.91
CA PRO B 109 -28.95 -13.77 -16.24
C PRO B 109 -27.45 -13.98 -16.18
N CYS B 110 -26.97 -14.69 -15.17
CA CYS B 110 -25.53 -14.94 -15.08
C CYS B 110 -25.06 -15.80 -16.26
N LEU B 111 -25.84 -16.82 -16.62
CA LEU B 111 -25.50 -17.66 -17.75
C LEU B 111 -25.47 -16.85 -19.04
N GLN B 112 -26.47 -16.00 -19.24
CA GLN B 112 -26.53 -15.19 -20.44
C GLN B 112 -25.40 -14.19 -20.52
N ASN B 113 -24.91 -13.73 -19.37
CA ASN B 113 -23.79 -12.79 -19.40
C ASN B 113 -22.45 -13.49 -19.57
N ILE B 114 -22.34 -14.75 -19.16
CA ILE B 114 -21.04 -15.43 -19.24
C ILE B 114 -20.80 -15.95 -20.65
N PHE B 115 -21.74 -16.69 -21.23
CA PHE B 115 -21.56 -17.23 -22.57
C PHE B 115 -21.45 -16.10 -23.60
N GLY B 116 -20.28 -15.94 -24.20
CA GLY B 116 -20.05 -14.82 -25.09
C GLY B 116 -19.60 -15.20 -26.49
N VAL B 117 -18.87 -14.29 -27.13
CA VAL B 117 -18.41 -14.51 -28.50
C VAL B 117 -17.02 -15.14 -28.54
N ILE B 118 -16.26 -15.02 -27.46
CA ILE B 118 -14.92 -15.60 -27.42
C ILE B 118 -15.00 -17.09 -27.72
N LEU B 119 -16.04 -17.76 -27.24
CA LEU B 119 -16.13 -19.20 -27.44
C LEU B 119 -16.19 -19.54 -28.93
N PHE B 120 -17.11 -18.92 -29.67
CA PHE B 120 -17.22 -19.27 -31.09
C PHE B 120 -16.02 -18.81 -31.88
N LEU B 121 -15.69 -17.52 -31.79
CA LEU B 121 -14.68 -16.95 -32.66
C LEU B 121 -13.27 -17.39 -32.30
N ARG B 122 -12.98 -17.67 -31.02
CA ARG B 122 -11.61 -17.91 -30.62
C ARG B 122 -11.43 -19.13 -29.72
N LEU B 123 -12.29 -20.15 -29.81
CA LEU B 123 -11.97 -21.31 -28.99
C LEU B 123 -11.09 -22.28 -29.74
N THR B 124 -11.49 -22.63 -30.95
CA THR B 124 -10.75 -23.59 -31.75
C THR B 124 -9.33 -23.10 -32.01
N TRP B 125 -9.18 -21.82 -32.32
CA TRP B 125 -7.85 -21.29 -32.59
C TRP B 125 -6.97 -21.43 -31.36
N MET B 126 -7.51 -21.12 -30.18
CA MET B 126 -6.74 -21.23 -28.95
C MET B 126 -6.37 -22.68 -28.67
N VAL B 127 -7.29 -23.61 -28.93
CA VAL B 127 -7.03 -25.01 -28.66
C VAL B 127 -5.95 -25.54 -29.60
N GLY B 128 -6.06 -25.22 -30.88
CA GLY B 128 -5.07 -25.69 -31.83
C GLY B 128 -3.69 -25.12 -31.56
N THR B 129 -3.60 -23.82 -31.26
CA THR B 129 -2.28 -23.23 -31.00
C THR B 129 -1.65 -23.76 -29.73
N ALA B 130 -2.44 -24.01 -28.68
CA ALA B 130 -1.84 -24.38 -27.40
C ALA B 130 -1.99 -25.85 -27.07
N GLY B 131 -2.70 -26.64 -27.85
CA GLY B 131 -2.84 -28.02 -27.51
C GLY B 131 -4.00 -28.23 -26.57
N VAL B 132 -4.25 -29.49 -26.24
CA VAL B 132 -5.36 -29.79 -25.36
C VAL B 132 -4.96 -29.60 -23.91
N LEU B 133 -3.75 -30.04 -23.54
CA LEU B 133 -3.30 -29.94 -22.15
C LEU B 133 -3.22 -28.50 -21.69
N GLN B 134 -2.45 -27.67 -22.38
CA GLN B 134 -2.31 -26.28 -21.97
C GLN B 134 -3.64 -25.53 -22.07
N ALA B 135 -4.52 -25.93 -22.97
CA ALA B 135 -5.84 -25.31 -23.02
C ALA B 135 -6.62 -25.62 -21.75
N LEU B 136 -6.62 -26.89 -21.33
CA LEU B 136 -7.29 -27.25 -20.09
C LEU B 136 -6.69 -26.48 -18.92
N LEU B 137 -5.37 -26.31 -18.91
CA LEU B 137 -4.73 -25.58 -17.83
C LEU B 137 -5.16 -24.11 -17.84
N ILE B 138 -5.27 -23.50 -19.03
CA ILE B 138 -5.72 -22.12 -19.12
C ILE B 138 -7.13 -21.99 -18.58
N VAL B 139 -8.01 -22.91 -18.96
CA VAL B 139 -9.40 -22.84 -18.52
C VAL B 139 -9.47 -22.98 -17.00
N LEU B 140 -8.68 -23.91 -16.44
CA LEU B 140 -8.68 -24.09 -14.99
C LEU B 140 -8.18 -22.86 -14.27
N ILE B 141 -7.09 -22.26 -14.77
CA ILE B 141 -6.54 -21.07 -14.12
C ILE B 141 -7.53 -19.92 -14.19
N CYS B 142 -8.23 -19.77 -15.31
CA CYS B 142 -9.17 -18.66 -15.45
C CYS B 142 -10.49 -18.92 -14.74
N CYS B 143 -10.80 -20.16 -14.40
CA CYS B 143 -12.00 -20.44 -13.64
C CYS B 143 -11.76 -20.39 -12.13
N CYS B 144 -10.55 -20.68 -11.66
CA CYS B 144 -10.30 -20.65 -10.22
C CYS B 144 -10.40 -19.24 -9.65
N CYS B 145 -9.84 -18.25 -10.33
CA CYS B 145 -9.92 -16.88 -9.84
C CYS B 145 -11.38 -16.43 -9.77
N THR B 146 -12.16 -16.75 -10.79
CA THR B 146 -13.57 -16.35 -10.79
C THR B 146 -14.37 -17.12 -9.76
N LEU B 147 -14.00 -18.36 -9.44
CA LEU B 147 -14.72 -19.09 -8.42
C LEU B 147 -14.44 -18.55 -7.03
N LEU B 148 -13.18 -18.23 -6.73
CA LEU B 148 -12.86 -17.64 -5.44
C LEU B 148 -13.50 -16.26 -5.31
N THR B 149 -13.55 -15.50 -6.40
CA THR B 149 -14.25 -14.23 -6.36
C THR B 149 -15.75 -14.41 -6.13
N ALA B 150 -16.34 -15.46 -6.69
CA ALA B 150 -17.75 -15.72 -6.43
C ALA B 150 -17.99 -16.07 -4.98
N ILE B 151 -17.06 -16.79 -4.36
CA ILE B 151 -17.20 -17.10 -2.93
C ILE B 151 -17.13 -15.83 -2.10
N SER B 152 -16.18 -14.94 -2.42
CA SER B 152 -16.08 -13.68 -1.69
C SER B 152 -17.33 -12.82 -1.89
N MET B 153 -17.84 -12.78 -3.13
CA MET B 153 -19.06 -12.04 -3.40
C MET B 153 -20.25 -12.60 -2.64
N SER B 154 -20.30 -13.92 -2.45
CA SER B 154 -21.36 -14.50 -1.64
C SER B 154 -21.23 -14.11 -0.18
N ALA B 155 -20.00 -14.14 0.34
CA ALA B 155 -19.78 -13.69 1.71
C ALA B 155 -20.22 -12.24 1.88
N ILE B 156 -20.03 -11.41 0.86
CA ILE B 156 -20.52 -10.04 0.91
C ILE B 156 -22.04 -10.03 0.90
N ALA B 157 -22.64 -10.84 0.03
CA ALA B 157 -24.08 -10.80 -0.18
C ALA B 157 -24.87 -11.42 0.96
N THR B 158 -24.21 -12.08 1.92
CA THR B 158 -24.98 -12.65 3.02
C THR B 158 -24.99 -11.79 4.29
N ASN B 159 -23.93 -11.05 4.59
CA ASN B 159 -23.89 -10.29 5.83
C ASN B 159 -24.98 -9.22 5.85
N GLY B 160 -25.82 -9.24 6.86
CA GLY B 160 -26.87 -8.24 6.99
C GLY B 160 -27.97 -8.38 5.95
N VAL B 161 -28.74 -7.31 5.83
CA VAL B 161 -29.72 -7.20 4.76
C VAL B 161 -29.01 -6.81 3.47
N VAL B 162 -29.62 -7.16 2.35
CA VAL B 162 -29.04 -6.90 1.02
C VAL B 162 -29.74 -5.69 0.41
N PRO B 163 -29.00 -4.66 0.02
CA PRO B 163 -29.64 -3.48 -0.57
C PRO B 163 -30.33 -3.84 -1.87
N ALA B 164 -31.47 -3.22 -2.11
CA ALA B 164 -32.30 -3.58 -3.25
C ALA B 164 -31.93 -2.85 -4.54
N GLY B 165 -30.90 -2.01 -4.53
CA GLY B 165 -30.59 -1.24 -5.72
C GLY B 165 -30.03 -2.08 -6.85
N GLY B 166 -28.96 -2.84 -6.58
CA GLY B 166 -28.29 -3.58 -7.63
C GLY B 166 -27.07 -4.32 -7.13
N SER B 167 -26.04 -4.41 -7.96
CA SER B 167 -24.81 -5.09 -7.58
C SER B 167 -23.73 -4.14 -7.09
N TYR B 168 -23.92 -2.83 -7.25
CA TYR B 168 -22.95 -1.87 -6.76
C TYR B 168 -23.30 -1.38 -5.36
N PHE B 169 -24.57 -1.37 -5.01
CA PHE B 169 -24.97 -0.92 -3.68
C PHE B 169 -24.57 -1.92 -2.60
N MET B 170 -24.58 -3.22 -2.90
CA MET B 170 -24.15 -4.20 -1.93
C MET B 170 -22.68 -4.04 -1.60
N ILE B 171 -21.84 -3.93 -2.62
CA ILE B 171 -20.40 -3.78 -2.41
C ILE B 171 -20.11 -2.55 -1.57
N SER B 172 -20.74 -1.42 -1.92
CA SER B 172 -20.51 -0.19 -1.17
C SER B 172 -20.97 -0.33 0.27
N ARG B 173 -22.21 -0.78 0.47
CA ARG B 173 -22.76 -0.89 1.82
C ARG B 173 -21.94 -1.83 2.70
N SER B 174 -21.30 -2.84 2.11
CA SER B 174 -20.57 -3.82 2.90
C SER B 174 -19.06 -3.59 2.94
N LEU B 175 -18.52 -2.66 2.16
CA LEU B 175 -17.08 -2.44 2.16
C LEU B 175 -16.66 -0.99 2.31
N GLY B 176 -17.59 -0.05 2.45
CA GLY B 176 -17.23 1.33 2.64
C GLY B 176 -17.23 2.09 1.34
N PRO B 177 -17.46 3.40 1.42
CA PRO B 177 -17.50 4.22 0.21
C PRO B 177 -16.22 4.19 -0.60
N GLU B 178 -15.05 4.15 0.05
CA GLU B 178 -13.80 4.13 -0.68
C GLU B 178 -13.72 2.90 -1.59
N PHE B 179 -13.77 1.72 -0.98
CA PHE B 179 -13.69 0.48 -1.74
C PHE B 179 -14.78 0.42 -2.80
N GLY B 180 -16.04 0.61 -2.38
CA GLY B 180 -17.13 0.49 -3.33
C GLY B 180 -17.01 1.45 -4.50
N GLY B 181 -16.61 2.69 -4.24
CA GLY B 181 -16.44 3.64 -5.32
C GLY B 181 -15.32 3.23 -6.27
N ALA B 182 -14.20 2.77 -5.73
CA ALA B 182 -13.10 2.33 -6.59
C ALA B 182 -13.51 1.14 -7.45
N VAL B 183 -14.23 0.18 -6.86
CA VAL B 183 -14.68 -0.99 -7.60
C VAL B 183 -15.65 -0.60 -8.70
N GLY B 184 -16.53 0.35 -8.42
CA GLY B 184 -17.55 0.72 -9.40
C GLY B 184 -16.99 1.28 -10.68
N LEU B 185 -15.91 2.06 -10.60
CA LEU B 185 -15.36 2.68 -11.80
C LEU B 185 -14.64 1.68 -12.68
N CYS B 186 -13.85 0.78 -12.09
CA CYS B 186 -13.21 -0.26 -12.88
C CYS B 186 -14.26 -1.13 -13.56
N PHE B 187 -15.35 -1.44 -12.86
CA PHE B 187 -16.41 -2.23 -13.48
C PHE B 187 -17.08 -1.47 -14.61
N TYR B 188 -17.27 -0.16 -14.46
CA TYR B 188 -17.85 0.62 -15.55
C TYR B 188 -16.96 0.60 -16.78
N LEU B 189 -15.66 0.80 -16.59
CA LEU B 189 -14.75 0.79 -17.73
C LEU B 189 -14.71 -0.59 -18.39
N GLY B 190 -14.68 -1.65 -17.59
CA GLY B 190 -14.74 -2.98 -18.15
C GLY B 190 -15.99 -3.20 -18.99
N THR B 191 -17.14 -2.73 -18.49
CA THR B 191 -18.38 -2.95 -19.22
C THR B 191 -18.40 -2.19 -20.54
N THR B 192 -17.93 -0.94 -20.55
CA THR B 192 -17.98 -0.20 -21.80
C THR B 192 -17.00 -0.77 -22.83
N PHE B 193 -15.81 -1.20 -22.39
CA PHE B 193 -14.90 -1.85 -23.33
C PHE B 193 -15.46 -3.20 -23.79
N ALA B 194 -16.24 -3.88 -22.96
CA ALA B 194 -16.87 -5.11 -23.40
C ALA B 194 -17.89 -4.83 -24.50
N ALA B 195 -18.63 -3.73 -24.38
CA ALA B 195 -19.52 -3.35 -25.47
C ALA B 195 -18.74 -3.13 -26.75
N ALA B 196 -17.60 -2.45 -26.67
CA ALA B 196 -16.75 -2.26 -27.84
C ALA B 196 -16.34 -3.59 -28.45
N MET B 197 -15.92 -4.54 -27.61
CA MET B 197 -15.45 -5.83 -28.10
C MET B 197 -16.57 -6.62 -28.77
N TYR B 198 -17.78 -6.56 -28.22
CA TYR B 198 -18.88 -7.28 -28.85
C TYR B 198 -19.23 -6.68 -30.20
N ILE B 199 -19.17 -5.35 -30.32
CA ILE B 199 -19.43 -4.74 -31.61
C ILE B 199 -18.36 -5.16 -32.62
N LEU B 200 -17.09 -5.19 -32.19
CA LEU B 200 -16.03 -5.64 -33.09
C LEU B 200 -16.25 -7.08 -33.53
N GLY B 201 -16.68 -7.94 -32.61
CA GLY B 201 -16.93 -9.32 -32.97
C GLY B 201 -18.06 -9.48 -33.97
N ALA B 202 -19.14 -8.74 -33.78
CA ALA B 202 -20.25 -8.80 -34.74
C ALA B 202 -19.80 -8.30 -36.11
N ILE B 203 -18.97 -7.27 -36.14
CA ILE B 203 -18.45 -6.78 -37.41
C ILE B 203 -17.61 -7.85 -38.09
N GLU B 204 -16.72 -8.50 -37.33
CA GLU B 204 -15.88 -9.54 -37.92
C GLU B 204 -16.73 -10.67 -38.47
N ILE B 205 -17.78 -11.07 -37.76
CA ILE B 205 -18.65 -12.13 -38.26
C ILE B 205 -19.44 -11.67 -39.46
N LEU B 206 -19.64 -10.36 -39.64
CA LEU B 206 -20.42 -9.93 -40.79
C LEU B 206 -19.57 -9.83 -42.05
N LEU B 207 -18.33 -9.39 -41.93
CA LEU B 207 -17.48 -9.11 -43.08
C LEU B 207 -16.69 -10.32 -43.57
N THR B 208 -16.67 -11.40 -42.82
CA THR B 208 -15.83 -12.55 -43.15
C THR B 208 -16.62 -13.75 -43.63
N TYR B 209 -17.76 -14.06 -43.01
CA TYR B 209 -18.54 -15.23 -43.39
C TYR B 209 -19.89 -14.88 -43.99
N ILE B 210 -20.64 -13.96 -43.39
CA ILE B 210 -21.99 -13.68 -43.86
C ILE B 210 -21.96 -13.07 -45.25
N ALA B 211 -21.33 -11.91 -45.39
CA ALA B 211 -21.26 -11.21 -46.68
C ALA B 211 -19.91 -10.54 -46.88
N PRO B 212 -18.95 -11.24 -47.46
CA PRO B 212 -17.64 -10.63 -47.76
C PRO B 212 -17.67 -9.56 -48.85
N PRO B 213 -18.51 -9.66 -49.90
CA PRO B 213 -18.48 -8.60 -50.94
C PRO B 213 -18.77 -7.20 -50.43
N ALA B 214 -19.51 -7.05 -49.34
CA ALA B 214 -19.86 -5.74 -48.81
C ALA B 214 -18.69 -4.97 -48.22
N ALA B 215 -17.54 -5.60 -48.00
CA ALA B 215 -16.40 -4.88 -47.44
C ALA B 215 -16.03 -3.72 -48.36
N ILE B 216 -15.90 -2.52 -47.78
CA ILE B 216 -15.60 -1.32 -48.56
C ILE B 216 -14.17 -1.29 -49.06
N PHE B 217 -13.20 -1.64 -48.23
CA PHE B 217 -11.79 -1.53 -48.57
C PHE B 217 -11.18 -2.89 -48.88
N TYR B 218 -10.57 -3.00 -50.05
CA TYR B 218 -9.93 -4.26 -50.47
C TYR B 218 -8.41 -4.11 -50.45
N SER B 226 -3.00 -6.77 -43.98
CA SER B 226 -2.98 -5.40 -44.47
C SER B 226 -3.83 -4.47 -43.60
N ASN B 227 -4.09 -3.27 -44.10
CA ASN B 227 -4.85 -2.27 -43.37
C ASN B 227 -6.26 -2.07 -43.91
N ALA B 228 -6.60 -2.68 -45.04
CA ALA B 228 -7.97 -2.58 -45.54
C ALA B 228 -8.94 -3.23 -44.56
N THR B 229 -8.55 -4.36 -43.97
CA THR B 229 -9.41 -4.98 -42.97
C THR B 229 -9.59 -4.07 -41.76
N LEU B 230 -8.51 -3.42 -41.31
CA LEU B 230 -8.63 -2.53 -40.16
C LEU B 230 -9.52 -1.34 -40.47
N ASN B 231 -9.42 -0.80 -41.68
CA ASN B 231 -10.26 0.35 -42.01
C ASN B 231 -11.72 -0.05 -42.17
N ASN B 232 -11.98 -1.23 -42.75
CA ASN B 232 -13.35 -1.72 -42.80
C ASN B 232 -13.92 -1.90 -41.41
N MET B 233 -13.12 -2.48 -40.51
CA MET B 233 -13.57 -2.63 -39.13
C MET B 233 -13.86 -1.30 -38.48
N ARG B 234 -12.99 -0.31 -38.69
CA ARG B 234 -13.20 1.00 -38.08
C ARG B 234 -14.51 1.62 -38.57
N VAL B 235 -14.69 1.68 -39.90
CA VAL B 235 -15.89 2.32 -40.44
C VAL B 235 -17.15 1.61 -39.95
N TYR B 236 -17.18 0.28 -40.10
CA TYR B 236 -18.41 -0.43 -39.75
C TYR B 236 -18.66 -0.43 -38.27
N GLY B 237 -17.61 -0.46 -37.45
CA GLY B 237 -17.80 -0.38 -36.01
C GLY B 237 -18.33 0.96 -35.58
N THR B 238 -17.88 2.04 -36.21
CA THR B 238 -18.44 3.34 -35.89
C THR B 238 -19.91 3.42 -36.26
N ILE B 239 -20.27 2.93 -37.45
CA ILE B 239 -21.68 2.96 -37.84
C ILE B 239 -22.52 2.12 -36.87
N PHE B 240 -22.05 0.92 -36.52
CA PHE B 240 -22.78 0.07 -35.59
C PHE B 240 -22.92 0.73 -34.23
N LEU B 241 -21.85 1.35 -33.73
CA LEU B 241 -21.92 1.98 -32.42
C LEU B 241 -22.93 3.11 -32.43
N THR B 242 -22.94 3.92 -33.49
CA THR B 242 -23.93 4.99 -33.58
C THR B 242 -25.35 4.44 -33.57
N PHE B 243 -25.61 3.44 -34.40
CA PHE B 243 -26.98 2.92 -34.48
C PHE B 243 -27.39 2.25 -33.18
N MET B 244 -26.47 1.56 -32.51
CA MET B 244 -26.81 0.90 -31.26
C MET B 244 -27.05 1.91 -30.15
N THR B 245 -26.28 3.01 -30.15
CA THR B 245 -26.51 4.06 -29.18
C THR B 245 -27.89 4.67 -29.37
N LEU B 246 -28.27 4.88 -30.64
CA LEU B 246 -29.59 5.46 -30.88
C LEU B 246 -30.69 4.51 -30.45
N VAL B 247 -30.53 3.21 -30.72
CA VAL B 247 -31.53 2.22 -30.31
C VAL B 247 -31.67 2.23 -28.80
N VAL B 248 -30.55 2.20 -28.08
CA VAL B 248 -30.60 2.20 -26.62
C VAL B 248 -31.22 3.50 -26.12
N PHE B 249 -31.01 4.60 -26.85
CA PHE B 249 -31.61 5.87 -26.45
C PHE B 249 -33.13 5.83 -26.55
N VAL B 250 -33.67 5.21 -27.60
CA VAL B 250 -35.09 5.28 -27.87
C VAL B 250 -35.86 4.07 -27.35
N GLY B 251 -35.27 2.88 -27.41
CA GLY B 251 -36.07 1.67 -27.25
C GLY B 251 -35.68 0.68 -26.16
N VAL B 252 -35.35 1.16 -24.96
CA VAL B 252 -34.94 0.27 -23.89
C VAL B 252 -35.99 -0.80 -23.59
N LYS B 253 -37.27 -0.44 -23.72
CA LYS B 253 -38.33 -1.38 -23.38
C LYS B 253 -38.29 -2.62 -24.26
N TYR B 254 -38.11 -2.43 -25.57
CA TYR B 254 -38.06 -3.59 -26.46
C TYR B 254 -36.83 -4.44 -26.20
N VAL B 255 -35.71 -3.83 -25.81
CA VAL B 255 -34.53 -4.60 -25.45
C VAL B 255 -34.82 -5.48 -24.24
N ASN B 256 -35.43 -4.90 -23.20
CA ASN B 256 -35.72 -5.68 -22.01
C ASN B 256 -36.76 -6.75 -22.31
N LYS B 257 -37.60 -6.54 -23.33
CA LYS B 257 -38.57 -7.55 -23.71
C LYS B 257 -37.88 -8.71 -24.41
N PHE B 258 -37.03 -8.40 -25.39
CA PHE B 258 -36.41 -9.38 -26.26
C PHE B 258 -35.13 -10.00 -25.70
N ALA B 259 -34.75 -9.68 -24.46
CA ALA B 259 -33.49 -10.22 -23.94
C ALA B 259 -33.48 -11.75 -23.84
N SER B 260 -34.64 -12.40 -23.68
CA SER B 260 -34.65 -13.87 -23.63
C SER B 260 -34.21 -14.50 -24.95
N LEU B 261 -34.52 -13.85 -26.07
CA LEU B 261 -34.24 -14.43 -27.38
C LEU B 261 -32.75 -14.69 -27.56
N PHE B 262 -31.91 -13.78 -27.11
CA PHE B 262 -30.47 -13.94 -27.30
C PHE B 262 -29.96 -15.17 -26.58
N LEU B 263 -30.48 -15.43 -25.37
CA LEU B 263 -30.09 -16.63 -24.65
C LEU B 263 -30.59 -17.87 -25.36
N ALA B 264 -31.79 -17.80 -25.94
CA ALA B 264 -32.28 -18.94 -26.70
C ALA B 264 -31.35 -19.24 -27.86
N CYS B 265 -30.89 -18.21 -28.57
CA CYS B 265 -29.98 -18.42 -29.69
C CYS B 265 -28.66 -19.04 -29.23
N VAL B 266 -28.10 -18.55 -28.12
CA VAL B 266 -26.84 -19.10 -27.64
C VAL B 266 -26.99 -20.59 -27.29
N ILE B 267 -28.08 -20.92 -26.58
CA ILE B 267 -28.28 -22.31 -26.18
C ILE B 267 -28.47 -23.21 -27.38
N ILE B 268 -29.22 -22.74 -28.38
CA ILE B 268 -29.42 -23.55 -29.58
C ILE B 268 -28.10 -23.75 -30.32
N SER B 269 -27.25 -22.72 -30.33
CA SER B 269 -25.95 -22.87 -30.98
C SER B 269 -25.12 -23.96 -30.31
N ILE B 270 -25.05 -23.93 -28.98
CA ILE B 270 -24.22 -24.93 -28.29
C ILE B 270 -24.80 -26.33 -28.48
N LEU B 271 -26.12 -26.46 -28.40
CA LEU B 271 -26.73 -27.77 -28.64
C LEU B 271 -26.40 -28.29 -30.02
N SER B 272 -26.43 -27.41 -31.03
CA SER B 272 -26.12 -27.85 -32.38
C SER B 272 -24.66 -28.28 -32.51
N ILE B 273 -23.75 -27.57 -31.85
CA ILE B 273 -22.35 -27.97 -31.89
C ILE B 273 -22.18 -29.38 -31.33
N TYR B 274 -22.80 -29.65 -30.19
CA TYR B 274 -22.60 -30.96 -29.57
C TYR B 274 -23.29 -32.06 -30.38
N ALA B 275 -24.44 -31.76 -30.97
CA ALA B 275 -25.09 -32.73 -31.84
C ALA B 275 -24.20 -33.06 -33.03
N GLY B 276 -23.55 -32.04 -33.59
CA GLY B 276 -22.64 -32.27 -34.69
C GLY B 276 -21.47 -33.15 -34.30
N GLY B 277 -20.92 -32.93 -33.10
CA GLY B 277 -19.83 -33.78 -32.66
C GLY B 277 -20.24 -35.23 -32.49
N ILE B 278 -21.36 -35.45 -31.79
CA ILE B 278 -21.83 -36.81 -31.58
C ILE B 278 -22.15 -37.49 -32.91
N LYS B 279 -22.62 -36.72 -33.90
CA LYS B 279 -22.81 -37.32 -35.21
C LYS B 279 -21.47 -37.53 -35.91
N SER B 280 -20.45 -36.78 -35.50
CA SER B 280 -19.13 -36.93 -36.10
C SER B 280 -18.52 -38.26 -35.72
N ILE B 281 -18.81 -38.74 -34.51
CA ILE B 281 -18.14 -39.95 -34.03
C ILE B 281 -18.39 -41.12 -34.96
N PHE B 282 -19.62 -41.26 -35.48
CA PHE B 282 -19.95 -42.41 -36.31
C PHE B 282 -20.14 -42.11 -37.79
N ASP B 283 -20.38 -40.85 -38.18
CA ASP B 283 -20.51 -40.53 -39.59
C ASP B 283 -20.15 -39.06 -39.80
N PRO B 284 -18.89 -38.74 -40.09
CA PRO B 284 -18.46 -37.34 -40.08
C PRO B 284 -18.81 -36.63 -41.37
N PRO B 285 -18.64 -35.31 -41.40
CA PRO B 285 -18.88 -34.53 -42.62
C PRO B 285 -17.67 -34.55 -43.55
N VAL B 286 -17.82 -33.93 -44.71
CA VAL B 286 -16.76 -33.87 -45.72
C VAL B 286 -16.30 -32.42 -45.89
N PHE B 287 -15.02 -32.19 -45.64
CA PHE B 287 -14.41 -30.86 -45.80
C PHE B 287 -12.95 -31.05 -46.18
N PRO B 288 -12.67 -31.32 -47.45
CA PRO B 288 -11.29 -31.60 -47.86
C PRO B 288 -10.43 -30.36 -47.77
N VAL B 289 -9.29 -30.48 -47.10
CA VAL B 289 -8.28 -29.44 -47.04
C VAL B 289 -7.07 -29.92 -47.85
N CYS B 290 -6.51 -29.05 -48.66
CA CYS B 290 -5.44 -29.41 -49.57
C CYS B 290 -4.08 -29.10 -48.96
N MET B 291 -3.08 -29.87 -49.35
CA MET B 291 -1.76 -29.81 -48.73
C MET B 291 -0.69 -29.82 -49.81
N LEU B 292 0.47 -29.24 -49.48
CA LEU B 292 1.63 -29.23 -50.37
C LEU B 292 2.83 -29.66 -49.54
N GLY B 293 3.18 -30.94 -49.57
CA GLY B 293 4.21 -31.39 -48.67
C GLY B 293 3.62 -31.35 -47.29
N ASN B 294 4.04 -30.38 -46.49
CA ASN B 294 3.51 -30.21 -45.15
C ASN B 294 3.10 -28.76 -44.89
N ARG B 295 2.76 -28.04 -45.98
CA ARG B 295 2.20 -26.69 -45.94
C ARG B 295 0.69 -26.77 -46.17
N THR B 296 0.01 -25.66 -45.90
CA THR B 296 -1.46 -25.59 -46.03
C THR B 296 -1.88 -24.56 -47.06
N LEU B 297 -2.49 -25.02 -48.15
CA LEU B 297 -2.92 -24.13 -49.22
C LEU B 297 -4.32 -23.57 -48.95
N SER B 298 -4.52 -22.29 -49.29
CA SER B 298 -5.84 -21.68 -49.24
C SER B 298 -6.70 -22.20 -50.38
N ARG B 299 -7.74 -22.96 -50.06
CA ARG B 299 -8.61 -23.58 -51.06
C ARG B 299 -9.54 -22.59 -51.75
N ASP B 300 -9.48 -21.31 -51.41
CA ASP B 300 -10.46 -20.36 -51.96
C ASP B 300 -10.26 -20.16 -53.47
N GLN B 301 -9.02 -19.94 -53.91
CA GLN B 301 -8.78 -19.62 -55.31
C GLN B 301 -8.91 -20.85 -56.22
N PHE B 302 -8.19 -21.92 -55.93
CA PHE B 302 -8.11 -23.04 -56.85
C PHE B 302 -9.46 -23.72 -57.04
N ASP B 303 -9.67 -24.23 -58.24
CA ASP B 303 -10.86 -25.02 -58.51
C ASP B 303 -10.72 -26.39 -57.85
N ILE B 304 -9.57 -27.04 -58.06
CA ILE B 304 -9.26 -28.35 -57.48
C ILE B 304 -7.78 -28.38 -57.17
N CYS B 305 -7.40 -29.08 -56.10
CA CYS B 305 -6.00 -29.20 -55.73
C CYS B 305 -5.42 -30.46 -56.36
N ALA B 306 -4.83 -30.29 -57.54
CA ALA B 306 -4.17 -31.37 -58.25
C ALA B 306 -3.26 -30.73 -59.30
N LYS B 307 -2.03 -31.25 -59.41
CA LYS B 307 -1.06 -30.64 -60.30
C LYS B 307 -1.52 -30.70 -61.74
N THR B 308 -2.16 -31.80 -62.15
CA THR B 308 -2.58 -31.98 -63.53
C THR B 308 -3.93 -32.68 -63.58
N ALA B 309 -4.72 -32.34 -64.59
CA ALA B 309 -6.02 -32.96 -64.82
C ALA B 309 -6.11 -33.39 -66.27
N VAL B 310 -6.97 -34.36 -66.54
CA VAL B 310 -7.11 -34.94 -67.86
C VAL B 310 -8.36 -34.37 -68.53
N VAL B 311 -8.15 -33.52 -69.55
CA VAL B 311 -9.24 -32.91 -70.29
C VAL B 311 -9.02 -33.18 -71.77
N ASP B 312 -10.07 -33.65 -72.45
CA ASP B 312 -10.03 -33.98 -73.87
C ASP B 312 -8.94 -35.01 -74.17
N ASN B 313 -8.97 -36.12 -73.42
CA ASN B 313 -8.09 -37.27 -73.62
C ASN B 313 -6.63 -36.97 -73.32
N GLU B 314 -6.32 -35.84 -72.67
CA GLU B 314 -4.94 -35.49 -72.40
C GLU B 314 -4.85 -34.59 -71.17
N THR B 315 -3.64 -34.50 -70.62
CA THR B 315 -3.39 -33.73 -69.40
C THR B 315 -3.09 -32.26 -69.69
N VAL B 316 -3.56 -31.39 -68.80
CA VAL B 316 -3.35 -29.95 -68.94
C VAL B 316 -3.18 -29.37 -67.54
N ALA B 317 -2.39 -28.31 -67.45
CA ALA B 317 -2.14 -27.66 -66.16
C ALA B 317 -3.43 -27.12 -65.57
N THR B 318 -3.57 -27.26 -64.26
CA THR B 318 -4.75 -26.83 -63.54
C THR B 318 -4.54 -25.43 -62.97
N GLN B 319 -5.58 -24.87 -62.36
CA GLN B 319 -5.48 -23.53 -61.80
C GLN B 319 -4.42 -23.44 -60.72
N LEU B 320 -4.22 -24.52 -59.96
CA LEU B 320 -3.16 -24.52 -58.97
C LEU B 320 -1.80 -24.34 -59.61
N TRP B 321 -1.57 -24.99 -60.75
CA TRP B 321 -0.32 -24.81 -61.46
C TRP B 321 -0.12 -23.36 -61.88
N SER B 322 -1.13 -22.78 -62.55
CA SER B 322 -1.03 -21.40 -63.01
C SER B 322 -0.86 -20.42 -61.85
N PHE B 323 -1.36 -20.77 -60.66
CA PHE B 323 -1.19 -19.89 -59.51
C PHE B 323 0.18 -20.03 -58.89
N PHE B 324 0.72 -21.25 -58.87
CA PHE B 324 2.05 -21.45 -58.32
C PHE B 324 3.13 -21.33 -59.37
N CYS B 325 2.85 -21.75 -60.60
CA CYS B 325 3.78 -21.57 -61.69
C CYS B 325 3.18 -20.61 -62.71
N HIS B 326 3.93 -19.57 -63.06
CA HIS B 326 3.38 -18.55 -63.93
C HIS B 326 3.21 -19.04 -65.36
N SER B 327 3.82 -20.15 -65.71
CA SER B 327 3.73 -20.73 -67.05
C SER B 327 2.49 -21.60 -67.18
N PRO B 328 1.69 -21.43 -68.23
CA PRO B 328 0.53 -22.29 -68.44
C PRO B 328 0.81 -23.54 -69.27
N ASN B 329 2.08 -23.88 -69.48
CA ASN B 329 2.49 -25.08 -70.18
C ASN B 329 3.34 -25.93 -69.26
N LEU B 330 3.06 -27.24 -69.23
CA LEU B 330 3.79 -28.15 -68.35
C LEU B 330 5.28 -28.14 -68.65
N THR B 331 5.65 -27.98 -69.93
CA THR B 331 7.05 -28.02 -70.35
C THR B 331 7.72 -26.68 -70.01
N THR B 332 8.00 -26.51 -68.72
CA THR B 332 8.67 -25.31 -68.23
C THR B 332 9.54 -25.66 -67.04
N ASP B 333 10.63 -24.92 -66.87
CA ASP B 333 11.55 -25.16 -65.76
C ASP B 333 12.02 -23.83 -65.16
N SER B 334 11.07 -22.95 -64.84
CA SER B 334 11.38 -21.65 -64.25
C SER B 334 10.54 -21.42 -63.00
N CYS B 335 10.10 -22.51 -62.36
CA CYS B 335 9.27 -22.41 -61.17
C CYS B 335 10.08 -22.64 -59.88
N ASP B 336 9.40 -22.42 -58.76
CA ASP B 336 10.04 -22.58 -57.46
C ASP B 336 10.35 -24.05 -57.18
N PRO B 337 11.41 -24.33 -56.43
CA PRO B 337 11.77 -25.73 -56.14
C PRO B 337 10.81 -26.48 -55.24
N TYR B 338 10.07 -25.77 -54.37
CA TYR B 338 9.21 -26.46 -53.42
C TYR B 338 8.01 -27.11 -54.10
N PHE B 339 7.49 -26.49 -55.16
CA PHE B 339 6.32 -27.05 -55.82
C PHE B 339 6.64 -28.35 -56.54
N MET B 340 7.73 -28.36 -57.32
CA MET B 340 8.08 -29.57 -58.07
C MET B 340 8.67 -30.65 -57.18
N LEU B 341 9.32 -30.27 -56.09
CA LEU B 341 9.99 -31.26 -55.25
C LEU B 341 9.01 -32.06 -54.40
N ASN B 342 7.87 -31.47 -54.03
CA ASN B 342 6.89 -32.11 -53.16
C ASN B 342 5.62 -32.43 -53.92
N ASN B 343 4.76 -33.23 -53.27
CA ASN B 343 3.52 -33.71 -53.85
C ASN B 343 2.38 -32.75 -53.50
N VAL B 344 1.15 -33.17 -53.81
CA VAL B 344 -0.05 -32.39 -53.51
C VAL B 344 -1.13 -33.32 -53.00
N THR B 345 -1.38 -33.32 -51.70
CA THR B 345 -2.32 -34.23 -51.07
C THR B 345 -3.63 -33.51 -50.74
N GLU B 346 -4.66 -34.31 -50.47
CA GLU B 346 -5.98 -33.81 -50.10
C GLU B 346 -6.47 -34.63 -48.91
N ILE B 347 -6.15 -34.17 -47.71
CA ILE B 347 -6.51 -34.90 -46.49
C ILE B 347 -7.88 -34.43 -46.01
N PRO B 348 -8.67 -35.28 -45.36
CA PRO B 348 -9.96 -34.83 -44.83
C PRO B 348 -9.74 -33.93 -43.62
N GLY B 349 -10.54 -32.87 -43.56
CA GLY B 349 -10.37 -31.87 -42.53
C GLY B 349 -11.14 -32.15 -41.26
N ILE B 350 -12.21 -32.93 -41.36
CA ILE B 350 -12.99 -33.29 -40.18
C ILE B 350 -12.89 -34.80 -39.99
N PRO B 351 -11.84 -35.30 -39.33
CA PRO B 351 -11.79 -36.73 -39.04
C PRO B 351 -12.65 -37.03 -37.82
N GLY B 352 -13.46 -38.08 -37.90
CA GLY B 352 -14.37 -38.37 -36.81
C GLY B 352 -13.64 -38.66 -35.53
N ALA B 353 -14.31 -38.39 -34.41
CA ALA B 353 -13.72 -38.52 -33.09
C ALA B 353 -13.02 -39.87 -32.93
N ALA B 354 -11.78 -39.83 -32.47
CA ALA B 354 -11.00 -41.04 -32.28
C ALA B 354 -9.86 -40.71 -31.32
N ALA B 355 -9.16 -41.74 -30.90
CA ALA B 355 -8.07 -41.54 -29.97
C ALA B 355 -6.75 -41.27 -30.69
N GLY B 356 -6.76 -41.36 -32.02
CA GLY B 356 -5.57 -41.04 -32.78
C GLY B 356 -5.44 -39.55 -33.02
N VAL B 357 -6.57 -38.86 -33.17
CA VAL B 357 -6.54 -37.42 -33.42
C VAL B 357 -6.29 -36.67 -32.13
N LEU B 358 -6.95 -37.08 -31.03
CA LEU B 358 -6.73 -36.44 -29.74
C LEU B 358 -5.30 -36.63 -29.28
N GLN B 359 -4.63 -37.66 -29.80
CA GLN B 359 -3.21 -37.85 -29.52
C GLN B 359 -2.35 -36.93 -30.37
N GLU B 360 -2.78 -36.63 -31.59
CA GLU B 360 -1.99 -35.77 -32.47
C GLU B 360 -1.92 -34.34 -31.94
N ASN B 361 -3.07 -33.68 -31.83
CA ASN B 361 -3.10 -32.28 -31.39
C ASN B 361 -3.24 -32.24 -29.88
N LEU B 362 -2.12 -32.50 -29.21
CA LEU B 362 -2.09 -32.52 -27.76
C LEU B 362 -0.94 -31.71 -27.19
N TRP B 363 0.03 -31.32 -28.00
CA TRP B 363 1.17 -30.54 -27.55
C TRP B 363 1.20 -29.20 -28.27
N SER B 364 1.80 -28.21 -27.61
CA SER B 364 1.74 -26.83 -28.08
C SER B 364 2.32 -26.69 -29.48
N ALA B 365 1.82 -25.70 -30.21
CA ALA B 365 2.28 -25.41 -31.56
C ALA B 365 2.37 -23.90 -31.76
N TYR B 366 2.96 -23.21 -30.79
CA TYR B 366 3.05 -21.75 -30.85
C TYR B 366 3.84 -21.32 -32.07
N LEU B 367 3.19 -20.62 -32.98
CA LEU B 367 3.87 -20.10 -34.17
C LEU B 367 4.38 -18.70 -33.91
N GLU B 368 5.00 -18.11 -34.94
CA GLU B 368 5.48 -16.74 -34.91
C GLU B 368 4.73 -15.94 -35.96
N LYS B 369 4.91 -14.63 -35.93
CA LYS B 369 4.20 -13.77 -36.87
C LYS B 369 4.73 -14.02 -38.28
N GLY B 370 3.85 -14.41 -39.18
CA GLY B 370 4.22 -14.68 -40.55
C GLY B 370 4.59 -16.11 -40.88
N ASP B 371 4.63 -16.99 -39.89
CA ASP B 371 4.99 -18.38 -40.14
C ASP B 371 3.89 -19.09 -40.91
N ILE B 372 4.16 -20.33 -41.29
CA ILE B 372 3.24 -21.13 -42.09
C ILE B 372 2.66 -22.23 -41.21
N VAL B 373 1.36 -22.47 -41.33
CA VAL B 373 0.69 -23.51 -40.56
C VAL B 373 1.00 -24.85 -41.22
N GLU B 374 1.77 -25.68 -40.52
CA GLU B 374 2.32 -26.91 -41.07
C GLU B 374 1.77 -28.12 -40.35
N LYS B 375 1.55 -29.20 -41.11
CA LYS B 375 0.97 -30.44 -40.60
C LYS B 375 2.09 -31.39 -40.21
N HIS B 376 2.42 -31.42 -38.92
CA HIS B 376 3.51 -32.27 -38.44
C HIS B 376 3.14 -33.73 -38.68
N GLY B 377 3.89 -34.42 -39.54
CA GLY B 377 3.59 -35.81 -39.81
C GLY B 377 3.31 -36.10 -41.27
N LEU B 378 3.87 -35.28 -42.16
CA LEU B 378 3.75 -35.49 -43.59
C LEU B 378 5.11 -35.34 -44.25
N PRO B 379 5.36 -36.10 -45.31
CA PRO B 379 6.68 -36.04 -45.96
C PRO B 379 6.88 -34.70 -46.66
N SER B 380 8.02 -34.06 -46.37
CA SER B 380 8.35 -32.77 -46.95
C SER B 380 9.84 -32.71 -47.19
N ALA B 381 10.23 -32.48 -48.44
CA ALA B 381 11.63 -32.30 -48.81
C ALA B 381 11.87 -30.81 -49.01
N ASP B 382 12.64 -30.20 -48.12
CA ASP B 382 12.79 -28.76 -48.11
C ASP B 382 13.50 -28.25 -49.36
N ALA B 383 13.29 -26.97 -49.64
CA ALA B 383 13.84 -26.29 -50.80
C ALA B 383 13.47 -24.81 -50.70
N PRO B 384 14.22 -23.93 -51.37
CA PRO B 384 13.85 -22.52 -51.37
C PRO B 384 12.54 -22.30 -52.11
N SER B 385 12.03 -21.07 -52.01
CA SER B 385 10.76 -20.74 -52.64
C SER B 385 10.74 -19.27 -53.01
N LEU B 386 9.86 -18.94 -53.95
CA LEU B 386 9.73 -17.58 -54.45
C LEU B 386 8.97 -16.72 -53.46
N LYS B 387 8.80 -15.44 -53.79
CA LYS B 387 8.08 -14.51 -52.95
C LYS B 387 6.70 -14.18 -53.49
N GLU B 388 6.34 -14.71 -54.66
CA GLU B 388 4.99 -14.58 -55.19
C GLU B 388 4.11 -15.78 -54.82
N SER B 389 4.59 -16.65 -53.93
CA SER B 389 3.82 -17.79 -53.48
C SER B 389 3.24 -17.60 -52.08
N LEU B 390 3.80 -16.70 -51.28
CA LEU B 390 3.29 -16.48 -49.94
C LEU B 390 1.80 -16.11 -49.88
N PRO B 391 1.22 -15.39 -50.84
CA PRO B 391 -0.23 -15.15 -50.77
C PRO B 391 -1.08 -16.38 -50.99
N LEU B 392 -0.48 -17.57 -51.13
CA LEU B 392 -1.24 -18.78 -51.38
C LEU B 392 -1.21 -19.76 -50.22
N TYR B 393 -0.29 -19.59 -49.27
CA TYR B 393 -0.29 -20.38 -48.05
C TYR B 393 -1.07 -19.66 -46.96
N VAL B 394 -1.62 -20.43 -46.03
CA VAL B 394 -2.22 -19.84 -44.84
C VAL B 394 -1.11 -19.42 -43.89
N VAL B 395 -1.29 -18.29 -43.23
CA VAL B 395 -0.22 -17.67 -42.46
C VAL B 395 -0.72 -17.43 -41.04
N ALA B 396 0.21 -17.50 -40.09
CA ALA B 396 -0.10 -17.11 -38.72
C ALA B 396 -0.19 -15.60 -38.63
N ASP B 397 -1.25 -15.10 -38.00
CA ASP B 397 -1.55 -13.67 -38.02
C ASP B 397 -0.83 -12.90 -36.91
N ILE B 398 -0.81 -13.44 -35.69
CA ILE B 398 -0.16 -12.77 -34.57
C ILE B 398 0.72 -13.78 -33.84
N ALA B 399 1.70 -13.25 -33.13
CA ALA B 399 2.57 -14.08 -32.31
C ALA B 399 1.78 -14.69 -31.17
N THR B 400 1.90 -15.99 -30.99
CA THR B 400 1.14 -16.73 -29.99
C THR B 400 2.07 -17.19 -28.87
N SER B 401 1.55 -17.19 -27.64
CA SER B 401 2.30 -17.62 -26.48
C SER B 401 1.31 -18.20 -25.48
N PHE B 402 1.73 -18.31 -24.23
CA PHE B 402 0.80 -18.71 -23.19
C PHE B 402 0.09 -17.50 -22.60
N THR B 403 0.83 -16.45 -22.30
CA THR B 403 0.24 -15.25 -21.72
C THR B 403 -0.73 -14.60 -22.69
N VAL B 404 -0.43 -14.63 -23.98
CA VAL B 404 -1.34 -14.05 -24.97
C VAL B 404 -2.68 -14.76 -24.94
N LEU B 405 -2.65 -16.09 -24.89
CA LEU B 405 -3.88 -16.85 -24.87
C LEU B 405 -4.64 -16.66 -23.56
N VAL B 406 -3.91 -16.54 -22.45
CA VAL B 406 -4.58 -16.23 -21.18
C VAL B 406 -5.33 -14.91 -21.28
N GLY B 407 -4.67 -13.87 -21.79
CA GLY B 407 -5.31 -12.58 -21.90
C GLY B 407 -6.50 -12.59 -22.83
N ILE B 408 -6.40 -13.33 -23.93
CA ILE B 408 -7.52 -13.34 -24.87
C ILE B 408 -8.69 -14.15 -24.34
N PHE B 409 -8.41 -15.20 -23.55
CA PHE B 409 -9.51 -16.04 -23.10
C PHE B 409 -10.21 -15.48 -21.87
N PHE B 410 -9.53 -14.73 -21.03
CA PHE B 410 -10.15 -14.31 -19.77
C PHE B 410 -11.48 -13.59 -19.91
N PRO B 411 -11.74 -12.73 -20.89
CA PRO B 411 -13.04 -12.06 -20.94
C PRO B 411 -14.21 -12.99 -21.24
N SER B 412 -13.97 -14.29 -21.28
CA SER B 412 -15.03 -15.26 -21.51
C SER B 412 -15.50 -15.93 -20.22
N VAL B 413 -14.99 -15.51 -19.07
CA VAL B 413 -15.42 -16.07 -17.80
C VAL B 413 -15.86 -14.95 -16.87
N THR B 414 -15.97 -13.74 -17.41
CA THR B 414 -16.37 -12.57 -16.64
C THR B 414 -17.87 -12.35 -16.79
N GLY B 415 -18.46 -11.75 -15.75
CA GLY B 415 -19.88 -11.51 -15.74
C GLY B 415 -20.56 -12.14 -14.56
N ILE B 416 -19.79 -12.46 -13.52
CA ILE B 416 -20.35 -13.09 -12.33
C ILE B 416 -21.05 -12.09 -11.45
N MET B 417 -20.92 -10.80 -11.73
CA MET B 417 -21.58 -9.76 -10.96
C MET B 417 -22.94 -9.41 -11.55
N ALA B 418 -23.30 -10.03 -12.66
CA ALA B 418 -24.58 -9.80 -13.30
C ALA B 418 -25.67 -10.65 -12.68
N GLY B 419 -25.30 -11.68 -11.90
CA GLY B 419 -26.31 -12.50 -11.28
C GLY B 419 -26.96 -11.77 -10.11
N SER B 420 -26.15 -11.07 -9.33
CA SER B 420 -26.65 -10.30 -8.20
C SER B 420 -27.04 -8.89 -8.66
N ASN B 421 -27.97 -8.84 -9.61
CA ASN B 421 -28.30 -7.58 -10.26
C ASN B 421 -29.80 -7.29 -10.22
N ARG B 422 -30.60 -8.22 -9.72
CA ARG B 422 -32.01 -8.00 -9.48
C ARG B 422 -32.28 -8.25 -8.01
N SER B 423 -31.37 -7.74 -7.16
CA SER B 423 -31.42 -7.97 -5.73
C SER B 423 -32.77 -7.55 -5.16
N GLY B 424 -33.34 -6.45 -5.66
CA GLY B 424 -34.59 -5.97 -5.12
C GLY B 424 -35.74 -6.93 -5.39
N ASP B 425 -35.81 -7.47 -6.60
CA ASP B 425 -36.92 -8.35 -6.97
C ASP B 425 -36.51 -9.81 -6.76
N LEU B 426 -36.18 -10.14 -5.52
CA LEU B 426 -35.81 -11.49 -5.17
C LEU B 426 -36.60 -11.94 -3.95
N ARG B 427 -36.88 -13.25 -3.90
CA ARG B 427 -37.64 -13.80 -2.79
C ARG B 427 -36.83 -13.78 -1.50
N ASP B 428 -35.70 -14.48 -1.48
CA ASP B 428 -34.82 -14.52 -0.32
C ASP B 428 -33.38 -14.48 -0.82
N ALA B 429 -32.82 -13.28 -0.92
CA ALA B 429 -31.56 -13.08 -1.62
C ALA B 429 -30.40 -13.79 -0.94
N GLN B 430 -30.41 -13.86 0.40
CA GLN B 430 -29.30 -14.46 1.13
C GLN B 430 -29.08 -15.92 0.73
N LYS B 431 -30.13 -16.60 0.28
CA LYS B 431 -30.04 -18.00 -0.06
C LYS B 431 -30.09 -18.23 -1.56
N SER B 432 -30.35 -17.18 -2.33
CA SER B 432 -30.58 -17.29 -3.76
C SER B 432 -29.45 -16.73 -4.60
N ILE B 433 -28.69 -15.79 -4.08
CA ILE B 433 -27.61 -15.21 -4.88
C ILE B 433 -26.41 -16.17 -4.91
N PRO B 434 -25.88 -16.63 -3.77
CA PRO B 434 -24.66 -17.45 -3.83
C PRO B 434 -24.82 -18.76 -4.58
N VAL B 435 -25.89 -19.51 -4.31
CA VAL B 435 -26.06 -20.79 -4.97
C VAL B 435 -26.26 -20.60 -6.47
N GLY B 436 -27.00 -19.57 -6.88
CA GLY B 436 -27.19 -19.33 -8.29
C GLY B 436 -25.90 -18.95 -8.99
N THR B 437 -25.13 -18.04 -8.40
CA THR B 437 -23.87 -17.63 -9.01
C THR B 437 -22.93 -18.80 -9.15
N ILE B 438 -22.77 -19.60 -8.09
CA ILE B 438 -21.81 -20.69 -8.14
C ILE B 438 -22.27 -21.77 -9.10
N LEU B 439 -23.57 -22.02 -9.20
CA LEU B 439 -24.03 -23.02 -10.16
C LEU B 439 -23.80 -22.54 -11.59
N ALA B 440 -23.99 -21.25 -11.85
CA ALA B 440 -23.70 -20.73 -13.19
C ALA B 440 -22.23 -20.89 -13.53
N ILE B 441 -21.36 -20.58 -12.56
CA ILE B 441 -19.92 -20.71 -12.79
C ILE B 441 -19.57 -22.15 -13.12
N ILE B 442 -20.09 -23.10 -12.33
CA ILE B 442 -19.77 -24.51 -12.55
C ILE B 442 -20.28 -24.97 -13.92
N THR B 443 -21.48 -24.55 -14.31
CA THR B 443 -22.00 -24.97 -15.61
C THR B 443 -21.13 -24.44 -16.75
N THR B 444 -20.73 -23.17 -16.65
CA THR B 444 -19.89 -22.61 -17.70
C THR B 444 -18.54 -23.30 -17.76
N SER B 445 -17.96 -23.61 -16.59
CA SER B 445 -16.65 -24.24 -16.59
C SER B 445 -16.71 -25.63 -17.20
N LEU B 446 -17.77 -26.38 -16.90
CA LEU B 446 -17.86 -27.73 -17.44
C LEU B 446 -18.10 -27.69 -18.95
N VAL B 447 -18.89 -26.72 -19.42
CA VAL B 447 -19.09 -26.61 -20.86
C VAL B 447 -17.79 -26.26 -21.57
N TYR B 448 -17.00 -25.37 -20.99
CA TYR B 448 -15.72 -25.03 -21.61
C TYR B 448 -14.78 -26.22 -21.65
N PHE B 449 -14.68 -26.99 -20.56
CA PHE B 449 -13.80 -28.15 -20.55
C PHE B 449 -14.24 -29.17 -21.61
N SER B 450 -15.53 -29.49 -21.64
CA SER B 450 -16.02 -30.46 -22.59
C SER B 450 -15.79 -29.99 -24.03
N SER B 451 -15.99 -28.69 -24.28
CA SER B 451 -15.79 -28.20 -25.64
C SER B 451 -14.33 -28.23 -26.04
N VAL B 452 -13.43 -27.93 -25.11
CA VAL B 452 -12.00 -28.01 -25.43
C VAL B 452 -11.63 -29.43 -25.83
N VAL B 453 -12.05 -30.42 -25.04
CA VAL B 453 -11.69 -31.80 -25.38
C VAL B 453 -12.35 -32.22 -26.69
N LEU B 454 -13.60 -31.81 -26.91
CA LEU B 454 -14.30 -32.21 -28.13
C LEU B 454 -13.64 -31.64 -29.37
N PHE B 455 -13.29 -30.35 -29.35
CA PHE B 455 -12.57 -29.75 -30.46
C PHE B 455 -11.25 -30.46 -30.68
N GLY B 456 -10.48 -30.66 -29.62
CA GLY B 456 -9.21 -31.35 -29.77
C GLY B 456 -9.34 -32.70 -30.41
N ALA B 457 -10.39 -33.44 -30.06
CA ALA B 457 -10.52 -34.82 -30.48
C ALA B 457 -11.37 -35.02 -31.72
N CYS B 458 -11.91 -33.95 -32.30
CA CYS B 458 -12.78 -34.11 -33.45
C CYS B 458 -12.29 -33.40 -34.72
N ILE B 459 -11.37 -32.46 -34.62
CA ILE B 459 -10.95 -31.66 -35.76
C ILE B 459 -9.44 -31.80 -35.96
N GLU B 460 -9.02 -31.66 -37.21
CA GLU B 460 -7.60 -31.75 -37.54
C GLU B 460 -6.83 -30.62 -36.86
N GLY B 461 -5.59 -30.92 -36.50
CA GLY B 461 -4.77 -29.92 -35.84
C GLY B 461 -4.28 -28.82 -36.74
N VAL B 462 -4.54 -28.91 -38.04
CA VAL B 462 -4.08 -27.89 -38.98
C VAL B 462 -5.19 -26.95 -39.39
N VAL B 463 -6.46 -27.36 -39.31
CA VAL B 463 -7.58 -26.48 -39.59
C VAL B 463 -8.05 -25.75 -38.35
N LEU B 464 -7.59 -26.15 -37.16
CA LEU B 464 -7.90 -25.38 -35.98
C LEU B 464 -7.08 -24.09 -35.93
N ARG B 465 -5.91 -24.08 -36.56
CA ARG B 465 -5.03 -22.93 -36.49
C ARG B 465 -5.34 -21.87 -37.54
N ASP B 466 -6.31 -22.10 -38.41
CA ASP B 466 -6.75 -21.07 -39.35
C ASP B 466 -7.71 -20.17 -38.60
N LYS B 467 -7.21 -19.01 -38.16
CA LYS B 467 -8.03 -18.12 -37.35
C LYS B 467 -9.29 -17.68 -38.10
N TYR B 468 -9.19 -17.54 -39.42
CA TYR B 468 -10.33 -17.12 -40.23
C TYR B 468 -10.82 -18.22 -41.16
N GLY B 469 -10.48 -19.47 -40.87
CA GLY B 469 -10.92 -20.58 -41.68
C GLY B 469 -10.47 -20.47 -43.12
N ASP B 470 -9.16 -20.42 -43.34
CA ASP B 470 -8.62 -20.28 -44.69
C ASP B 470 -8.41 -21.61 -45.38
N GLY B 471 -7.99 -22.64 -44.64
CA GLY B 471 -7.84 -23.95 -45.25
C GLY B 471 -9.14 -24.45 -45.85
N VAL B 472 -10.21 -24.37 -45.08
CA VAL B 472 -11.54 -24.61 -45.63
C VAL B 472 -11.99 -23.36 -46.39
N SER B 473 -13.02 -23.53 -47.22
CA SER B 473 -13.40 -22.47 -48.14
C SER B 473 -14.11 -21.33 -47.41
N ARG B 474 -13.36 -20.67 -46.53
CA ARG B 474 -13.85 -19.53 -45.75
C ARG B 474 -15.17 -19.84 -45.05
N ASN B 475 -15.13 -20.83 -44.17
CA ASN B 475 -16.25 -21.21 -43.33
C ASN B 475 -15.89 -20.97 -41.87
N LEU B 476 -16.91 -20.99 -41.02
CA LEU B 476 -16.65 -20.95 -39.59
C LEU B 476 -16.06 -22.27 -39.15
N VAL B 477 -14.82 -22.25 -38.67
CA VAL B 477 -14.15 -23.49 -38.29
C VAL B 477 -14.95 -24.28 -37.26
N VAL B 478 -15.52 -23.59 -36.27
CA VAL B 478 -16.37 -24.28 -35.30
C VAL B 478 -17.73 -24.63 -35.89
N GLY B 479 -18.12 -23.99 -36.98
CA GLY B 479 -19.38 -24.32 -37.62
C GLY B 479 -19.31 -25.49 -38.57
N THR B 480 -18.11 -26.01 -38.82
CA THR B 480 -17.98 -27.16 -39.72
C THR B 480 -18.67 -28.39 -39.14
N LEU B 481 -18.50 -28.63 -37.84
CA LEU B 481 -19.20 -29.72 -37.17
C LEU B 481 -20.44 -29.14 -36.49
N ALA B 482 -21.58 -29.31 -37.15
CA ALA B 482 -22.88 -28.92 -36.62
C ALA B 482 -23.92 -29.63 -37.45
N TRP B 483 -24.91 -30.25 -36.79
CA TRP B 483 -25.76 -31.18 -37.52
C TRP B 483 -26.59 -30.51 -38.61
N PRO B 484 -27.48 -29.55 -38.30
CA PRO B 484 -28.37 -29.05 -39.35
C PRO B 484 -27.62 -28.40 -40.51
N SER B 485 -26.76 -27.42 -40.22
CA SER B 485 -25.95 -26.74 -41.21
C SER B 485 -24.97 -25.82 -40.51
N PRO B 486 -23.84 -25.51 -41.10
CA PRO B 486 -22.93 -24.52 -40.51
C PRO B 486 -23.52 -23.12 -40.42
N TRP B 487 -24.76 -22.96 -40.90
CA TRP B 487 -25.41 -21.67 -40.91
C TRP B 487 -26.12 -21.34 -39.61
N VAL B 488 -26.30 -22.31 -38.71
CA VAL B 488 -26.95 -21.99 -37.46
C VAL B 488 -25.99 -21.29 -36.52
N ILE B 489 -24.71 -21.70 -36.53
CA ILE B 489 -23.76 -21.09 -35.62
C ILE B 489 -23.43 -19.67 -36.04
N VAL B 490 -23.40 -19.40 -37.34
CA VAL B 490 -23.06 -18.06 -37.82
C VAL B 490 -24.12 -17.06 -37.37
N ILE B 491 -25.38 -17.34 -37.69
CA ILE B 491 -26.46 -16.44 -37.30
C ILE B 491 -26.61 -16.40 -35.78
N GLY B 492 -26.44 -17.55 -35.12
CA GLY B 492 -26.52 -17.55 -33.66
C GLY B 492 -25.50 -16.64 -33.02
N SER B 493 -24.24 -16.73 -33.47
CA SER B 493 -23.21 -15.87 -32.90
C SER B 493 -23.43 -14.41 -33.28
N PHE B 494 -23.95 -14.14 -34.47
CA PHE B 494 -24.24 -12.76 -34.85
C PHE B 494 -25.27 -12.15 -33.90
N PHE B 495 -26.39 -12.84 -33.69
CA PHE B 495 -27.43 -12.30 -32.84
C PHE B 495 -26.96 -12.23 -31.38
N SER B 496 -26.18 -13.21 -30.95
CA SER B 496 -25.64 -13.16 -29.59
C SER B 496 -24.75 -11.94 -29.40
N THR B 497 -23.90 -11.63 -30.37
CA THR B 497 -23.02 -10.48 -30.24
C THR B 497 -23.81 -9.19 -30.25
N CYS B 498 -24.80 -9.07 -31.13
CA CYS B 498 -25.62 -7.86 -31.13
C CYS B 498 -26.34 -7.68 -29.80
N GLY B 499 -26.90 -8.78 -29.26
CA GLY B 499 -27.60 -8.68 -27.99
C GLY B 499 -26.68 -8.34 -26.83
N ALA B 500 -25.48 -8.90 -26.81
CA ALA B 500 -24.55 -8.59 -25.74
C ALA B 500 -24.09 -7.14 -25.82
N GLY B 501 -23.86 -6.64 -27.03
CA GLY B 501 -23.53 -5.23 -27.17
C GLY B 501 -24.64 -4.33 -26.68
N LEU B 502 -25.88 -4.65 -27.05
CA LEU B 502 -27.01 -3.84 -26.60
C LEU B 502 -27.12 -3.87 -25.08
N GLN B 503 -26.95 -5.03 -24.46
CA GLN B 503 -27.11 -5.10 -23.02
C GLN B 503 -25.96 -4.39 -22.29
N SER B 504 -24.75 -4.43 -22.83
CA SER B 504 -23.67 -3.68 -22.19
C SER B 504 -23.89 -2.18 -22.31
N LEU B 505 -24.36 -1.72 -23.48
CA LEU B 505 -24.67 -0.30 -23.63
C LEU B 505 -25.88 0.11 -22.81
N THR B 506 -26.72 -0.83 -22.40
CA THR B 506 -27.82 -0.51 -21.50
C THR B 506 -27.36 -0.46 -20.04
N GLY B 507 -26.45 -1.36 -19.66
CA GLY B 507 -26.07 -1.49 -18.28
C GLY B 507 -24.88 -0.68 -17.82
N ALA B 508 -24.10 -0.10 -18.71
CA ALA B 508 -22.99 0.73 -18.23
C ALA B 508 -23.45 2.13 -17.81
N PRO B 509 -24.25 2.84 -18.61
CA PRO B 509 -24.70 4.17 -18.17
C PRO B 509 -25.52 4.15 -16.90
N ARG B 510 -26.28 3.08 -16.66
CA ARG B 510 -27.05 3.00 -15.42
C ARG B 510 -26.13 2.94 -14.21
N LEU B 511 -25.05 2.17 -14.29
CA LEU B 511 -24.10 2.14 -13.19
C LEU B 511 -23.41 3.48 -13.01
N LEU B 512 -23.05 4.15 -14.11
CA LEU B 512 -22.43 5.47 -13.96
C LEU B 512 -23.40 6.45 -13.32
N GLN B 513 -24.67 6.38 -13.68
CA GLN B 513 -25.66 7.27 -13.08
C GLN B 513 -25.83 6.98 -11.59
N ALA B 514 -25.80 5.72 -11.21
CA ALA B 514 -25.87 5.40 -9.78
C ALA B 514 -24.68 5.98 -9.03
N ILE B 515 -23.46 5.78 -9.55
CA ILE B 515 -22.28 6.33 -8.89
C ILE B 515 -22.35 7.85 -8.83
N ALA B 516 -22.90 8.48 -9.86
CA ALA B 516 -22.96 9.95 -9.87
C ALA B 516 -23.99 10.48 -8.90
N LYS B 517 -25.12 9.78 -8.74
CA LYS B 517 -26.12 10.22 -7.78
C LYS B 517 -25.76 9.86 -6.35
N ASP B 518 -24.81 8.96 -6.14
CA ASP B 518 -24.33 8.67 -4.79
C ASP B 518 -23.47 9.78 -4.21
N ASN B 519 -23.02 10.72 -5.04
CA ASN B 519 -22.29 11.90 -4.59
C ASN B 519 -20.99 11.55 -3.86
N ILE B 520 -20.31 10.50 -4.33
CA ILE B 520 -19.00 10.17 -3.79
C ILE B 520 -17.91 10.99 -4.46
N ILE B 521 -17.83 10.90 -5.78
CA ILE B 521 -16.88 11.70 -6.54
C ILE B 521 -17.59 12.97 -6.98
N PRO B 522 -17.04 14.14 -6.70
CA PRO B 522 -17.81 15.37 -6.92
C PRO B 522 -17.76 15.89 -8.35
N PHE B 523 -16.71 15.58 -9.10
CA PHE B 523 -16.58 16.21 -10.42
C PHE B 523 -17.46 15.57 -11.47
N LEU B 524 -18.11 14.45 -11.18
CA LEU B 524 -19.02 13.81 -12.12
C LEU B 524 -20.46 13.87 -11.61
N ARG B 525 -20.84 15.02 -11.06
CA ARG B 525 -22.21 15.22 -10.64
C ARG B 525 -23.16 15.38 -11.83
N VAL B 526 -22.64 15.88 -12.95
CA VAL B 526 -23.49 16.14 -14.11
C VAL B 526 -24.01 14.84 -14.71
N PHE B 527 -23.24 13.76 -14.62
CA PHE B 527 -23.62 12.49 -15.24
C PHE B 527 -24.82 11.84 -14.57
N GLY B 528 -25.37 12.42 -13.52
CA GLY B 528 -26.58 11.92 -12.92
C GLY B 528 -27.84 12.61 -13.39
N HIS B 529 -27.76 13.45 -14.40
CA HIS B 529 -28.90 14.24 -14.85
C HIS B 529 -29.78 13.40 -15.77
N GLY B 530 -30.44 12.43 -15.16
CA GLY B 530 -31.29 11.51 -15.90
C GLY B 530 -32.46 12.21 -16.57
N LYS B 531 -33.14 11.45 -17.42
CA LYS B 531 -34.32 11.93 -18.12
C LYS B 531 -35.50 11.99 -17.14
N VAL B 532 -36.67 12.33 -17.67
CA VAL B 532 -37.86 12.40 -16.84
C VAL B 532 -38.22 11.01 -16.29
N ASN B 533 -37.88 9.96 -17.03
CA ASN B 533 -38.17 8.59 -16.63
C ASN B 533 -37.06 7.97 -15.81
N GLY B 534 -35.87 8.57 -15.79
CA GLY B 534 -34.72 7.99 -15.12
C GLY B 534 -33.65 7.49 -16.07
N GLU B 535 -33.96 7.34 -17.35
CA GLU B 535 -32.97 6.84 -18.30
C GLU B 535 -31.86 7.87 -18.47
N PRO B 536 -30.60 7.48 -18.34
CA PRO B 536 -29.51 8.46 -18.35
C PRO B 536 -29.45 9.25 -19.64
N THR B 537 -28.92 10.47 -19.55
CA THR B 537 -28.78 11.34 -20.71
C THR B 537 -27.33 11.65 -21.04
N TRP B 538 -26.56 12.23 -20.13
CA TRP B 538 -25.17 12.56 -20.44
C TRP B 538 -24.20 11.49 -19.95
N ALA B 539 -24.70 10.31 -19.62
CA ALA B 539 -23.86 9.17 -19.28
C ALA B 539 -23.75 8.22 -20.46
N LEU B 540 -24.81 8.20 -21.27
CA LEU B 540 -24.82 7.42 -22.50
C LEU B 540 -23.82 7.98 -23.49
N LEU B 541 -23.74 9.32 -23.59
CA LEU B 541 -22.79 9.92 -24.51
C LEU B 541 -21.36 9.62 -24.12
N LEU B 542 -21.03 9.74 -22.83
CA LEU B 542 -19.69 9.40 -22.39
C LEU B 542 -19.38 7.94 -22.64
N THR B 543 -20.34 7.05 -22.39
CA THR B 543 -20.10 5.63 -22.62
C THR B 543 -19.89 5.33 -24.09
N ALA B 544 -20.70 5.93 -24.97
CA ALA B 544 -20.51 5.73 -26.40
C ALA B 544 -19.17 6.26 -26.86
N LEU B 545 -18.72 7.38 -26.29
CA LEU B 545 -17.41 7.91 -26.67
C LEU B 545 -16.29 6.98 -26.25
N ILE B 546 -16.35 6.43 -25.04
CA ILE B 546 -15.30 5.50 -24.61
C ILE B 546 -15.34 4.23 -25.46
N ALA B 547 -16.54 3.75 -25.79
CA ALA B 547 -16.63 2.55 -26.64
C ALA B 547 -16.07 2.82 -28.02
N GLU B 548 -16.27 4.02 -28.55
CA GLU B 548 -15.70 4.37 -29.85
C GLU B 548 -14.19 4.43 -29.78
N LEU B 549 -13.66 5.05 -28.72
CA LEU B 549 -12.21 5.10 -28.54
C LEU B 549 -11.64 3.69 -28.44
N GLY B 550 -12.44 2.74 -27.94
CA GLY B 550 -11.99 1.35 -27.91
C GLY B 550 -12.12 0.66 -29.26
N ILE B 551 -13.14 1.04 -30.03
CA ILE B 551 -13.36 0.45 -31.35
C ILE B 551 -12.25 0.87 -32.31
N LEU B 552 -11.72 2.08 -32.14
CA LEU B 552 -10.68 2.56 -33.04
C LEU B 552 -9.45 1.66 -33.09
N ILE B 553 -9.32 0.70 -32.17
CA ILE B 553 -8.23 -0.27 -32.27
C ILE B 553 -8.58 -1.34 -33.29
N ALA B 554 -9.83 -1.79 -33.32
CA ALA B 554 -10.35 -2.66 -34.37
C ALA B 554 -9.62 -3.99 -34.44
N SER B 555 -9.45 -4.64 -33.30
CA SER B 555 -8.88 -5.98 -33.25
C SER B 555 -9.21 -6.61 -31.92
N LEU B 556 -9.97 -7.71 -31.92
CA LEU B 556 -10.31 -8.38 -30.68
C LEU B 556 -9.08 -8.75 -29.87
N ASP B 557 -8.03 -9.19 -30.55
CA ASP B 557 -6.82 -9.66 -29.87
C ASP B 557 -6.06 -8.56 -29.16
N MET B 558 -6.41 -7.29 -29.40
CA MET B 558 -5.81 -6.18 -28.67
C MET B 558 -6.77 -5.51 -27.70
N VAL B 559 -8.08 -5.62 -27.94
CA VAL B 559 -9.04 -5.07 -26.99
C VAL B 559 -9.22 -6.00 -25.79
N ALA B 560 -9.09 -7.31 -25.99
CA ALA B 560 -9.36 -8.25 -24.90
C ALA B 560 -8.47 -8.06 -23.67
N PRO B 561 -7.16 -7.81 -23.78
CA PRO B 561 -6.36 -7.65 -22.56
C PRO B 561 -6.74 -6.46 -21.71
N ILE B 562 -7.19 -5.34 -22.31
CA ILE B 562 -7.60 -4.19 -21.51
C ILE B 562 -8.82 -4.53 -20.67
N LEU B 563 -9.82 -5.13 -21.32
CA LEU B 563 -11.00 -5.66 -20.62
C LEU B 563 -10.59 -6.55 -19.46
N SER B 564 -9.68 -7.49 -19.73
CA SER B 564 -9.23 -8.38 -18.68
C SER B 564 -8.58 -7.63 -17.54
N MET B 565 -7.79 -6.59 -17.84
CA MET B 565 -7.14 -5.84 -16.79
C MET B 565 -8.16 -5.17 -15.88
N PHE B 566 -9.17 -4.53 -16.47
CA PHE B 566 -10.15 -3.84 -15.65
C PHE B 566 -10.94 -4.81 -14.77
N PHE B 567 -11.39 -5.92 -15.35
CA PHE B 567 -12.17 -6.86 -14.55
C PHE B 567 -11.32 -7.52 -13.48
N LEU B 568 -10.06 -7.84 -13.79
CA LEU B 568 -9.18 -8.43 -12.79
C LEU B 568 -8.92 -7.46 -11.64
N MET B 569 -8.79 -6.17 -11.95
CA MET B 569 -8.60 -5.19 -10.90
C MET B 569 -9.82 -5.14 -9.98
N CYS B 570 -11.01 -5.14 -10.57
CA CYS B 570 -12.23 -5.16 -9.76
C CYS B 570 -12.28 -6.37 -8.84
N TYR B 571 -11.99 -7.56 -9.38
CA TYR B 571 -12.04 -8.77 -8.58
C TYR B 571 -11.00 -8.76 -7.47
N LEU B 572 -9.78 -8.32 -7.80
CA LEU B 572 -8.73 -8.26 -6.79
C LEU B 572 -9.11 -7.32 -5.65
N PHE B 573 -9.76 -6.19 -5.97
CA PHE B 573 -10.15 -5.28 -4.90
C PHE B 573 -11.22 -5.89 -4.01
N VAL B 574 -12.21 -6.56 -4.61
CA VAL B 574 -13.24 -7.20 -3.80
C VAL B 574 -12.61 -8.21 -2.84
N ASN B 575 -11.73 -9.06 -3.36
CA ASN B 575 -11.12 -10.10 -2.53
C ASN B 575 -10.28 -9.50 -1.41
N LEU B 576 -9.47 -8.49 -1.74
CA LEU B 576 -8.61 -7.88 -0.73
C LEU B 576 -9.44 -7.23 0.37
N ALA B 577 -10.51 -6.53 0.00
CA ALA B 577 -11.36 -5.89 0.99
C ALA B 577 -11.97 -6.93 1.92
N CYS B 578 -12.50 -8.02 1.36
CA CYS B 578 -13.10 -9.05 2.20
C CYS B 578 -12.08 -9.62 3.18
N ALA B 579 -10.90 -9.99 2.69
CA ALA B 579 -9.91 -10.62 3.56
C ALA B 579 -9.49 -9.67 4.67
N VAL B 580 -9.21 -8.41 4.33
CA VAL B 580 -8.74 -7.47 5.36
C VAL B 580 -9.82 -7.21 6.39
N GLN B 581 -11.06 -7.00 5.95
CA GLN B 581 -12.12 -6.72 6.92
C GLN B 581 -12.40 -7.92 7.80
N THR B 582 -12.19 -9.14 7.31
CA THR B 582 -12.35 -10.30 8.18
C THR B 582 -11.20 -10.39 9.18
N LEU B 583 -9.99 -10.07 8.74
CA LEU B 583 -8.83 -10.18 9.62
C LEU B 583 -8.89 -9.18 10.77
N LEU B 584 -9.02 -7.89 10.44
CA LEU B 584 -8.89 -6.84 11.44
C LEU B 584 -10.13 -6.67 12.30
N ARG B 585 -11.17 -7.48 12.10
CA ARG B 585 -12.39 -7.45 12.91
C ARG B 585 -13.10 -6.09 12.83
N THR B 586 -13.54 -5.75 11.62
CA THR B 586 -14.31 -4.53 11.43
C THR B 586 -15.62 -4.65 12.21
N PRO B 587 -16.13 -3.54 12.76
CA PRO B 587 -17.32 -3.67 13.64
C PRO B 587 -18.57 -4.22 12.98
N ASN B 588 -18.92 -3.79 11.77
CA ASN B 588 -20.21 -4.15 11.19
C ASN B 588 -20.12 -5.26 10.15
N TRP B 589 -19.06 -6.06 10.16
CA TRP B 589 -18.83 -7.06 9.12
C TRP B 589 -18.81 -8.45 9.73
N ARG B 590 -19.91 -9.19 9.59
CA ARG B 590 -19.98 -10.59 10.00
C ARG B 590 -20.77 -11.37 8.96
N PRO B 591 -20.10 -12.07 8.06
CA PRO B 591 -20.81 -12.82 7.03
C PRO B 591 -21.33 -14.16 7.54
N ARG B 592 -22.45 -14.60 6.97
CA ARG B 592 -23.08 -15.84 7.40
C ARG B 592 -22.82 -17.02 6.46
N PHE B 593 -22.08 -16.82 5.38
CA PHE B 593 -21.78 -17.93 4.48
C PHE B 593 -21.06 -19.05 5.21
N LYS B 594 -21.45 -20.29 4.89
CA LYS B 594 -20.87 -21.45 5.55
C LYS B 594 -19.46 -21.72 5.06
N TYR B 595 -19.30 -21.97 3.75
CA TYR B 595 -17.98 -22.28 3.18
C TYR B 595 -17.23 -20.99 2.83
N TYR B 596 -16.88 -20.24 3.87
CA TYR B 596 -16.15 -19.00 3.67
C TYR B 596 -15.05 -18.88 4.72
N HIS B 597 -13.85 -18.51 4.29
CA HIS B 597 -12.71 -18.34 5.17
C HIS B 597 -11.75 -17.35 4.53
N TRP B 598 -11.21 -16.44 5.34
CA TRP B 598 -10.38 -15.38 4.80
C TRP B 598 -9.18 -15.92 4.02
N ALA B 599 -8.78 -17.16 4.25
CA ALA B 599 -7.71 -17.74 3.46
C ALA B 599 -8.13 -17.88 2.00
N LEU B 600 -9.40 -18.19 1.76
CA LEU B 600 -9.89 -18.33 0.39
C LEU B 600 -9.85 -17.01 -0.34
N SER B 601 -10.31 -15.93 0.30
CA SER B 601 -10.25 -14.61 -0.32
C SER B 601 -8.82 -14.17 -0.54
N PHE B 602 -7.92 -14.47 0.41
CA PHE B 602 -6.52 -14.12 0.23
C PHE B 602 -5.92 -14.85 -0.97
N LEU B 603 -6.21 -16.15 -1.08
CA LEU B 603 -5.70 -16.92 -2.21
C LEU B 603 -6.28 -16.41 -3.52
N GLY B 604 -7.55 -16.01 -3.53
CA GLY B 604 -8.13 -15.46 -4.73
C GLY B 604 -7.46 -14.16 -5.14
N MET B 605 -7.22 -13.28 -4.17
CA MET B 605 -6.49 -12.05 -4.47
C MET B 605 -5.12 -12.36 -5.06
N SER B 606 -4.42 -13.33 -4.49
CA SER B 606 -3.08 -13.67 -4.98
C SER B 606 -3.15 -14.19 -6.41
N LEU B 607 -4.10 -15.08 -6.69
CA LEU B 607 -4.19 -15.68 -8.02
C LEU B 607 -4.56 -14.65 -9.06
N CYS B 608 -5.55 -13.80 -8.77
CA CYS B 608 -5.96 -12.82 -9.76
C CYS B 608 -4.90 -11.73 -9.94
N LEU B 609 -4.11 -11.44 -8.91
CA LEU B 609 -2.97 -10.54 -9.10
C LEU B 609 -1.91 -11.17 -9.98
N ALA B 610 -1.65 -12.48 -9.79
CA ALA B 610 -0.69 -13.16 -10.63
C ALA B 610 -1.12 -13.12 -12.08
N LEU B 611 -2.41 -13.35 -12.35
CA LEU B 611 -2.91 -13.23 -13.71
C LEU B 611 -2.74 -11.81 -14.23
N MET B 612 -3.13 -10.81 -13.43
CA MET B 612 -3.04 -9.42 -13.86
C MET B 612 -1.61 -9.03 -14.22
N PHE B 613 -0.61 -9.68 -13.64
CA PHE B 613 0.76 -9.34 -13.97
C PHE B 613 1.33 -10.23 -15.07
N VAL B 614 0.82 -11.44 -15.21
CA VAL B 614 1.26 -12.32 -16.29
C VAL B 614 0.87 -11.75 -17.64
N SER B 615 -0.36 -11.25 -17.77
CA SER B 615 -0.82 -10.78 -19.07
C SER B 615 0.02 -9.62 -19.60
N SER B 616 0.14 -8.54 -18.82
CA SER B 616 0.98 -7.41 -19.24
C SER B 616 1.30 -6.55 -18.03
N TRP B 617 2.59 -6.49 -17.66
CA TRP B 617 2.94 -5.78 -16.43
C TRP B 617 2.58 -4.29 -16.51
N TYR B 618 2.78 -3.65 -17.66
CA TYR B 618 2.56 -2.20 -17.70
C TYR B 618 1.08 -1.87 -17.56
N TYR B 619 0.21 -2.65 -18.22
CA TYR B 619 -1.22 -2.42 -18.08
C TYR B 619 -1.63 -2.59 -16.62
N ALA B 620 -1.09 -3.60 -15.95
CA ALA B 620 -1.41 -3.81 -14.54
C ALA B 620 -0.95 -2.64 -13.69
N LEU B 621 0.21 -2.06 -14.00
CA LEU B 621 0.67 -0.90 -13.23
C LEU B 621 -0.26 0.28 -13.44
N VAL B 622 -0.71 0.51 -14.66
CA VAL B 622 -1.62 1.62 -14.92
C VAL B 622 -2.93 1.40 -14.17
N ALA B 623 -3.46 0.18 -14.20
CA ALA B 623 -4.71 -0.10 -13.52
C ALA B 623 -4.57 0.08 -12.01
N MET B 624 -3.46 -0.41 -11.43
CA MET B 624 -3.26 -0.28 -10.00
C MET B 624 -3.12 1.18 -9.59
N LEU B 625 -2.43 1.99 -10.40
CA LEU B 625 -2.30 3.40 -10.06
C LEU B 625 -3.63 4.12 -10.16
N ILE B 626 -4.46 3.79 -11.16
CA ILE B 626 -5.79 4.39 -11.25
C ILE B 626 -6.61 4.02 -10.02
N ALA B 627 -6.59 2.74 -9.63
CA ALA B 627 -7.37 2.31 -8.47
C ALA B 627 -6.91 3.00 -7.21
N GLY B 628 -5.59 3.09 -6.99
CA GLY B 628 -5.10 3.76 -5.80
C GLY B 628 -5.44 5.24 -5.78
N MET B 629 -5.35 5.89 -6.94
CA MET B 629 -5.68 7.32 -7.00
C MET B 629 -7.14 7.55 -6.65
N ILE B 630 -8.04 6.73 -7.19
CA ILE B 630 -9.46 6.93 -6.89
C ILE B 630 -9.76 6.60 -5.45
N TYR B 631 -9.10 5.58 -4.89
CA TYR B 631 -9.29 5.25 -3.49
C TYR B 631 -8.90 6.42 -2.59
N LYS B 632 -7.70 6.96 -2.79
CA LYS B 632 -7.25 8.06 -1.96
C LYS B 632 -8.09 9.31 -2.16
N TYR B 633 -8.57 9.55 -3.39
CA TYR B 633 -9.41 10.72 -3.62
C TYR B 633 -10.75 10.59 -2.92
N ILE B 634 -11.36 9.39 -2.95
CA ILE B 634 -12.59 9.18 -2.23
C ILE B 634 -12.38 9.39 -0.74
N GLU B 635 -11.28 8.86 -0.21
CA GLU B 635 -11.01 9.01 1.22
C GLU B 635 -10.85 10.47 1.60
N TYR B 636 -10.09 11.23 0.81
CA TYR B 636 -9.88 12.65 1.11
C TYR B 636 -11.19 13.42 1.05
N GLN B 637 -12.02 13.16 0.04
CA GLN B 637 -13.27 13.90 -0.07
C GLN B 637 -14.22 13.56 1.07
N GLY B 638 -14.28 12.28 1.45
CA GLY B 638 -15.11 11.90 2.58
C GLY B 638 -14.64 12.56 3.87
N ALA B 639 -13.33 12.61 4.09
CA ALA B 639 -12.80 13.27 5.27
C ALA B 639 -13.18 14.75 5.27
N GLU B 640 -13.04 15.41 4.13
CA GLU B 640 -13.40 16.83 4.07
C GLU B 640 -14.89 17.04 4.29
N LYS B 641 -15.70 16.05 3.95
CA LYS B 641 -17.14 16.22 4.14
C LYS B 641 -17.59 15.92 5.56
N GLU B 642 -16.92 15.01 6.26
CA GLU B 642 -17.34 14.67 7.62
C GLU B 642 -16.90 15.70 8.63
N TRP B 643 -15.64 16.13 8.57
CA TRP B 643 -15.04 16.94 9.62
C TRP B 643 -14.89 18.41 9.23
N GLY B 644 -14.29 18.70 8.08
CA GLY B 644 -14.15 20.07 7.65
C GLY B 644 -12.82 20.40 7.01
N ASP B 645 -11.76 19.69 7.37
CA ASP B 645 -10.44 19.90 6.81
C ASP B 645 -9.97 18.64 6.09
N GLY B 646 -8.98 18.82 5.23
CA GLY B 646 -8.46 17.70 4.47
C GLY B 646 -7.48 16.82 5.24
N ILE B 647 -6.34 17.39 5.63
CA ILE B 647 -5.31 16.60 6.30
C ILE B 647 -5.70 16.28 7.73
N ARG B 648 -6.06 17.31 8.50
CA ARG B 648 -6.53 17.09 9.86
C ARG B 648 -7.77 16.20 9.86
N GLY B 649 -8.61 16.33 8.84
CA GLY B 649 -9.75 15.44 8.73
C GLY B 649 -9.33 14.00 8.52
N LEU B 650 -8.27 13.77 7.72
CA LEU B 650 -7.77 12.42 7.54
C LEU B 650 -7.32 11.83 8.88
N SER B 651 -6.62 12.62 9.68
CA SER B 651 -6.14 12.12 10.96
C SER B 651 -7.31 11.82 11.90
N LEU B 652 -8.30 12.71 11.94
CA LEU B 652 -9.46 12.47 12.78
C LEU B 652 -10.19 11.21 12.36
N SER B 653 -10.34 10.98 11.06
CA SER B 653 -11.04 9.79 10.59
C SER B 653 -10.28 8.53 10.94
N ALA B 654 -8.95 8.54 10.77
CA ALA B 654 -8.16 7.37 11.15
C ALA B 654 -8.30 7.07 12.64
N ALA B 655 -8.23 8.11 13.47
CA ALA B 655 -8.35 7.91 14.91
C ALA B 655 -9.71 7.33 15.27
N ARG B 656 -10.78 7.90 14.70
CA ARG B 656 -12.12 7.41 15.03
C ARG B 656 -12.32 5.99 14.56
N TYR B 657 -11.83 5.65 13.37
CA TYR B 657 -11.97 4.29 12.87
C TYR B 657 -11.24 3.31 13.78
N ALA B 658 -10.01 3.65 14.19
CA ALA B 658 -9.26 2.75 15.04
C ALA B 658 -9.96 2.56 16.38
N LEU B 659 -10.45 3.64 16.99
CA LEU B 659 -11.11 3.51 18.28
C LEU B 659 -12.39 2.68 18.17
N LEU B 660 -13.19 2.93 17.12
CA LEU B 660 -14.43 2.17 16.96
C LEU B 660 -14.16 0.70 16.74
N ARG B 661 -13.13 0.37 15.96
CA ARG B 661 -12.81 -1.03 15.72
C ARG B 661 -12.29 -1.69 16.98
N LEU B 662 -11.51 -0.95 17.75
CA LEU B 662 -10.95 -1.45 19.00
C LEU B 662 -12.00 -1.60 20.08
N GLU B 663 -13.17 -0.97 19.93
CA GLU B 663 -14.21 -1.06 20.95
C GLU B 663 -14.66 -2.50 21.15
N GLU B 664 -15.04 -3.18 20.08
CA GLU B 664 -15.57 -4.54 20.19
C GLU B 664 -14.44 -5.53 20.48
N GLY B 665 -14.80 -6.66 21.08
CA GLY B 665 -13.84 -7.69 21.37
C GLY B 665 -13.54 -7.75 22.85
N PRO B 666 -12.89 -8.83 23.29
CA PRO B 666 -12.55 -8.94 24.70
C PRO B 666 -11.65 -7.81 25.13
N PRO B 667 -11.97 -7.13 26.22
CA PRO B 667 -11.24 -5.92 26.58
C PRO B 667 -10.05 -6.17 27.49
N HIS B 668 -9.49 -7.38 27.44
CA HIS B 668 -8.35 -7.75 28.27
C HIS B 668 -7.19 -8.21 27.40
N THR B 669 -6.01 -7.66 27.66
CA THR B 669 -4.80 -8.01 26.94
C THR B 669 -4.06 -9.12 27.69
N LYS B 670 -3.47 -10.04 26.94
CA LYS B 670 -2.76 -11.16 27.55
C LYS B 670 -1.59 -10.69 28.41
N ASN B 671 -1.04 -9.51 28.13
CA ASN B 671 0.08 -8.96 28.88
C ASN B 671 -0.38 -7.69 29.60
N TRP B 672 0.45 -7.21 30.52
CA TRP B 672 0.16 -6.00 31.28
C TRP B 672 1.34 -5.05 31.19
N ARG B 673 1.12 -3.89 30.58
CA ARG B 673 2.10 -2.82 30.53
C ARG B 673 1.51 -1.56 31.16
N PRO B 674 2.25 -0.86 32.01
CA PRO B 674 1.70 0.32 32.69
C PRO B 674 1.40 1.43 31.70
N GLN B 675 0.16 1.90 31.71
CA GLN B 675 -0.27 3.09 30.98
C GLN B 675 -0.70 4.12 32.02
N LEU B 676 0.11 5.13 32.22
CA LEU B 676 0.03 5.96 33.41
C LEU B 676 -0.92 7.14 33.26
N LEU B 677 -1.38 7.62 34.41
CA LEU B 677 -2.05 8.91 34.53
C LEU B 677 -1.32 9.68 35.62
N VAL B 678 -0.52 10.66 35.22
CA VAL B 678 0.33 11.40 36.16
C VAL B 678 -0.47 12.56 36.73
N LEU B 679 -0.86 12.46 38.00
CA LEU B 679 -1.63 13.54 38.62
C LEU B 679 -0.70 14.62 39.15
N LEU B 680 -0.44 15.67 38.36
CA LEU B 680 0.42 16.76 38.78
C LEU B 680 -0.33 17.70 39.70
N LYS B 681 0.39 18.40 40.56
CA LYS B 681 -0.21 19.37 41.46
C LYS B 681 0.29 20.76 41.08
N LEU B 682 -0.61 21.60 40.60
CA LEU B 682 -0.24 22.96 40.22
C LEU B 682 -0.15 23.87 41.44
N ASP B 683 0.70 24.88 41.33
CA ASP B 683 0.90 25.83 42.42
C ASP B 683 -0.21 26.88 42.40
N GLU B 684 -0.18 27.76 43.42
CA GLU B 684 -1.17 28.83 43.48
C GLU B 684 -0.99 29.81 42.33
N ASP B 685 0.23 29.92 41.80
CA ASP B 685 0.53 30.74 40.65
C ASP B 685 0.56 29.91 39.36
N LEU B 686 0.00 28.70 39.40
CA LEU B 686 -0.12 27.81 38.25
C LEU B 686 1.25 27.43 37.68
N HIS B 687 2.11 26.91 38.55
CA HIS B 687 3.38 26.33 38.17
C HIS B 687 3.46 24.91 38.69
N VAL B 688 4.09 24.02 37.93
CA VAL B 688 4.19 22.63 38.34
C VAL B 688 5.01 22.53 39.61
N LYS B 689 4.42 21.99 40.67
CA LYS B 689 5.11 21.91 41.95
C LYS B 689 6.27 20.92 41.89
N TYR B 690 6.01 19.69 41.43
CA TYR B 690 7.03 18.65 41.35
C TYR B 690 7.21 18.27 39.89
N PRO B 691 8.06 18.98 39.14
CA PRO B 691 8.30 18.62 37.75
C PRO B 691 9.12 17.36 37.58
N ARG B 692 9.47 16.67 38.66
CA ARG B 692 10.21 15.42 38.55
C ARG B 692 9.29 14.23 38.29
N LEU B 693 7.99 14.35 38.59
CA LEU B 693 7.06 13.28 38.28
C LEU B 693 7.02 13.03 36.77
N LEU B 694 7.03 14.10 35.98
CA LEU B 694 7.04 13.95 34.54
C LEU B 694 8.33 13.29 34.06
N THR B 695 9.46 13.65 34.67
CA THR B 695 10.73 13.01 34.32
C THR B 695 10.68 11.52 34.61
N PHE B 696 10.18 11.16 35.78
CA PHE B 696 10.11 9.74 36.15
C PHE B 696 9.16 8.98 35.23
N ALA B 697 8.04 9.60 34.86
CA ALA B 697 7.12 8.94 33.94
C ALA B 697 7.77 8.74 32.57
N SER B 698 8.56 9.71 32.13
CA SER B 698 9.25 9.57 30.85
C SER B 698 10.31 8.48 30.91
N GLN B 699 10.95 8.31 32.08
CA GLN B 699 11.93 7.24 32.22
C GLN B 699 11.27 5.88 32.29
N LEU B 700 10.06 5.81 32.84
CA LEU B 700 9.39 4.52 33.00
C LEU B 700 8.65 4.10 31.72
N LYS B 701 8.21 5.05 30.91
CA LYS B 701 7.55 4.71 29.66
C LYS B 701 8.51 4.64 28.48
N ALA B 702 9.50 5.52 28.46
CA ALA B 702 10.49 5.59 27.37
C ALA B 702 9.83 5.98 26.05
N GLY B 703 8.86 6.88 26.10
CA GLY B 703 8.27 7.42 24.90
C GLY B 703 7.38 6.50 24.11
N LYS B 704 6.95 5.38 24.70
CA LYS B 704 6.10 4.44 23.98
C LYS B 704 4.97 3.99 24.91
N GLY B 705 3.73 4.21 24.49
CA GLY B 705 2.57 3.90 25.28
C GLY B 705 1.69 5.11 25.41
N LEU B 706 0.78 5.06 26.37
CA LEU B 706 -0.13 6.15 26.64
C LEU B 706 0.23 6.79 27.98
N THR B 707 0.23 8.12 28.01
CA THR B 707 0.55 8.86 29.23
C THR B 707 -0.32 10.11 29.25
N ILE B 708 -1.36 10.10 30.05
CA ILE B 708 -2.23 11.25 30.23
C ILE B 708 -1.78 11.99 31.47
N VAL B 709 -1.85 13.31 31.43
CA VAL B 709 -1.35 14.16 32.51
C VAL B 709 -2.49 15.09 32.93
N GLY B 710 -3.18 14.73 34.02
CA GLY B 710 -4.28 15.52 34.50
C GLY B 710 -3.89 16.42 35.66
N SER B 711 -4.78 17.36 35.95
CA SER B 711 -4.59 18.29 37.06
C SER B 711 -5.90 19.01 37.32
N VAL B 712 -6.18 19.28 38.58
CA VAL B 712 -7.40 19.94 39.01
C VAL B 712 -7.07 21.35 39.45
N ILE B 713 -7.94 22.29 39.13
CA ILE B 713 -7.79 23.70 39.49
C ILE B 713 -9.04 24.10 40.27
N GLN B 714 -8.86 24.46 41.54
CA GLN B 714 -10.00 24.82 42.36
C GLN B 714 -10.58 26.16 41.91
N GLY B 715 -11.90 26.28 42.04
CA GLY B 715 -12.61 27.48 41.69
C GLY B 715 -13.96 27.19 41.11
N SEP B 716 -14.34 27.96 40.09
CA SEP B 716 -15.63 27.81 39.45
CB SEP B 716 -16.61 28.87 39.93
OG SEP B 716 -17.66 29.07 39.01
C SEP B 716 -15.43 27.92 37.95
O SEP B 716 -14.69 28.79 37.49
P SEP B 716 -18.79 30.00 39.65
O1P SEP B 716 -18.74 31.46 38.97
O2P SEP B 716 -18.53 30.15 41.24
O3P SEP B 716 -20.24 29.35 39.40
N PHE B 717 -16.07 27.06 37.17
CA PHE B 717 -15.90 27.09 35.73
C PHE B 717 -16.44 28.36 35.11
N LEU B 718 -17.61 28.80 35.58
CA LEU B 718 -18.26 29.95 34.99
C LEU B 718 -17.35 31.18 34.89
N GLU B 719 -16.34 31.27 35.75
CA GLU B 719 -15.45 32.42 35.70
C GLU B 719 -13.98 32.05 35.62
N SER B 720 -13.63 30.80 35.31
CA SER B 720 -12.23 30.41 35.29
C SER B 720 -11.90 29.52 34.09
N TYR B 721 -12.12 30.02 32.89
CA TYR B 721 -11.75 29.27 31.69
C TYR B 721 -10.35 29.63 31.21
N GLY B 722 -9.99 30.91 31.30
CA GLY B 722 -8.69 31.33 30.82
C GLY B 722 -7.59 30.73 31.66
N GLU B 723 -7.83 30.59 32.97
CA GLU B 723 -6.86 29.95 33.84
C GLU B 723 -6.63 28.51 33.42
N ALA B 724 -7.70 27.81 33.04
CA ALA B 724 -7.56 26.43 32.60
C ALA B 724 -6.76 26.35 31.31
N GLN B 725 -7.03 27.24 30.36
CA GLN B 725 -6.28 27.18 29.11
C GLN B 725 -4.81 27.52 29.33
N ALA B 726 -4.52 28.52 30.17
CA ALA B 726 -3.14 28.87 30.46
C ALA B 726 -2.41 27.72 31.14
N ALA B 727 -3.05 27.08 32.12
CA ALA B 727 -2.42 25.95 32.79
C ALA B 727 -2.19 24.80 31.84
N GLU B 728 -3.12 24.59 30.89
CA GLU B 728 -2.92 23.53 29.92
C GLU B 728 -1.71 23.81 29.05
N GLN B 729 -1.55 25.06 28.60
CA GLN B 729 -0.37 25.39 27.80
C GLN B 729 0.91 25.23 28.62
N THR B 730 0.87 25.63 29.89
CA THR B 730 2.04 25.49 30.75
C THR B 730 2.45 24.03 30.90
N ILE B 731 1.48 23.16 31.17
CA ILE B 731 1.79 21.75 31.32
C ILE B 731 2.28 21.17 30.00
N LYS B 732 1.70 21.61 28.89
CA LYS B 732 2.17 21.11 27.60
C LYS B 732 3.63 21.47 27.35
N ASN B 733 4.02 22.70 27.68
CA ASN B 733 5.42 23.08 27.50
C ASN B 733 6.33 22.28 28.42
N MET B 734 5.98 22.22 29.70
CA MET B 734 6.81 21.49 30.66
C MET B 734 6.92 20.01 30.29
N MET B 735 5.89 19.46 29.67
CA MET B 735 5.90 18.07 29.25
C MET B 735 6.70 17.87 27.97
N GLU B 736 6.70 18.86 27.07
CA GLU B 736 7.55 18.80 25.89
C GLU B 736 9.02 18.87 26.28
N ILE B 737 9.35 19.62 27.34
CA ILE B 737 10.74 19.75 27.75
C ILE B 737 11.28 18.40 28.23
N GLU B 738 10.54 17.72 29.10
CA GLU B 738 10.99 16.47 29.70
C GLU B 738 10.93 15.28 28.74
N LYS B 739 10.52 15.50 27.48
CA LYS B 739 10.49 14.47 26.45
C LYS B 739 9.61 13.29 26.85
N VAL B 740 8.31 13.58 27.01
CA VAL B 740 7.29 12.57 27.24
C VAL B 740 6.11 12.88 26.33
N LYS B 741 5.72 11.92 25.51
CA LYS B 741 4.69 12.10 24.50
C LYS B 741 3.34 11.70 25.10
N GLY B 742 2.53 12.70 25.44
CA GLY B 742 1.24 12.41 26.05
C GLY B 742 0.28 13.56 25.91
N PHE B 743 -0.97 13.28 26.26
CA PHE B 743 -2.06 14.23 26.26
C PHE B 743 -2.16 14.89 27.63
N CYS B 744 -2.90 16.00 27.69
CA CYS B 744 -2.99 16.77 28.93
C CYS B 744 -4.41 17.25 29.14
N GLN B 745 -5.00 16.86 30.26
CA GLN B 745 -6.35 17.26 30.65
C GLN B 745 -6.28 18.20 31.85
N VAL B 746 -7.04 19.28 31.81
CA VAL B 746 -7.18 20.18 32.96
C VAL B 746 -8.65 20.42 33.22
N VAL B 747 -9.10 20.17 34.45
CA VAL B 747 -10.49 20.39 34.81
C VAL B 747 -10.55 21.41 35.94
N VAL B 748 -11.68 22.10 36.02
CA VAL B 748 -11.91 23.12 37.04
C VAL B 748 -13.02 22.63 37.95
N ALA B 749 -12.66 22.25 39.17
CA ALA B 749 -13.63 21.70 40.12
C ALA B 749 -13.87 22.70 41.25
N SER B 750 -14.81 22.34 42.12
CA SER B 750 -15.08 23.14 43.31
C SER B 750 -14.24 22.69 44.49
N LYS B 751 -14.10 21.37 44.69
CA LYS B 751 -13.18 20.81 45.66
C LYS B 751 -12.27 19.83 44.94
N VAL B 752 -10.99 19.86 45.29
CA VAL B 752 -9.99 19.08 44.57
C VAL B 752 -10.24 17.58 44.69
N ARG B 753 -10.91 17.15 45.75
CA ARG B 753 -11.13 15.72 45.94
C ARG B 753 -12.00 15.13 44.84
N GLU B 754 -13.17 15.72 44.61
CA GLU B 754 -14.04 15.21 43.56
C GLU B 754 -13.46 15.43 42.18
N GLY B 755 -12.71 16.51 41.98
CA GLY B 755 -12.00 16.67 40.73
C GLY B 755 -11.04 15.53 40.47
N LEU B 756 -10.27 15.14 41.49
CA LEU B 756 -9.36 14.02 41.34
C LEU B 756 -10.12 12.73 41.04
N ALA B 757 -11.25 12.53 41.71
CA ALA B 757 -12.03 11.31 41.45
C ALA B 757 -12.53 11.26 40.01
N HIS B 758 -13.12 12.35 39.55
CA HIS B 758 -13.64 12.40 38.19
C HIS B 758 -12.52 12.27 37.16
N LEU B 759 -11.32 12.73 37.50
CA LEU B 759 -10.18 12.57 36.60
C LEU B 759 -9.71 11.13 36.58
N ILE B 760 -9.79 10.45 37.73
CA ILE B 760 -9.33 9.07 37.80
C ILE B 760 -10.24 8.15 37.01
N GLN B 761 -11.55 8.34 37.14
CA GLN B 761 -12.49 7.41 36.52
C GLN B 761 -12.90 7.79 35.10
N SER B 762 -12.53 8.97 34.60
CA SER B 762 -12.93 9.38 33.26
C SER B 762 -11.76 10.08 32.56
N CYS B 763 -10.93 9.30 31.87
CA CYS B 763 -9.83 9.86 31.08
C CYS B 763 -9.53 8.90 29.95
N GLY B 764 -9.77 9.32 28.72
CA GLY B 764 -9.60 8.48 27.56
C GLY B 764 -10.85 8.42 26.72
N LEU B 765 -10.78 7.60 25.67
CA LEU B 765 -11.89 7.44 24.73
C LEU B 765 -12.06 5.97 24.40
N GLY B 766 -13.00 5.31 25.06
CA GLY B 766 -13.26 3.93 24.77
C GLY B 766 -12.18 2.99 25.26
N GLY B 767 -11.40 2.44 24.35
CA GLY B 767 -10.37 1.49 24.71
C GLY B 767 -9.04 2.10 25.05
N MET B 768 -8.83 3.38 24.75
CA MET B 768 -7.58 4.05 25.07
C MET B 768 -7.67 4.65 26.46
N ARG B 769 -7.67 3.77 27.44
CA ARG B 769 -7.79 4.12 28.84
C ARG B 769 -6.50 3.83 29.59
N HIS B 770 -6.34 4.51 30.71
CA HIS B 770 -5.19 4.27 31.58
C HIS B 770 -5.45 3.07 32.47
N ASN B 771 -4.38 2.51 33.03
CA ASN B 771 -4.52 1.45 34.01
C ASN B 771 -3.47 1.56 35.10
N SER B 772 -3.05 2.78 35.42
CA SER B 772 -2.06 3.01 36.46
C SER B 772 -2.08 4.47 36.82
N VAL B 773 -2.05 4.77 38.12
CA VAL B 773 -2.10 6.13 38.63
C VAL B 773 -0.85 6.39 39.45
N VAL B 774 -0.03 7.33 39.00
CA VAL B 774 1.21 7.66 39.67
C VAL B 774 1.04 9.02 40.36
N LEU B 775 0.85 9.00 41.67
CA LEU B 775 0.68 10.20 42.46
C LEU B 775 1.83 10.34 43.44
N GLY B 776 2.18 11.57 43.78
CA GLY B 776 3.25 11.83 44.70
C GLY B 776 2.85 11.62 46.14
N TRP B 777 3.78 11.93 47.03
CA TRP B 777 3.72 11.82 48.47
C TRP B 777 3.41 13.18 49.10
N PRO B 778 2.61 13.24 50.16
CA PRO B 778 2.32 14.53 50.81
C PRO B 778 3.45 14.91 51.76
N TYR B 779 4.10 16.03 51.48
CA TYR B 779 5.18 16.53 52.29
C TYR B 779 4.65 17.53 53.30
N GLY B 780 5.20 17.51 54.51
CA GLY B 780 4.77 18.43 55.53
C GLY B 780 3.36 18.20 56.02
N TRP B 781 2.88 16.96 55.99
CA TRP B 781 1.53 16.68 56.44
C TRP B 781 1.44 16.75 57.97
N ARG B 782 2.43 16.19 58.66
CA ARG B 782 2.44 16.26 60.12
C ARG B 782 2.98 17.60 60.62
N GLN B 783 3.78 18.29 59.82
CA GLN B 783 4.33 19.57 60.24
C GLN B 783 3.21 20.60 60.41
N SER B 784 2.42 20.80 59.37
CA SER B 784 1.36 21.79 59.42
C SER B 784 0.18 21.26 60.23
N GLU B 785 -0.68 22.19 60.65
CA GLU B 785 -1.88 21.82 61.40
C GLU B 785 -3.07 21.46 60.52
N ASP B 786 -3.17 22.02 59.32
CA ASP B 786 -4.26 21.73 58.39
C ASP B 786 -4.39 20.23 58.15
N PRO B 787 -5.49 19.60 58.58
CA PRO B 787 -5.59 18.14 58.47
C PRO B 787 -5.74 17.64 57.05
N ARG B 788 -6.12 18.52 56.11
CA ARG B 788 -6.37 18.14 54.72
C ARG B 788 -5.14 17.64 54.00
N ALA B 789 -3.94 17.82 54.56
CA ALA B 789 -2.73 17.33 53.89
C ALA B 789 -2.82 15.85 53.55
N TRP B 790 -3.25 15.02 54.50
CA TRP B 790 -3.19 13.58 54.32
C TRP B 790 -4.55 12.96 54.05
N LYS B 791 -5.63 13.75 54.12
CA LYS B 791 -6.94 13.21 53.79
C LYS B 791 -7.12 13.12 52.28
N THR B 792 -6.61 14.10 51.53
CA THR B 792 -6.67 14.00 50.08
C THR B 792 -5.87 12.81 49.59
N PHE B 793 -4.68 12.61 50.15
CA PHE B 793 -3.84 11.47 49.76
C PHE B 793 -4.55 10.16 50.03
N ILE B 794 -5.08 9.99 51.25
CA ILE B 794 -5.73 8.72 51.57
C ILE B 794 -6.98 8.53 50.72
N ASP B 795 -7.70 9.62 50.42
CA ASP B 795 -8.90 9.50 49.61
C ASP B 795 -8.57 9.11 48.18
N THR B 796 -7.51 9.68 47.60
CA THR B 796 -7.12 9.30 46.25
C THR B 796 -6.63 7.86 46.21
N VAL B 797 -5.94 7.41 47.27
CA VAL B 797 -5.51 6.02 47.32
C VAL B 797 -6.72 5.09 47.34
N ARG B 798 -7.69 5.40 48.21
CA ARG B 798 -8.88 4.56 48.30
C ARG B 798 -9.72 4.61 47.03
N CYS B 799 -9.72 5.74 46.34
CA CYS B 799 -10.48 5.86 45.11
C CYS B 799 -9.81 5.17 43.94
N THR B 800 -8.48 5.08 43.95
CA THR B 800 -7.80 4.36 42.89
C THR B 800 -7.67 2.87 43.17
N THR B 801 -7.95 2.41 44.39
CA THR B 801 -7.98 0.98 44.63
C THR B 801 -9.35 0.38 44.39
N ALA B 802 -10.40 1.19 44.35
CA ALA B 802 -11.74 0.72 44.08
C ALA B 802 -12.06 0.71 42.60
N ALA B 803 -11.20 1.27 41.76
CA ALA B 803 -11.35 1.21 40.32
C ALA B 803 -10.47 0.14 39.71
N HIS B 804 -9.79 -0.65 40.54
CA HIS B 804 -8.86 -1.69 40.11
C HIS B 804 -7.80 -1.11 39.17
N LEU B 805 -7.04 -0.18 39.70
CA LEU B 805 -5.92 0.43 39.01
C LEU B 805 -4.65 0.27 39.83
N ALA B 806 -3.52 0.14 39.15
CA ALA B 806 -2.25 0.06 39.86
C ALA B 806 -1.93 1.43 40.48
N LEU B 807 -0.90 1.45 41.31
CA LEU B 807 -0.59 2.65 42.06
C LEU B 807 0.91 2.76 42.24
N LEU B 808 1.46 3.92 41.94
CA LEU B 808 2.89 4.19 42.06
C LEU B 808 3.06 5.47 42.85
N VAL B 809 3.63 5.36 44.05
CA VAL B 809 3.77 6.50 44.93
C VAL B 809 5.25 6.81 45.14
N PRO B 810 5.91 7.51 44.20
CA PRO B 810 7.34 7.80 44.38
C PRO B 810 7.61 8.74 45.53
N LYS B 811 8.24 8.22 46.59
CA LYS B 811 8.60 9.03 47.73
C LYS B 811 9.93 9.71 47.49
N ASN B 812 10.11 10.88 48.09
CA ASN B 812 11.32 11.69 47.93
C ASN B 812 11.61 11.91 46.44
N ILE B 813 10.67 12.59 45.79
CA ILE B 813 10.78 12.84 44.36
C ILE B 813 11.80 13.91 44.03
N ALA B 814 12.30 14.64 45.03
CA ALA B 814 13.28 15.68 44.77
C ALA B 814 14.69 15.14 44.60
N PHE B 815 14.92 13.86 44.90
CA PHE B 815 16.24 13.26 44.76
C PHE B 815 16.33 12.32 43.57
N TYR B 816 15.31 12.25 42.74
CA TYR B 816 15.34 11.36 41.59
C TYR B 816 16.22 11.95 40.49
N PRO B 817 16.90 11.11 39.72
CA PRO B 817 17.80 11.62 38.69
C PRO B 817 17.05 12.29 37.57
N SER B 818 17.77 13.14 36.84
CA SER B 818 17.24 13.78 35.65
C SER B 818 17.65 12.97 34.43
N ASN B 819 17.28 13.46 33.24
CA ASN B 819 17.62 12.74 32.03
C ASN B 819 19.09 12.93 31.65
N HIS B 820 19.67 14.08 31.95
CA HIS B 820 21.07 14.31 31.66
C HIS B 820 21.98 13.55 32.62
N GLU B 821 21.48 13.25 33.82
CA GLU B 821 22.25 12.49 34.79
C GLU B 821 22.51 11.08 34.26
N ARG B 822 23.56 10.46 34.77
CA ARG B 822 23.89 9.10 34.42
C ARG B 822 24.36 8.37 35.66
N TYR B 823 24.12 7.07 35.69
CA TYR B 823 24.52 6.23 36.80
C TYR B 823 25.56 5.24 36.31
N LEU B 824 26.66 5.12 37.05
CA LEU B 824 27.74 4.21 36.71
C LEU B 824 27.90 3.09 37.72
N GLU B 825 27.86 3.42 39.01
CA GLU B 825 27.95 2.45 40.08
C GLU B 825 26.69 2.56 40.92
N GLY B 826 26.05 1.43 41.17
CA GLY B 826 24.82 1.40 41.94
C GLY B 826 24.09 0.11 41.67
N HIS B 827 23.12 -0.18 42.54
CA HIS B 827 22.37 -1.41 42.40
C HIS B 827 20.93 -1.21 42.86
N ILE B 828 19.98 -1.47 41.96
CA ILE B 828 18.57 -1.37 42.32
C ILE B 828 18.26 -2.46 43.33
N ASP B 829 17.42 -2.13 44.31
CA ASP B 829 17.04 -3.09 45.34
C ASP B 829 15.54 -3.29 45.30
N VAL B 830 15.11 -4.54 45.25
CA VAL B 830 13.70 -4.92 45.26
C VAL B 830 13.44 -5.68 46.54
N TRP B 831 12.34 -5.36 47.21
CA TRP B 831 12.05 -5.95 48.51
C TRP B 831 10.63 -6.52 48.53
N TRP B 832 10.30 -7.29 47.49
CA TRP B 832 8.98 -7.88 47.36
C TRP B 832 8.65 -8.70 48.61
N ILE B 833 7.58 -8.32 49.30
CA ILE B 833 7.29 -8.92 50.59
C ILE B 833 6.35 -10.10 50.48
N VAL B 834 5.11 -9.88 50.03
CA VAL B 834 4.19 -11.01 49.87
C VAL B 834 3.50 -10.98 48.51
N HIS B 835 2.70 -9.96 48.26
CA HIS B 835 1.88 -9.88 47.06
C HIS B 835 2.51 -8.95 46.02
N ASP B 836 1.79 -8.78 44.91
CA ASP B 836 2.18 -7.86 43.84
C ASP B 836 3.55 -8.22 43.28
N GLY B 837 3.75 -9.50 43.02
CA GLY B 837 5.02 -9.98 42.52
C GLY B 837 5.24 -9.68 41.04
N GLY B 838 4.19 -9.85 40.24
CA GLY B 838 4.31 -9.61 38.82
C GLY B 838 4.81 -8.21 38.50
N MET B 839 4.12 -7.19 39.03
CA MET B 839 4.55 -5.83 38.75
C MET B 839 5.83 -5.47 39.49
N LEU B 840 6.04 -6.03 40.69
CA LEU B 840 7.28 -5.74 41.38
C LEU B 840 8.48 -6.31 40.63
N MET B 841 8.27 -7.28 39.75
CA MET B 841 9.35 -7.86 38.97
C MET B 841 9.43 -7.24 37.59
N LEU B 842 8.32 -6.68 37.10
CA LEU B 842 8.30 -6.07 35.78
C LEU B 842 8.71 -4.61 35.80
N LEU B 843 8.55 -3.92 36.93
CA LEU B 843 8.91 -2.51 36.97
C LEU B 843 10.41 -2.29 36.85
N PRO B 844 11.28 -2.97 37.61
CA PRO B 844 12.71 -2.68 37.51
C PRO B 844 13.26 -3.00 36.13
N PHE B 845 12.71 -4.00 35.45
CA PHE B 845 13.18 -4.33 34.10
C PHE B 845 12.87 -3.18 33.15
N LEU B 846 11.61 -2.74 33.09
CA LEU B 846 11.25 -1.60 32.25
C LEU B 846 12.02 -0.35 32.67
N LEU B 847 12.41 -0.26 33.93
CA LEU B 847 13.18 0.89 34.39
C LEU B 847 14.59 0.85 33.85
N ARG B 848 15.29 -0.27 34.08
CA ARG B 848 16.66 -0.43 33.61
C ARG B 848 16.73 -0.39 32.09
N GLN B 849 15.60 -0.57 31.40
CA GLN B 849 15.64 -0.46 29.94
C GLN B 849 16.02 0.94 29.49
N HIS B 850 16.07 1.90 30.39
CA HIS B 850 16.44 3.28 30.08
C HIS B 850 17.94 3.47 30.30
N LYS B 851 18.51 4.40 29.54
CA LYS B 851 19.95 4.65 29.62
C LYS B 851 20.39 5.21 30.96
N VAL B 852 19.49 5.84 31.73
CA VAL B 852 19.89 6.37 33.02
C VAL B 852 20.19 5.24 34.00
N TRP B 853 19.40 4.17 33.96
CA TRP B 853 19.65 2.97 34.75
C TRP B 853 20.14 1.82 33.90
N ARG B 854 20.91 2.13 32.86
CA ARG B 854 21.24 1.14 31.83
C ARG B 854 21.96 -0.07 32.39
N LYS B 855 22.77 0.09 33.44
CA LYS B 855 23.53 -1.03 33.98
C LYS B 855 23.47 -1.13 35.49
N CYS B 856 22.43 -0.58 36.12
CA CYS B 856 22.27 -0.74 37.55
C CYS B 856 21.93 -2.18 37.92
N ARG B 857 22.72 -2.73 38.83
CA ARG B 857 22.53 -4.11 39.28
C ARG B 857 21.21 -4.28 40.02
N MET B 858 20.47 -5.34 39.72
CA MET B 858 19.22 -5.63 40.39
C MET B 858 19.42 -6.73 41.42
N ARG B 859 18.90 -6.53 42.62
CA ARG B 859 18.95 -7.52 43.69
C ARG B 859 17.56 -7.80 44.20
N ILE B 860 17.09 -9.04 44.09
CA ILE B 860 15.75 -9.41 44.53
C ILE B 860 15.83 -9.93 45.96
N PHE B 861 15.27 -9.17 46.90
CA PHE B 861 15.21 -9.55 48.29
C PHE B 861 13.79 -9.97 48.61
N THR B 862 13.62 -11.19 49.14
CA THR B 862 12.30 -11.71 49.47
C THR B 862 12.24 -12.06 50.94
N VAL B 863 11.45 -11.31 51.70
CA VAL B 863 11.29 -11.55 53.13
C VAL B 863 10.92 -13.00 53.42
N ASN B 869 9.79 -24.12 51.36
CA ASN B 869 11.23 -24.34 51.38
C ASN B 869 11.96 -23.19 50.69
N SER B 870 13.04 -22.72 51.31
CA SER B 870 13.82 -21.63 50.73
C SER B 870 14.42 -22.01 49.39
N ILE B 871 14.94 -23.25 49.29
CA ILE B 871 15.52 -23.70 48.03
C ILE B 871 14.46 -23.73 46.93
N GLN B 872 13.26 -24.21 47.27
CA GLN B 872 12.18 -24.25 46.29
C GLN B 872 11.81 -22.83 45.86
N MET B 873 11.75 -21.91 46.82
CA MET B 873 11.43 -20.52 46.49
C MET B 873 12.48 -19.94 45.55
N LYS B 874 13.75 -20.19 45.82
CA LYS B 874 14.80 -19.69 44.95
C LYS B 874 14.69 -20.28 43.55
N LYS B 875 14.40 -21.58 43.47
CA LYS B 875 14.26 -22.24 42.17
C LYS B 875 13.10 -21.64 41.38
N ASP B 876 12.00 -21.32 42.06
CA ASP B 876 10.85 -20.72 41.39
C ASP B 876 11.18 -19.31 40.90
N LEU B 877 11.71 -18.48 41.79
CA LEU B 877 12.11 -17.14 41.38
C LEU B 877 13.07 -17.18 40.20
N ALA B 878 14.02 -18.12 40.21
CA ALA B 878 14.97 -18.21 39.12
C ALA B 878 14.31 -18.63 37.82
N VAL B 879 13.43 -19.64 37.86
CA VAL B 879 12.77 -20.06 36.63
C VAL B 879 11.92 -18.91 36.09
N PHE B 880 11.25 -18.17 36.97
CA PHE B 880 10.47 -17.02 36.52
C PHE B 880 11.37 -15.97 35.90
N LEU B 881 12.54 -15.73 36.51
CA LEU B 881 13.48 -14.75 36.02
C LEU B 881 14.08 -15.14 34.68
N TYR B 882 14.09 -16.44 34.35
CA TYR B 882 14.65 -16.86 33.08
C TYR B 882 13.86 -16.28 31.91
N HIS B 883 12.53 -16.29 32.01
CA HIS B 883 11.72 -15.71 30.95
C HIS B 883 11.97 -14.21 30.83
N LEU B 884 12.04 -13.52 31.96
CA LEU B 884 12.34 -12.09 31.96
C LEU B 884 13.75 -11.85 31.45
N ARG B 885 14.69 -12.74 31.80
CA ARG B 885 16.11 -12.72 31.46
C ARG B 885 16.90 -11.69 32.24
N LEU B 886 16.32 -11.13 33.31
CA LEU B 886 17.05 -10.17 34.13
C LEU B 886 18.23 -10.83 34.85
N GLU B 887 18.06 -12.08 35.27
CA GLU B 887 19.10 -12.88 35.93
C GLU B 887 19.64 -12.21 37.19
N ALA B 888 18.84 -11.35 37.82
CA ALA B 888 19.27 -10.67 39.04
C ALA B 888 19.46 -11.65 40.19
N GLU B 889 20.47 -11.38 41.02
CA GLU B 889 20.74 -12.24 42.16
C GLU B 889 19.56 -12.26 43.12
N VAL B 890 19.24 -13.44 43.63
CA VAL B 890 18.10 -13.64 44.51
C VAL B 890 18.61 -14.03 45.90
N GLU B 891 18.26 -13.23 46.90
CA GLU B 891 18.63 -13.50 48.28
C GLU B 891 17.36 -13.52 49.12
N VAL B 892 17.00 -14.68 49.65
CA VAL B 892 15.78 -14.84 50.43
C VAL B 892 16.14 -14.79 51.90
N VAL B 893 15.71 -13.74 52.58
CA VAL B 893 15.92 -13.58 54.01
C VAL B 893 14.80 -14.33 54.73
N GLU B 894 14.96 -14.56 56.03
CA GLU B 894 13.94 -15.27 56.80
C GLU B 894 12.61 -14.53 56.75
N MET B 895 11.53 -15.30 56.71
CA MET B 895 10.17 -14.78 56.69
C MET B 895 9.51 -15.08 58.03
N HIS B 896 9.32 -14.05 58.84
CA HIS B 896 8.66 -14.17 60.14
C HIS B 896 7.21 -13.76 59.97
N ASN B 897 6.29 -14.66 60.28
CA ASN B 897 4.86 -14.42 60.10
C ASN B 897 4.33 -13.31 61.00
N SEP B 898 4.90 -13.17 62.20
CA SEP B 898 4.43 -12.16 63.13
CB SEP B 898 5.08 -12.35 64.51
OG SEP B 898 4.27 -11.83 65.56
C SEP B 898 4.71 -10.77 62.56
O SEP B 898 3.86 -9.89 62.60
P SEP B 898 4.23 -10.23 65.74
O1P SEP B 898 5.46 -9.53 64.98
O2P SEP B 898 4.29 -9.89 67.31
O3P SEP B 898 2.85 -9.67 65.14
N ASP B 899 5.92 -10.58 62.04
CA ASP B 899 6.33 -9.31 61.46
C ASP B 899 5.51 -9.00 60.20
N ILE B 900 5.18 -10.07 59.46
CA ILE B 900 4.43 -9.95 58.22
C ILE B 900 2.93 -10.06 58.48
N SER B 901 2.51 -10.14 59.75
CA SER B 901 1.10 -10.26 60.07
C SER B 901 0.31 -9.02 59.67
N ALA B 902 0.97 -7.87 59.51
CA ALA B 902 0.25 -6.68 59.08
C ALA B 902 -0.19 -6.79 57.62
N TYR B 903 0.70 -7.25 56.74
CA TYR B 903 0.31 -7.39 55.34
C TYR B 903 -0.73 -8.50 55.16
N THR B 904 -0.55 -9.62 55.86
CA THR B 904 -1.49 -10.73 55.73
C THR B 904 -2.85 -10.37 56.31
N TYR B 905 -2.87 -9.63 57.42
CA TYR B 905 -4.14 -9.29 58.06
C TYR B 905 -4.86 -8.19 57.32
N GLU B 906 -4.13 -7.27 56.69
CA GLU B 906 -4.79 -6.19 55.97
C GLU B 906 -5.25 -6.64 54.60
N ARG B 907 -4.51 -7.54 53.96
CA ARG B 907 -4.86 -8.01 52.62
C ARG B 907 -6.03 -8.98 52.68
N THR B 908 -5.84 -10.11 53.37
CA THR B 908 -6.88 -11.14 53.46
C THR B 908 -7.34 -11.32 54.90
N SER B 996 -4.60 -4.32 67.58
CA SER B 996 -3.24 -4.71 67.25
C SER B 996 -2.45 -3.52 66.70
N ASN B 997 -2.90 -2.31 67.05
CA ASN B 997 -2.21 -1.12 66.57
C ASN B 997 -0.78 -1.06 67.09
N VAL B 998 -0.57 -1.42 68.35
CA VAL B 998 0.78 -1.44 68.90
C VAL B 998 1.65 -2.44 68.16
N ARG B 999 1.10 -3.61 67.83
CA ARG B 999 1.85 -4.62 67.10
C ARG B 999 2.23 -4.10 65.71
N ARG B 1000 1.31 -3.39 65.05
CA ARG B 1000 1.58 -2.82 63.73
C ARG B 1000 2.88 -2.04 63.71
N MET B 1001 3.02 -1.08 64.63
CA MET B 1001 4.25 -0.27 64.68
C MET B 1001 5.47 -1.12 64.95
N HIS B 1002 5.33 -2.11 65.83
CA HIS B 1002 6.47 -3.01 66.16
C HIS B 1002 6.95 -3.66 64.85
N THR B 1003 6.03 -4.30 64.14
CA THR B 1003 6.40 -5.03 62.92
C THR B 1003 6.96 -4.08 61.88
N ALA B 1004 6.40 -2.87 61.79
CA ALA B 1004 6.88 -1.94 60.79
C ALA B 1004 8.27 -1.44 61.12
N VAL B 1005 8.59 -1.30 62.41
CA VAL B 1005 9.89 -0.78 62.79
C VAL B 1005 10.93 -1.89 62.68
N LYS B 1006 10.55 -3.14 62.93
CA LYS B 1006 11.51 -4.23 62.74
C LYS B 1006 11.80 -4.44 61.25
N LEU B 1007 10.75 -4.40 60.42
CA LEU B 1007 10.94 -4.49 58.98
C LEU B 1007 11.80 -3.33 58.47
N ASN B 1008 11.55 -2.12 58.99
CA ASN B 1008 12.34 -0.96 58.58
C ASN B 1008 13.79 -1.11 59.01
N GLU B 1009 14.03 -1.62 60.21
CA GLU B 1009 15.39 -1.87 60.68
C GLU B 1009 16.12 -2.82 59.74
N VAL B 1010 15.48 -3.94 59.40
CA VAL B 1010 16.11 -4.92 58.52
C VAL B 1010 16.42 -4.30 57.16
N ILE B 1011 15.43 -3.61 56.58
CA ILE B 1011 15.62 -3.05 55.24
C ILE B 1011 16.68 -1.97 55.26
N VAL B 1012 16.76 -1.18 56.33
CA VAL B 1012 17.72 -0.08 56.34
C VAL B 1012 19.12 -0.57 56.66
N THR B 1013 19.27 -1.72 57.31
CA THR B 1013 20.60 -2.26 57.54
C THR B 1013 21.10 -3.12 56.39
N ARG B 1014 20.22 -3.64 55.54
CA ARG B 1014 20.67 -4.46 54.43
C ARG B 1014 20.47 -3.83 53.06
N SER B 1015 19.88 -2.63 52.99
CA SER B 1015 19.64 -1.98 51.71
C SER B 1015 19.86 -0.47 51.78
N HIS B 1016 20.70 -0.01 52.71
CA HIS B 1016 20.87 1.43 52.90
C HIS B 1016 21.53 2.07 51.68
N ASP B 1017 22.55 1.44 51.13
CA ASP B 1017 23.35 2.01 50.05
C ASP B 1017 22.74 1.76 48.68
N ALA B 1018 21.47 1.36 48.62
CA ALA B 1018 20.84 1.06 47.35
C ALA B 1018 20.53 2.35 46.59
N ARG B 1019 20.48 2.22 45.26
CA ARG B 1019 20.15 3.36 44.42
C ARG B 1019 18.65 3.63 44.47
N LEU B 1020 17.84 2.66 44.04
CA LEU B 1020 16.39 2.75 44.08
C LEU B 1020 15.86 1.54 44.81
N VAL B 1021 14.94 1.75 45.76
CA VAL B 1021 14.35 0.67 46.53
C VAL B 1021 12.86 0.60 46.20
N LEU B 1022 12.40 -0.59 45.83
CA LEU B 1022 10.99 -0.82 45.50
C LEU B 1022 10.42 -1.81 46.49
N LEU B 1023 9.36 -1.43 47.19
CA LEU B 1023 8.68 -2.34 48.08
C LEU B 1023 7.18 -2.08 47.98
N ASN B 1024 6.39 -3.14 48.08
CA ASN B 1024 4.95 -3.01 48.00
C ASN B 1024 4.39 -2.55 49.34
N MET B 1025 3.44 -1.57 49.27
CA MET B 1025 2.77 -0.98 50.42
C MET B 1025 1.48 -1.72 50.76
N PRO B 1026 1.10 -1.75 52.03
CA PRO B 1026 -0.15 -2.38 52.42
C PRO B 1026 -1.35 -1.49 52.09
N GLY B 1027 -2.50 -2.14 51.95
CA GLY B 1027 -3.72 -1.44 51.64
C GLY B 1027 -4.17 -0.54 52.77
N PRO B 1028 -4.91 0.51 52.45
CA PRO B 1028 -5.41 1.41 53.49
C PRO B 1028 -6.44 0.71 54.35
N PRO B 1029 -6.64 1.18 55.58
CA PRO B 1029 -7.58 0.50 56.47
C PRO B 1029 -9.03 0.68 56.02
N ARG B 1030 -9.87 -0.24 56.46
CA ARG B 1030 -11.29 -0.14 56.14
C ARG B 1030 -11.97 0.93 56.99
N ASN B 1031 -11.47 1.15 58.20
CA ASN B 1031 -12.07 2.11 59.12
C ASN B 1031 -11.57 3.51 58.76
N SER B 1032 -12.49 4.40 58.41
CA SER B 1032 -12.14 5.71 57.91
C SER B 1032 -11.46 6.59 58.96
N GLU B 1033 -11.34 6.14 60.21
CA GLU B 1033 -10.74 6.94 61.26
C GLU B 1033 -9.30 6.57 61.57
N GLY B 1034 -8.87 5.35 61.26
CA GLY B 1034 -7.49 4.96 61.54
C GLY B 1034 -6.50 5.44 60.50
N ASP B 1035 -6.82 6.53 59.81
CA ASP B 1035 -5.94 7.03 58.77
C ASP B 1035 -4.66 7.61 59.33
N GLU B 1036 -4.73 8.25 60.51
CA GLU B 1036 -3.52 8.78 61.12
C GLU B 1036 -2.54 7.66 61.43
N ASN B 1037 -3.05 6.55 61.97
CA ASN B 1037 -2.19 5.42 62.28
C ASN B 1037 -1.63 4.79 61.01
N TYR B 1038 -2.44 4.73 59.96
CA TYR B 1038 -1.95 4.18 58.69
C TYR B 1038 -0.83 5.05 58.11
N MET B 1039 -0.99 6.38 58.21
CA MET B 1039 0.05 7.27 57.73
C MET B 1039 1.32 7.15 58.57
N GLU B 1040 1.17 7.01 59.89
CA GLU B 1040 2.35 6.81 60.74
C GLU B 1040 3.05 5.51 60.39
N PHE B 1041 2.29 4.46 60.10
CA PHE B 1041 2.87 3.20 59.64
C PHE B 1041 3.69 3.42 58.38
N LEU B 1042 3.07 4.04 57.36
CA LEU B 1042 3.75 4.24 56.10
C LEU B 1042 4.97 5.13 56.25
N GLU B 1043 4.96 6.02 57.23
CA GLU B 1043 6.11 6.90 57.43
C GLU B 1043 7.24 6.21 58.15
N VAL B 1044 6.94 5.44 59.20
CA VAL B 1044 7.98 4.78 59.96
C VAL B 1044 8.54 3.60 59.19
N LEU B 1045 7.83 3.10 58.18
CA LEU B 1045 8.35 1.99 57.39
C LEU B 1045 9.54 2.43 56.55
N THR B 1046 9.39 3.52 55.80
CA THR B 1046 10.47 4.01 54.94
C THR B 1046 11.23 5.14 55.66
N GLU B 1047 11.97 4.74 56.69
CA GLU B 1047 12.77 5.66 57.48
C GLU B 1047 14.24 5.38 57.21
N GLY B 1048 14.91 6.34 56.59
CA GLY B 1048 16.32 6.19 56.29
C GLY B 1048 16.63 6.02 54.82
N LEU B 1049 15.75 5.34 54.09
CA LEU B 1049 15.98 5.09 52.67
C LEU B 1049 15.97 6.41 51.90
N GLU B 1050 17.00 6.62 51.08
CA GLU B 1050 17.08 7.86 50.32
C GLU B 1050 15.99 7.96 49.26
N ARG B 1051 15.79 6.89 48.49
CA ARG B 1051 14.79 6.90 47.42
C ARG B 1051 14.03 5.59 47.45
N VAL B 1052 12.73 5.67 47.68
CA VAL B 1052 11.87 4.51 47.89
C VAL B 1052 10.60 4.70 47.07
N LEU B 1053 10.25 3.70 46.28
CA LEU B 1053 9.05 3.72 45.46
C LEU B 1053 8.15 2.57 45.91
N LEU B 1054 6.89 2.89 46.19
CA LEU B 1054 5.92 1.91 46.67
C LEU B 1054 4.89 1.63 45.59
N VAL B 1055 4.64 0.34 45.33
CA VAL B 1055 3.71 -0.09 44.31
C VAL B 1055 2.62 -0.95 44.94
N ARG B 1056 1.39 -0.71 44.53
CA ARG B 1056 0.23 -1.47 44.99
C ARG B 1056 -0.47 -2.05 43.76
N GLY B 1057 -0.65 -3.36 43.76
CA GLY B 1057 -1.28 -4.01 42.62
C GLY B 1057 -2.77 -3.73 42.55
N GLY B 1058 -3.32 -3.88 41.35
CA GLY B 1058 -4.74 -3.68 41.15
C GLY B 1058 -5.52 -4.97 41.24
N GLY B 1059 -4.86 -6.09 40.98
CA GLY B 1059 -5.45 -7.40 41.05
C GLY B 1059 -5.77 -8.03 39.71
N ARG B 1060 -5.79 -7.25 38.64
CA ARG B 1060 -6.04 -7.77 37.31
C ARG B 1060 -4.77 -7.94 36.49
N GLU B 1061 -3.61 -7.83 37.13
CA GLU B 1061 -2.34 -8.00 36.43
C GLU B 1061 -2.12 -9.49 36.18
N VAL B 1062 -1.72 -9.84 34.97
CA VAL B 1062 -1.52 -11.24 34.60
C VAL B 1062 -0.06 -11.64 34.66
N ILE B 1063 0.82 -10.89 34.01
CA ILE B 1063 2.23 -11.24 33.99
C ILE B 1063 3.01 -10.49 35.07
C1 NAG C . 28.42 -6.31 -43.08
C2 NAG C . 27.38 -5.28 -43.40
C3 NAG C . 26.04 -5.99 -43.36
C4 NAG C . 26.04 -7.02 -44.47
C5 NAG C . 27.15 -7.98 -44.06
C6 NAG C . 27.28 -9.16 -44.99
C7 NAG C . 27.18 -3.98 -41.22
C8 NAG C . 26.82 -5.22 -40.46
N2 NAG C . 27.42 -4.10 -42.54
O3 NAG C . 24.99 -5.04 -43.53
O4 NAG C . 24.80 -7.72 -44.49
O5 NAG C . 28.39 -7.26 -44.12
O6 NAG C . 28.04 -8.82 -46.15
O7 NAG C . 27.25 -2.90 -40.65
C1 NAG C . 23.99 -7.37 -45.62
C2 NAG C . 22.62 -8.01 -45.41
C3 NAG C . 21.63 -7.58 -46.49
C4 NAG C . 21.55 -6.07 -46.59
C5 NAG C . 22.94 -5.47 -46.76
C6 NAG C . 22.94 -3.96 -46.69
C7 NAG C . 22.04 -10.19 -44.46
C8 NAG C . 22.26 -11.67 -44.53
N2 NAG C . 22.73 -9.46 -45.35
O3 NAG C . 20.35 -8.11 -46.15
O4 NAG C . 20.76 -5.72 -47.71
O5 NAG C . 23.86 -5.94 -45.75
O6 NAG C . 24.13 -3.40 -47.24
O7 NAG C . 21.28 -9.67 -43.65
C1 BMA C . 19.55 -5.07 -47.29
C2 BMA C . 18.90 -4.42 -48.53
C3 BMA C . 17.61 -3.75 -48.12
C4 BMA C . 16.69 -4.77 -47.45
C5 BMA C . 17.42 -5.40 -46.23
C6 BMA C . 16.61 -6.47 -45.54
O2 BMA C . 18.57 -5.41 -49.49
O3 BMA C . 16.94 -3.19 -49.24
O4 BMA C . 15.47 -4.16 -47.02
O5 BMA C . 18.66 -5.99 -46.67
O6 BMA C . 16.84 -7.71 -46.19
C1 NAG D . 39.92 -6.76 -52.83
C2 NAG D . 38.75 -5.86 -53.14
C3 NAG D . 39.06 -5.06 -54.41
C4 NAG D . 40.32 -4.25 -54.18
C5 NAG D . 41.45 -5.24 -53.87
C6 NAG D . 42.77 -4.57 -53.59
C7 NAG D . 36.42 -6.41 -52.57
C8 NAG D . 35.26 -7.30 -52.88
N2 NAG D . 37.52 -6.63 -53.30
O3 NAG D . 37.97 -4.19 -54.75
O4 NAG D . 40.67 -3.33 -55.22
O5 NAG D . 41.08 -5.97 -52.68
O6 NAG D . 42.58 -3.29 -52.98
O7 NAG D . 36.36 -5.53 -51.72
C1 NAG D . 40.65 -3.76 -56.58
C2 NAG D . 39.83 -2.77 -57.41
C3 NAG D . 39.75 -3.25 -58.84
C4 NAG D . 41.17 -3.35 -59.37
C5 NAG D . 41.93 -4.34 -58.49
C6 NAG D . 43.35 -4.50 -58.95
C7 NAG D . 37.97 -1.30 -56.92
C8 NAG D . 36.58 -1.17 -56.34
N2 NAG D . 38.51 -2.52 -56.87
O3 NAG D . 39.02 -2.30 -59.60
O4 NAG D . 41.15 -3.78 -60.72
O5 NAG D . 41.98 -3.85 -57.14
O6 NAG D . 43.52 -3.79 -60.17
O7 NAG D . 38.57 -0.33 -57.36
C1 NAG E . 7.47 -29.48 -42.22
C2 NAG E . 8.17 -30.17 -41.09
C3 NAG E . 9.31 -29.26 -40.66
C4 NAG E . 10.28 -29.20 -41.84
C5 NAG E . 9.45 -28.50 -42.93
C6 NAG E . 10.23 -28.25 -44.20
C7 NAG E . 6.61 -29.71 -39.12
C8 NAG E . 6.72 -28.23 -39.29
N2 NAG E . 7.28 -30.52 -39.96
O3 NAG E . 9.95 -29.79 -39.52
O4 NAG E . 11.37 -28.36 -41.52
O5 NAG E . 8.37 -29.40 -43.29
O6 NAG E . 10.31 -29.41 -45.00
O7 NAG E . 5.92 -30.19 -38.22
C1 NAG E . 12.58 -29.12 -41.33
C2 NAG E . 13.63 -28.15 -40.78
C3 NAG E . 14.92 -28.87 -40.42
C4 NAG E . 14.65 -30.04 -39.48
C5 NAG E . 13.58 -30.94 -40.06
C6 NAG E . 13.13 -32.02 -39.08
C7 NAG E . 14.05 -25.80 -41.32
C8 NAG E . 14.32 -24.80 -42.40
N2 NAG E . 13.90 -27.07 -41.72
O3 NAG E . 15.80 -27.94 -39.79
O4 NAG E . 15.84 -30.80 -39.30
O5 NAG E . 12.40 -30.22 -40.43
O6 NAG E . 12.46 -33.08 -39.73
O7 NAG E . 13.96 -25.48 -40.14
C1 BMA E . 16.30 -30.70 -37.94
C2 BMA E . 17.38 -31.76 -37.73
C3 BMA E . 17.92 -31.68 -36.32
C4 BMA E . 18.44 -30.26 -36.06
C5 BMA E . 17.31 -29.23 -36.32
C6 BMA E . 17.76 -27.80 -36.15
O2 BMA E . 18.49 -31.54 -38.59
O3 BMA E . 18.96 -32.61 -36.09
O4 BMA E . 18.91 -30.14 -34.72
O5 BMA E . 16.82 -29.39 -37.67
O6 BMA E . 18.31 -27.35 -37.37
C1 NAG F . 5.15 -38.18 -54.31
C2 NAG F . 5.97 -38.74 -53.16
C3 NAG F . 6.33 -40.19 -53.48
C4 NAG F . 5.03 -40.98 -53.65
C5 NAG F . 4.27 -40.34 -54.81
C6 NAG F . 2.95 -41.02 -55.08
C7 NAG F . 7.48 -37.37 -51.80
C8 NAG F . 8.77 -36.59 -51.76
N2 NAG F . 7.18 -37.95 -52.96
O3 NAG F . 7.11 -40.76 -52.43
O4 NAG F . 5.20 -42.39 -53.80
O5 NAG F . 3.99 -38.97 -54.48
O6 NAG F . 2.38 -41.54 -53.88
O7 NAG F . 6.77 -37.48 -50.81
C1 NAG F . 6.17 -42.92 -54.70
C2 NAG F . 7.02 -43.95 -53.97
C3 NAG F . 8.10 -44.46 -54.90
C4 NAG F . 7.40 -45.09 -56.10
C5 NAG F . 6.55 -44.01 -56.77
C6 NAG F . 5.83 -44.54 -57.98
C7 NAG F . 7.70 -44.25 -51.66
C8 NAG F . 8.34 -43.63 -50.46
N2 NAG F . 7.60 -43.47 -52.74
O3 NAG F . 8.86 -45.46 -54.23
O4 NAG F . 8.37 -45.60 -57.01
O5 NAG F . 5.54 -43.54 -55.84
O6 NAG F . 6.28 -45.87 -58.22
O7 NAG F . 7.27 -45.40 -51.65
PG ATP G . -37.33 18.09 36.38
O1G ATP G . -38.64 18.04 37.12
O2G ATP G . -37.24 19.25 35.42
O3G ATP G . -36.10 17.89 37.24
PB ATP G . -36.35 16.42 34.25
O1B ATP G . -35.47 15.28 34.68
O2B ATP G . -37.18 16.25 33.00
O3B ATP G . -37.38 16.76 35.45
PA ATP G . -33.95 17.89 34.52
O1A ATP G . -33.66 19.34 34.77
O2A ATP G . -33.64 16.89 35.59
O3A ATP G . -35.50 17.77 34.10
O5' ATP G . -33.18 17.48 33.16
C5' ATP G . -32.63 18.50 32.35
C4' ATP G . -31.53 17.91 31.48
O4' ATP G . -30.28 18.04 32.18
C3' ATP G . -31.64 16.44 31.23
O3' ATP G . -32.45 16.19 30.08
C2' ATP G . -30.21 16.08 30.91
O2' ATP G . -29.88 16.52 29.60
C1' ATP G . -29.47 16.88 31.95
N9 ATP G . -29.37 16.08 33.19
C8 ATP G . -30.08 16.27 34.31
N7 ATP G . -29.76 15.36 35.26
C5 ATP G . -28.83 14.55 34.73
C6 ATP G . -28.05 13.39 35.20
N6 ATP G . -28.22 12.87 36.44
N1 ATP G . -27.17 12.84 34.35
C2 ATP G . -26.98 13.33 33.11
N3 ATP G . -27.65 14.39 32.62
C4 ATP G . -28.57 15.02 33.37
MG MG H . -34.17 19.45 38.93
PG ATP I . 0.24 18.89 51.79
O1G ATP I . 0.76 19.72 52.94
O2G ATP I . 0.47 17.42 52.01
O3G ATP I . -1.15 19.25 51.34
PB ATP I . 1.28 18.55 49.15
O1B ATP I . 0.65 19.44 48.10
O2B ATP I . 2.71 18.11 48.96
O3B ATP I . 1.20 19.31 50.57
PA ATP I . -1.04 17.00 48.70
O1A ATP I . -1.80 16.01 49.54
O2A ATP I . -1.70 18.33 48.39
O3A ATP I . 0.39 17.23 49.38
O5' ATP I . -0.67 16.27 47.31
C5' ATP I . -0.84 14.86 47.20
C4' ATP I . -0.96 14.48 45.74
O4' ATP I . -2.34 14.48 45.38
C3' ATP I . -0.33 15.44 44.77
O3' ATP I . 1.05 15.11 44.58
C2' ATP I . -1.09 15.13 43.52
O2' ATP I . -0.64 13.90 42.96
C1' ATP I . -2.50 14.99 44.06
N9 ATP I . -3.13 16.33 44.08
C8 ATP I . -3.35 17.07 45.18
N7 ATP I . -3.93 18.25 44.88
C5 ATP I . -4.09 18.28 43.54
C6 ATP I . -4.65 19.22 42.55
N6 ATP I . -5.16 20.41 42.94
N1 ATP I . -4.63 18.87 41.25
C2 ATP I . -4.13 17.69 40.86
N3 ATP I . -3.61 16.78 41.70
C4 ATP I . -3.56 17.01 43.03
MG MG J . -4.03 18.64 51.90
#